data_9EOC
#
_entry.id   9EOC
#
_cell.length_a   1.00
_cell.length_b   1.00
_cell.length_c   1.00
_cell.angle_alpha   90.00
_cell.angle_beta   90.00
_cell.angle_gamma   90.00
#
_symmetry.space_group_name_H-M   'P 1'
#
loop_
_entity.id
_entity.type
_entity.pdbx_description
1 polymer 'Integrator complex subunit 13'
2 polymer 'Integrator complex subunit 14'
3 polymer 'Integrator complex subunit 10'
4 non-polymer 'MAGNESIUM ION'
#
loop_
_entity_poly.entity_id
_entity_poly.type
_entity_poly.pdbx_seq_one_letter_code
_entity_poly.pdbx_strand_id
1 'polypeptide(L)'
;MKIFSESHKTVFVVDHCPYMAESCRQHVEFDMLVKNRTQGIIPLAPISKSLWTCSVESSMEYCRIMYDIFPFKKLVNFIV
SDSGAHVLNSWTQEDQNLQELMAALAAVGPPNPRADPECCSILHGLVAAVETLCKITEYQHEARTLLMENAERVGNRGRI
ICITNAKSDSHVRMLEDCVQETIHEHNKLAANSDHLMQIQKCELVLIHTYPVGEDSLVSDRSKKELSPVLTSEVHSVRAG
RHLATKLNILVQQHFDLASTTITNIPMKEEQHANTSANYDVELLHHKDAHVDFLKSGDSHLGGGSREGSFKETITLKWCT
PRTNNIELHYCTGAYRISPVDVNSRPSSCLTNFLLNGRSVLLEQPRKSGSKVISHMLSSHGGEIFLHVLSSSRSILEDPP
SISEGCGGRVTDYRITDFGEFMRENRLTPFLDPRYKIDGSLEVPLERAKDQLEKHTRYWPMIISQTTIFNMQAVVPLASV
IVKESLTEEDVLNCQKTIYNLVDMERKNDPLPISTVGTRGKGPKRDEQYRIMWNELETLVRAHINNSEKHQRVLECLMAC
RSKPPEEEERKKRGRKREDKEDKSEKAVKDYEQEKSWQDSERLKGILERGKEELAEAEIIKDSPDSPEPPNKKPLVEMDE
TPQVEKSKGPVSLLSLWSNRINTANSRKHQEFAGRLNSVNNRAELYQHLKEENGMETTENGKASRQ
;
A
2 'polypeptide(L)'
;MPTVVVMDVSLSMTRPVSIEGSEEYQRKHLAAHGLTMLFEHMATNYKLEFTALVVFSSLWELMVPFTRDYNTLQEALSNM
DDYDKTCLESALVGVCNIVQQEWGGAIPCQVVLVTDGCLGIGRGSLRHSLATQNQRSESNRFPLPFPFPSKLYIMCMANL
EELQSTDSLECLERLIDLNNGEGQIFTIDGPLCLKNVQSMFGKLIDLAYTPFHAVLKCGHLTADVQVFPRPEPFVVDEEI
DPIPKVINTDLEIVGFIDIADISSPPVLSRHLVLPIALNKEGDEVGTGITDDNEDENSANQIAGKIPNFCVLLHGSLKVE
GMVAIVQLGPEWHGMLYSQADSKKKSNLMMSLFEPGPEPLPWLGKMAQLGPISDAKENPYGEDDNKSPFPLQPKNKRSYA
QNVTVWIKPSGLQTDVQKILRNARKLPEKTQTFYKELNRLRKAALAFGFLDLLKGVADMLERECTLLPETAHPDAAFQLT
HAAQQLKLASTGTSEYAAYDQNITPLHTDFSGSSTERI
;
B
3 'polypeptide(L)'
;MSAQGDCEFLVQRARELVPQDLWAAKAWLITARSLYPADFNIQYEMYTIERNAERTATAGRLLYDMFVNFPDQPVVWREI
SIITSALRNDSQDKQTQFLRSLFETLPGRVQCEMLLKVTEQCFNTLERSEMLLLLLRRFPETVVQHGVGLGEALLEAETI
EEQESPVNCFRKLFVCDVLPLIINNHDVRLPANLLYKYLNKAAEFYINYVTRSTQIENQHQGAQDTSDLMSPSKRSSQKY
IIEGLTEKSSQIVDPWERLFKILNVVGMRCEWQMDKGRRSYGDILHRMKDLCRYMNNFDSEAHAKYKNQVVYSTMLVFFK
NAFQYVNSIQPSLFQGPNAPSQVPLVLLEDVSNVYGDVEIDRNKHIHKKRKLAEGREKTMSSDDEDCSAKGRNRHIVVNK
AELANSTEVLESFKLARESWELLYSLEFLDKEFTRICLAWKTDTWLWLRIFLTDMIIYQGQYKKAIASLHHLAALQGSIS
QPQITGQGTLEHQRALIQLATCHFALGEYRMTCEKVLDLMCYMVLPIQDGGKSQEEPSKVKPKFRKGSDLKLLPCTSKAI
MPYCLHLMLACFKLRAFTDNRDDMALGHVIVLLQQEWPRGENLFLKAVNKICQQGNFQYENFFNYVTNIDMLEEFAYLRT
QEGGKIHLELLPNQGMLIKHHTVTRGITKGVKEDFRLAMERQVSRCGENLMVVLHRFCINEKILLLQTLT
;
D
#
loop_
_chem_comp.id
_chem_comp.type
_chem_comp.name
_chem_comp.formula
MG non-polymer 'MAGNESIUM ION' 'Mg 2'
#
# COMPACT_ATOMS: atom_id res chain seq x y z
N MET A 1 21.56 2.53 -6.38
CA MET A 1 20.60 3.47 -6.94
C MET A 1 21.05 3.97 -8.31
N LYS A 2 20.97 5.28 -8.52
CA LYS A 2 21.37 5.88 -9.78
C LYS A 2 22.88 6.08 -9.78
N ILE A 3 23.39 6.76 -10.81
CA ILE A 3 24.83 7.04 -10.89
C ILE A 3 25.26 7.94 -9.75
N PHE A 4 24.46 8.97 -9.45
CA PHE A 4 24.81 9.96 -8.43
C PHE A 4 24.31 9.45 -7.08
N SER A 5 25.10 8.57 -6.48
CA SER A 5 24.85 8.02 -5.16
C SER A 5 26.03 8.40 -4.26
N GLU A 6 26.05 7.82 -3.05
CA GLU A 6 27.12 8.11 -2.12
C GLU A 6 28.47 7.62 -2.64
N SER A 7 28.48 6.54 -3.42
CA SER A 7 29.74 6.01 -3.94
C SER A 7 30.25 6.80 -5.14
N HIS A 8 29.42 7.63 -5.76
CA HIS A 8 29.86 8.47 -6.87
C HIS A 8 30.87 9.51 -6.43
N LYS A 9 30.91 9.84 -5.15
CA LYS A 9 31.81 10.87 -4.64
C LYS A 9 32.37 10.38 -3.31
N THR A 10 33.67 10.08 -3.28
CA THR A 10 34.35 9.64 -2.07
C THR A 10 35.59 10.49 -1.89
N VAL A 11 35.78 11.05 -0.71
CA VAL A 11 36.91 11.90 -0.41
C VAL A 11 37.76 11.23 0.66
N PHE A 12 39.06 11.13 0.42
CA PHE A 12 40.00 10.60 1.39
C PHE A 12 40.69 11.75 2.10
N VAL A 13 40.64 11.73 3.43
CA VAL A 13 41.38 12.68 4.26
C VAL A 13 42.36 11.89 5.09
N VAL A 14 43.65 12.09 4.83
CA VAL A 14 44.72 11.39 5.53
C VAL A 14 45.47 12.41 6.37
N ASP A 15 45.66 12.09 7.64
CA ASP A 15 46.38 12.99 8.54
C ASP A 15 47.83 13.11 8.12
N HIS A 16 48.42 14.28 8.37
CA HIS A 16 49.78 14.54 7.97
C HIS A 16 50.59 15.28 9.04
N CYS A 17 50.10 15.34 10.27
CA CYS A 17 50.84 15.95 11.36
C CYS A 17 52.07 15.09 11.68
N PRO A 18 53.05 15.64 12.41
CA PRO A 18 54.22 14.84 12.78
C PRO A 18 53.89 13.64 13.65
N TYR A 19 52.63 13.55 14.08
CA TYR A 19 52.18 12.36 14.81
C TYR A 19 52.25 11.12 13.93
N MET A 20 52.02 11.29 12.63
CA MET A 20 52.10 10.18 11.69
C MET A 20 53.51 10.00 11.14
N ALA A 21 54.50 9.94 12.03
CA ALA A 21 55.87 9.68 11.62
C ALA A 21 56.56 8.61 12.46
N GLU A 22 56.08 8.32 13.66
CA GLU A 22 56.64 7.25 14.47
C GLU A 22 56.35 5.90 13.83
N SER A 23 57.24 4.94 14.08
CA SER A 23 57.10 3.61 13.51
C SER A 23 55.85 2.93 14.05
N CYS A 24 55.30 2.03 13.24
CA CYS A 24 54.13 1.26 13.61
C CYS A 24 54.47 0.00 14.40
N ARG A 25 55.75 -0.22 14.72
CA ARG A 25 56.20 -1.34 15.53
C ARG A 25 55.88 -2.69 14.90
N GLN A 26 55.88 -2.75 13.57
CA GLN A 26 55.60 -3.97 12.81
C GLN A 26 56.74 -4.25 11.83
N HIS A 27 57.96 -4.26 12.37
CA HIS A 27 59.20 -4.41 11.61
C HIS A 27 59.07 -5.42 10.48
N VAL A 28 59.45 -5.00 9.28
CA VAL A 28 59.43 -5.88 8.12
C VAL A 28 60.76 -6.63 8.05
N GLU A 29 60.74 -7.77 7.37
CA GLU A 29 61.92 -8.62 7.29
C GLU A 29 62.38 -8.82 5.86
N PHE A 30 62.49 -7.72 5.10
CA PHE A 30 62.94 -7.80 3.72
C PHE A 30 64.37 -8.32 3.60
N ASP A 31 65.09 -8.46 4.71
CA ASP A 31 66.45 -9.00 4.71
C ASP A 31 66.37 -10.49 5.02
N MET A 32 66.61 -11.31 4.01
CA MET A 32 66.61 -12.77 4.17
C MET A 32 67.88 -13.42 3.66
N LEU A 33 68.45 -12.91 2.58
CA LEU A 33 69.68 -13.48 2.02
C LEU A 33 70.42 -12.45 1.17
N ILE A 41 75.55 -13.30 6.58
CA ILE A 41 76.22 -12.73 7.74
C ILE A 41 75.21 -12.10 8.68
N ILE A 42 75.62 -11.03 9.35
CA ILE A 42 74.75 -10.32 10.29
C ILE A 42 73.77 -9.46 9.50
N PRO A 43 72.47 -9.67 9.64
CA PRO A 43 71.51 -8.84 8.92
C PRO A 43 71.34 -7.47 9.59
N LEU A 44 70.79 -6.54 8.83
CA LEU A 44 70.56 -5.20 9.33
C LEU A 44 69.32 -5.17 10.22
N ALA A 45 69.17 -4.06 10.94
CA ALA A 45 67.99 -3.86 11.77
C ALA A 45 66.75 -3.81 10.89
N PRO A 46 65.66 -4.46 11.29
CA PRO A 46 64.46 -4.47 10.44
C PRO A 46 63.88 -3.08 10.28
N ILE A 47 63.27 -2.85 9.14
CA ILE A 47 62.66 -1.57 8.80
C ILE A 47 61.19 -1.60 9.18
N SER A 48 60.63 -0.42 9.45
CA SER A 48 59.21 -0.31 9.78
C SER A 48 58.65 0.93 9.09
N LYS A 49 57.34 0.95 8.92
CA LYS A 49 56.66 2.01 8.20
C LYS A 49 55.92 2.93 9.17
N SER A 50 55.91 4.22 8.88
CA SER A 50 55.18 5.17 9.68
C SER A 50 53.68 4.95 9.54
N LEU A 51 52.91 5.61 10.41
CA LEU A 51 51.46 5.57 10.27
C LEU A 51 51.01 6.25 8.99
N TRP A 52 51.74 7.29 8.56
CA TRP A 52 51.47 7.92 7.28
C TRP A 52 51.66 6.95 6.13
N THR A 53 52.75 6.18 6.16
CA THR A 53 53.00 5.22 5.09
C THR A 53 51.93 4.13 5.06
N CYS A 54 51.55 3.62 6.23
CA CYS A 54 50.53 2.57 6.27
C CYS A 54 49.19 3.09 5.78
N SER A 55 48.79 4.28 6.23
CA SER A 55 47.53 4.85 5.76
C SER A 55 47.56 5.10 4.26
N VAL A 56 48.67 5.61 3.76
CA VAL A 56 48.79 5.88 2.32
C VAL A 56 48.69 4.59 1.52
N GLU A 57 49.40 3.54 1.96
CA GLU A 57 49.36 2.27 1.25
C GLU A 57 47.94 1.71 1.21
N SER A 58 47.27 1.68 2.36
CA SER A 58 45.93 1.10 2.40
C SER A 58 44.93 1.92 1.60
N SER A 59 45.02 3.26 1.69
CA SER A 59 44.13 4.11 0.92
C SER A 59 44.35 3.94 -0.57
N MET A 60 45.60 3.82 -1.00
CA MET A 60 45.86 3.65 -2.42
C MET A 60 45.45 2.26 -2.91
N GLU A 61 45.49 1.25 -2.04
CA GLU A 61 44.93 -0.03 -2.43
C GLU A 61 43.42 0.05 -2.61
N TYR A 62 42.74 0.76 -1.71
CA TYR A 62 41.32 1.04 -1.87
C TYR A 62 41.05 1.70 -3.23
N CYS A 63 41.82 2.74 -3.54
CA CYS A 63 41.65 3.45 -4.80
C CYS A 63 41.93 2.54 -5.99
N ARG A 64 42.96 1.70 -5.90
CA ARG A 64 43.30 0.81 -7.00
C ARG A 64 42.18 -0.17 -7.28
N ILE A 65 41.61 -0.76 -6.22
CA ILE A 65 40.50 -1.71 -6.42
C ILE A 65 39.32 -1.01 -7.07
N MET A 66 38.97 0.18 -6.57
CA MET A 66 37.84 0.90 -7.15
C MET A 66 38.09 1.25 -8.61
N TYR A 67 39.31 1.68 -8.94
CA TYR A 67 39.61 2.07 -10.31
C TYR A 67 39.61 0.88 -11.24
N ASP A 68 40.00 -0.30 -10.74
CA ASP A 68 39.94 -1.50 -11.57
C ASP A 68 38.50 -1.92 -11.83
N ILE A 69 37.65 -1.88 -10.81
CA ILE A 69 36.28 -2.35 -10.99
C ILE A 69 35.35 -1.27 -11.54
N PHE A 70 35.64 0.00 -11.26
CA PHE A 70 34.80 1.13 -11.69
C PHE A 70 35.68 2.15 -12.39
N PRO A 71 36.07 1.89 -13.64
CA PRO A 71 36.90 2.86 -14.35
C PRO A 71 36.22 4.21 -14.55
N PHE A 72 34.89 4.24 -14.55
CA PHE A 72 34.13 5.46 -14.82
C PHE A 72 33.00 5.59 -13.80
N LYS A 73 32.57 6.83 -13.60
CA LYS A 73 31.41 7.25 -12.81
C LYS A 73 31.61 7.10 -11.31
N LYS A 74 32.75 6.60 -10.86
CA LYS A 74 33.11 6.58 -9.43
C LYS A 74 34.43 7.31 -9.30
N LEU A 75 34.42 8.44 -8.61
CA LEU A 75 35.60 9.28 -8.48
C LEU A 75 36.03 9.35 -7.02
N VAL A 76 37.28 9.77 -6.82
CA VAL A 76 37.83 9.91 -5.48
C VAL A 76 38.64 11.19 -5.42
N ASN A 77 38.66 11.81 -4.24
CA ASN A 77 39.46 13.00 -3.97
C ASN A 77 40.39 12.69 -2.81
N PHE A 78 41.64 13.09 -2.94
CA PHE A 78 42.67 12.76 -1.96
C PHE A 78 43.16 14.04 -1.31
N ILE A 79 42.92 14.18 -0.01
CA ILE A 79 43.21 15.41 0.73
C ILE A 79 44.10 15.05 1.90
N VAL A 80 45.39 15.38 1.83
CA VAL A 80 46.25 15.26 2.99
C VAL A 80 46.02 16.45 3.89
N SER A 81 45.95 16.20 5.20
CA SER A 81 45.60 17.22 6.17
C SER A 81 46.84 17.61 6.96
N ASP A 82 47.47 18.70 6.56
CA ASP A 82 48.66 19.23 7.20
C ASP A 82 48.34 20.62 7.72
N SER A 83 49.37 21.41 8.03
CA SER A 83 49.19 22.83 8.37
C SER A 83 48.10 23.48 7.52
N GLY A 84 48.11 23.23 6.22
CA GLY A 84 47.04 23.65 5.32
C GLY A 84 46.07 22.53 5.04
N ALA A 85 45.69 22.40 3.76
CA ALA A 85 44.90 21.26 3.30
C ALA A 85 45.19 21.09 1.82
N HIS A 86 46.09 20.16 1.49
CA HIS A 86 46.57 20.01 0.12
C HIS A 86 45.73 18.96 -0.59
N VAL A 87 44.81 19.41 -1.44
CA VAL A 87 44.03 18.51 -2.27
C VAL A 87 44.91 18.02 -3.42
N LEU A 88 44.93 16.71 -3.63
CA LEU A 88 45.88 16.11 -4.57
C LEU A 88 45.31 15.87 -5.95
N ASN A 89 43.99 15.73 -6.10
CA ASN A 89 43.40 15.53 -7.41
C ASN A 89 41.99 16.09 -7.42
N SER A 90 41.50 16.39 -8.62
CA SER A 90 40.21 17.03 -8.82
C SER A 90 39.14 15.99 -9.16
N TRP A 91 37.96 16.46 -9.55
CA TRP A 91 36.81 15.61 -9.85
C TRP A 91 36.71 15.24 -11.32
N THR A 92 37.62 15.70 -12.16
CA THR A 92 37.57 15.30 -13.57
C THR A 92 38.05 13.87 -13.73
N GLN A 93 37.46 13.16 -14.69
CA GLN A 93 37.89 11.79 -14.95
C GLN A 93 39.14 11.80 -15.82
N GLU A 94 40.12 12.59 -15.40
CA GLU A 94 41.49 12.50 -15.92
C GLU A 94 42.53 12.63 -14.83
N ASP A 95 42.21 13.26 -13.70
CA ASP A 95 43.04 13.22 -12.52
C ASP A 95 42.74 12.02 -11.63
N GLN A 96 41.71 11.25 -11.96
CA GLN A 96 41.42 9.99 -11.27
C GLN A 96 42.33 8.91 -11.83
N ASN A 97 43.62 9.06 -11.55
CA ASN A 97 44.63 8.13 -12.01
C ASN A 97 45.57 7.81 -10.85
N LEU A 98 45.99 6.55 -10.75
CA LEU A 98 46.88 6.15 -9.67
C LEU A 98 48.24 6.82 -9.81
N GLN A 99 48.76 6.94 -11.03
CA GLN A 99 50.09 7.51 -11.22
C GLN A 99 50.13 8.97 -10.79
N GLU A 100 49.09 9.75 -11.12
CA GLU A 100 49.01 11.12 -10.65
C GLU A 100 48.96 11.17 -9.13
N LEU A 101 48.25 10.23 -8.51
CA LEU A 101 48.17 10.21 -7.05
C LEU A 101 49.51 9.89 -6.42
N MET A 102 50.26 8.94 -6.98
CA MET A 102 51.61 8.67 -6.48
C MET A 102 52.51 9.88 -6.66
N ALA A 103 52.43 10.55 -7.81
CA ALA A 103 53.23 11.76 -8.00
C ALA A 103 52.89 12.82 -6.97
N ALA A 104 51.59 13.02 -6.70
CA ALA A 104 51.17 14.01 -5.73
C ALA A 104 51.62 13.65 -4.32
N LEU A 105 51.50 12.37 -3.95
CA LEU A 105 51.94 11.96 -2.62
C LEU A 105 53.44 12.09 -2.46
N ALA A 106 54.20 11.79 -3.51
CA ALA A 106 55.64 12.01 -3.47
C ALA A 106 55.96 13.49 -3.32
N ALA A 107 55.18 14.35 -3.98
CA ALA A 107 55.34 15.78 -3.79
C ALA A 107 55.07 16.19 -2.34
N VAL A 108 54.02 15.62 -1.75
CA VAL A 108 53.71 15.92 -0.35
C VAL A 108 54.82 15.40 0.56
N GLY A 109 55.30 14.17 0.30
CA GLY A 109 56.44 13.64 1.01
C GLY A 109 56.12 13.15 2.40
N PRO A 110 57.12 12.59 3.08
CA PRO A 110 56.89 12.11 4.44
C PRO A 110 56.58 13.27 5.37
N PRO A 111 55.84 13.02 6.46
CA PRO A 111 55.51 14.11 7.38
C PRO A 111 56.76 14.73 7.98
N ASN A 112 56.70 16.04 8.19
CA ASN A 112 57.83 16.75 8.76
C ASN A 112 58.01 16.30 10.21
N PRO A 113 59.16 15.76 10.58
CA PRO A 113 59.31 15.21 11.94
C PRO A 113 59.57 16.27 13.00
N ARG A 114 60.29 17.34 12.63
CA ARG A 114 60.71 18.32 13.61
C ARG A 114 60.50 19.75 13.11
N ALA A 115 59.49 19.97 12.28
CA ALA A 115 59.19 21.33 11.83
C ALA A 115 58.36 22.07 12.87
N ASP A 116 57.13 21.63 13.08
CA ASP A 116 56.26 22.19 14.11
C ASP A 116 55.24 21.13 14.52
N PRO A 117 55.47 20.43 15.64
CA PRO A 117 54.64 19.26 15.98
C PRO A 117 53.16 19.58 16.17
N GLU A 118 52.85 20.51 17.07
CA GLU A 118 51.47 20.77 17.47
C GLU A 118 50.94 22.08 16.91
N CYS A 119 51.40 22.47 15.72
CA CYS A 119 50.92 23.69 15.08
C CYS A 119 49.71 23.46 14.18
N CYS A 120 49.34 22.21 13.93
CA CYS A 120 48.25 21.89 13.02
C CYS A 120 47.41 20.76 13.59
N SER A 121 46.44 20.32 12.82
CA SER A 121 45.52 19.27 13.23
C SER A 121 44.92 18.64 11.98
N ILE A 122 43.85 17.86 12.16
CA ILE A 122 43.18 17.18 11.06
C ILE A 122 41.94 17.94 10.59
N LEU A 123 41.42 18.86 11.40
CA LEU A 123 40.16 19.54 11.07
C LEU A 123 40.26 20.33 9.77
N HIS A 124 41.45 20.82 9.42
CA HIS A 124 41.62 21.51 8.15
C HIS A 124 41.31 20.59 6.97
N GLY A 125 41.77 19.34 7.04
CA GLY A 125 41.45 18.38 6.01
C GLY A 125 39.96 18.16 5.87
N LEU A 126 39.25 18.08 7.01
CA LEU A 126 37.81 17.85 6.94
C LEU A 126 37.07 19.06 6.40
N VAL A 127 37.51 20.27 6.75
CA VAL A 127 36.85 21.46 6.23
C VAL A 127 37.06 21.55 4.71
N ALA A 128 38.25 21.20 4.24
CA ALA A 128 38.48 21.21 2.80
C ALA A 128 37.74 20.08 2.12
N ALA A 129 37.53 18.96 2.82
CA ALA A 129 36.79 17.84 2.24
C ALA A 129 35.31 18.19 2.06
N VAL A 130 34.69 18.74 3.11
CA VAL A 130 33.30 19.14 2.97
C VAL A 130 33.15 20.28 1.98
N GLU A 131 34.12 21.20 1.93
CA GLU A 131 34.11 22.21 0.88
C GLU A 131 34.30 21.58 -0.50
N THR A 132 34.94 20.42 -0.55
CA THR A 132 35.12 19.71 -1.82
C THR A 132 33.87 18.95 -2.25
N LEU A 133 33.09 18.43 -1.29
CA LEU A 133 31.86 17.71 -1.64
C LEU A 133 30.85 18.60 -2.35
N CYS A 134 30.96 19.92 -2.20
CA CYS A 134 29.98 20.82 -2.81
C CYS A 134 30.17 20.95 -4.31
N LYS A 135 31.40 20.78 -4.80
CA LYS A 135 31.67 20.94 -6.22
C LYS A 135 30.92 19.88 -7.03
N ILE A 136 30.85 20.13 -8.34
CA ILE A 136 30.09 19.27 -9.26
C ILE A 136 31.07 18.47 -10.10
N THR A 137 30.88 17.15 -10.09
CA THR A 137 31.61 16.29 -11.02
C THR A 137 31.07 16.50 -12.42
N GLU A 138 31.92 16.23 -13.42
CA GLU A 138 31.53 16.47 -14.80
C GLU A 138 30.29 15.69 -15.19
N TYR A 139 30.10 14.50 -14.61
CA TYR A 139 28.88 13.74 -14.84
C TYR A 139 27.66 14.46 -14.26
N GLN A 140 27.82 15.05 -13.07
CA GLN A 140 26.72 15.83 -12.50
C GLN A 140 26.38 17.03 -13.35
N HIS A 141 27.40 17.73 -13.86
CA HIS A 141 27.16 18.86 -14.74
C HIS A 141 26.45 18.43 -16.03
N GLU A 142 26.88 17.29 -16.60
CA GLU A 142 26.22 16.79 -17.81
C GLU A 142 24.77 16.44 -17.53
N ALA A 143 24.49 15.80 -16.41
CA ALA A 143 23.11 15.46 -16.07
C ALA A 143 22.27 16.70 -15.85
N ARG A 144 22.84 17.72 -15.19
CA ARG A 144 22.10 18.96 -14.96
C ARG A 144 21.81 19.67 -16.28
N THR A 145 22.78 19.72 -17.19
CA THR A 145 22.55 20.36 -18.47
C THR A 145 21.64 19.54 -19.38
N LEU A 146 21.51 18.23 -19.12
CA LEU A 146 20.56 17.42 -19.88
C LEU A 146 19.14 17.55 -19.33
N LEU A 147 18.99 17.67 -18.01
CA LEU A 147 17.68 17.83 -17.38
C LEU A 147 17.32 19.32 -17.34
N MET A 148 17.08 19.87 -18.53
CA MET A 148 16.75 21.28 -18.66
C MET A 148 15.45 21.58 -17.94
N GLU A 149 15.46 22.63 -17.12
CA GLU A 149 14.33 23.07 -16.29
C GLU A 149 13.90 22.00 -15.29
N ASN A 150 14.65 20.90 -15.17
CA ASN A 150 14.34 19.85 -14.22
C ASN A 150 15.62 19.30 -13.60
N ALA A 151 16.67 20.12 -13.53
CA ALA A 151 17.96 19.66 -13.01
C ALA A 151 17.98 19.67 -11.50
N GLU A 152 16.99 19.02 -10.88
CA GLU A 152 16.95 18.83 -9.44
C GLU A 152 17.04 17.38 -9.01
N ARG A 153 16.71 16.44 -9.90
CA ARG A 153 16.79 15.01 -9.57
C ARG A 153 18.19 14.47 -9.86
N VAL A 154 19.20 15.16 -9.36
CA VAL A 154 20.59 14.75 -9.46
C VAL A 154 21.28 15.02 -8.14
N GLY A 155 21.42 13.98 -7.32
CA GLY A 155 21.92 14.17 -5.97
C GLY A 155 23.39 14.53 -5.92
N ASN A 156 23.81 15.02 -4.77
CA ASN A 156 25.21 15.33 -4.50
C ASN A 156 25.70 14.58 -3.27
N ARG A 157 25.15 13.40 -3.02
CA ARG A 157 25.58 12.59 -1.89
C ARG A 157 27.04 12.19 -2.06
N GLY A 158 27.74 12.11 -0.94
CA GLY A 158 29.15 11.77 -0.96
C GLY A 158 29.58 10.90 0.20
N ARG A 159 30.88 10.91 0.49
CA ARG A 159 31.43 10.11 1.58
C ARG A 159 32.84 10.59 1.86
N ILE A 160 33.21 10.65 3.14
CA ILE A 160 34.52 11.09 3.57
C ILE A 160 35.14 10.00 4.42
N ILE A 161 36.39 9.66 4.12
CA ILE A 161 37.15 8.66 4.86
C ILE A 161 38.33 9.36 5.49
N CYS A 162 38.42 9.30 6.81
CA CYS A 162 39.46 9.99 7.57
C CYS A 162 40.31 8.97 8.30
N ILE A 163 41.60 8.95 8.01
CA ILE A 163 42.56 8.08 8.68
C ILE A 163 43.50 8.98 9.47
N THR A 164 43.43 8.89 10.80
CA THR A 164 44.20 9.79 11.65
C THR A 164 44.50 9.10 12.97
N ASN A 165 45.53 9.62 13.65
CA ASN A 165 45.93 9.12 14.96
C ASN A 165 45.27 9.99 16.03
N ALA A 166 44.00 9.68 16.30
CA ALA A 166 43.24 10.45 17.27
C ALA A 166 43.80 10.29 18.67
N LYS A 167 43.87 11.40 19.39
CA LYS A 167 44.45 11.37 20.74
C LYS A 167 43.50 10.74 21.74
N SER A 168 42.21 11.06 21.66
CA SER A 168 41.23 10.56 22.61
C SER A 168 39.85 10.58 21.96
N ASP A 169 38.88 9.99 22.67
CA ASP A 169 37.52 9.91 22.16
C ASP A 169 36.91 11.31 22.00
N SER A 170 37.22 12.22 22.92
CA SER A 170 36.74 13.59 22.79
C SER A 170 37.24 14.23 21.50
N HIS A 171 38.45 13.88 21.06
CA HIS A 171 38.95 14.36 19.77
C HIS A 171 38.07 13.86 18.63
N VAL A 172 37.66 12.60 18.70
CA VAL A 172 36.76 12.05 17.68
C VAL A 172 35.44 12.82 17.68
N ARG A 173 34.91 13.09 18.88
CA ARG A 173 33.62 13.77 18.96
C ARG A 173 33.72 15.20 18.43
N MET A 174 34.81 15.90 18.72
CA MET A 174 34.93 17.26 18.20
C MET A 174 35.17 17.25 16.70
N LEU A 175 35.86 16.23 16.17
CA LEU A 175 35.96 16.10 14.73
C LEU A 175 34.60 15.91 14.08
N GLU A 176 33.76 15.06 14.68
CA GLU A 176 32.42 14.86 14.15
C GLU A 176 31.59 16.14 14.23
N ASP A 177 31.70 16.87 15.34
CA ASP A 177 31.01 18.15 15.46
C ASP A 177 31.49 19.12 14.40
N CYS A 178 32.80 19.15 14.15
CA CYS A 178 33.37 20.03 13.13
C CYS A 178 32.83 19.70 11.75
N VAL A 179 32.76 18.41 11.41
CA VAL A 179 32.29 18.06 10.07
C VAL A 179 30.80 18.39 9.93
N GLN A 180 30.01 18.14 10.98
CA GLN A 180 28.59 18.48 10.91
C GLN A 180 28.40 19.98 10.74
N GLU A 181 29.15 20.78 11.51
CA GLU A 181 29.08 22.23 11.37
C GLU A 181 29.50 22.68 9.98
N THR A 182 30.52 22.04 9.42
CA THR A 182 30.99 22.40 8.09
C THR A 182 29.94 22.12 7.03
N ILE A 183 29.29 20.95 7.10
CA ILE A 183 28.22 20.66 6.14
C ILE A 183 27.08 21.66 6.28
N HIS A 184 26.71 21.98 7.52
CA HIS A 184 25.62 22.94 7.73
C HIS A 184 25.97 24.29 7.12
N GLU A 185 27.15 24.83 7.44
CA GLU A 185 27.53 26.14 6.95
C GLU A 185 27.67 26.15 5.42
N HIS A 186 28.25 25.10 4.86
CA HIS A 186 28.48 25.08 3.42
C HIS A 186 27.19 24.84 2.65
N ASN A 187 26.25 24.09 3.24
CA ASN A 187 24.93 23.97 2.63
C ASN A 187 24.22 25.32 2.63
N LYS A 188 24.32 26.06 3.73
CA LYS A 188 23.75 27.40 3.78
C LYS A 188 24.38 28.30 2.72
N LEU A 189 25.70 28.23 2.56
CA LEU A 189 26.39 29.04 1.56
C LEU A 189 25.99 28.64 0.14
N ALA A 190 25.86 27.35 -0.12
CA ALA A 190 25.54 26.85 -1.45
C ALA A 190 24.07 27.01 -1.80
N ALA A 191 23.21 27.26 -0.82
CA ALA A 191 21.81 27.55 -1.13
C ALA A 191 21.70 28.84 -1.97
N ASN A 192 22.48 29.86 -1.61
CA ASN A 192 22.44 31.12 -2.36
C ASN A 192 23.12 30.97 -3.71
N SER A 193 24.28 30.32 -3.76
CA SER A 193 25.05 30.23 -4.99
C SER A 193 24.46 29.18 -5.92
N ASP A 194 25.02 29.11 -7.13
CA ASP A 194 24.54 28.18 -8.15
C ASP A 194 25.57 27.14 -8.55
N HIS A 195 26.85 27.51 -8.64
CA HIS A 195 27.90 26.56 -9.01
C HIS A 195 28.47 25.85 -7.78
N LEU A 196 27.58 25.32 -6.94
CA LEU A 196 27.97 24.53 -5.78
C LEU A 196 26.74 23.76 -5.34
N MET A 197 26.79 22.44 -5.45
CA MET A 197 25.63 21.63 -5.13
C MET A 197 25.45 21.51 -3.62
N GLN A 198 24.25 21.12 -3.22
CA GLN A 198 23.92 20.93 -1.81
C GLN A 198 24.04 19.46 -1.46
N ILE A 199 24.90 19.14 -0.49
CA ILE A 199 25.13 17.77 -0.10
C ILE A 199 23.85 17.18 0.49
N GLN A 200 23.45 16.02 -0.02
CA GLN A 200 22.25 15.34 0.44
C GLN A 200 22.52 14.21 1.42
N LYS A 201 23.71 13.61 1.37
CA LYS A 201 24.11 12.59 2.34
C LYS A 201 25.62 12.45 2.29
N CYS A 202 26.29 12.76 3.39
CA CYS A 202 27.74 12.69 3.47
C CYS A 202 28.12 11.71 4.58
N GLU A 203 28.17 10.44 4.24
CA GLU A 203 28.60 9.42 5.20
C GLU A 203 30.06 9.64 5.57
N LEU A 204 30.38 9.42 6.85
CA LEU A 204 31.73 9.62 7.35
C LEU A 204 32.28 8.33 7.91
N VAL A 205 33.57 8.11 7.70
CA VAL A 205 34.33 7.04 8.32
C VAL A 205 35.59 7.66 8.91
N LEU A 206 35.89 7.34 10.16
CA LEU A 206 36.94 8.02 10.91
C LEU A 206 37.94 7.02 11.45
N ILE A 207 38.45 6.17 10.56
CA ILE A 207 39.43 5.14 10.90
C ILE A 207 40.57 5.74 11.72
N HIS A 208 40.77 5.23 12.93
CA HIS A 208 41.85 5.64 13.79
C HIS A 208 42.92 4.55 13.81
N THR A 209 44.15 4.92 13.48
CA THR A 209 45.24 3.96 13.37
C THR A 209 46.28 4.24 14.45
N TYR A 210 46.72 3.17 15.11
CA TYR A 210 47.73 3.25 16.16
C TYR A 210 48.73 2.13 15.95
N PRO A 211 49.94 2.26 16.48
CA PRO A 211 50.92 1.18 16.37
C PRO A 211 50.46 -0.06 17.12
N VAL A 212 50.91 -1.23 16.65
CA VAL A 212 50.61 -2.47 17.33
C VAL A 212 51.32 -2.48 18.68
N GLY A 213 50.60 -2.86 19.73
CA GLY A 213 51.13 -2.86 21.08
C GLY A 213 50.68 -1.69 21.93
N GLU A 214 50.07 -0.67 21.34
CA GLU A 214 49.56 0.48 22.08
C GLU A 214 48.07 0.30 22.32
N ASP A 215 47.62 0.76 23.48
CA ASP A 215 46.21 0.64 23.83
C ASP A 215 45.35 1.48 22.89
N SER A 216 44.17 0.97 22.57
CA SER A 216 43.23 1.68 21.72
C SER A 216 42.60 2.80 22.54
N LEU A 217 43.27 3.96 22.55
CA LEU A 217 42.75 5.11 23.29
C LEU A 217 41.41 5.59 22.74
N VAL A 218 41.08 5.21 21.50
CA VAL A 218 39.77 5.46 20.92
C VAL A 218 39.17 4.10 20.60
N SER A 219 37.98 3.84 21.14
CA SER A 219 37.30 2.58 20.89
C SER A 219 36.36 2.70 19.70
N ASP A 220 35.92 1.54 19.21
CA ASP A 220 35.04 1.52 18.05
C ASP A 220 33.69 2.14 18.39
N ARG A 221 32.89 2.35 17.35
CA ARG A 221 31.56 2.95 17.51
C ARG A 221 30.80 2.73 16.22
N SER A 222 29.57 2.22 16.33
CA SER A 222 28.77 1.91 15.16
C SER A 222 28.25 3.19 14.51
N LYS A 223 27.43 3.02 13.48
CA LYS A 223 26.92 4.16 12.75
C LYS A 223 26.00 5.00 13.62
N LYS A 224 26.24 6.30 13.67
CA LYS A 224 25.47 7.24 14.48
C LYS A 224 25.11 8.44 13.61
N GLU A 225 23.81 8.69 13.44
CA GLU A 225 23.33 9.76 12.59
C GLU A 225 23.39 11.08 13.35
N LEU A 226 24.40 11.90 13.05
CA LEU A 226 24.50 13.22 13.66
C LEU A 226 23.58 14.25 13.03
N SER A 227 22.93 13.91 11.92
CA SER A 227 22.10 14.87 11.21
C SER A 227 21.22 14.11 10.21
N PRO A 228 20.27 14.79 9.55
CA PRO A 228 19.59 14.14 8.42
C PRO A 228 20.43 14.17 7.16
N VAL A 229 21.69 14.63 7.29
CA VAL A 229 22.62 14.69 6.17
C VAL A 229 23.93 13.99 6.46
N LEU A 230 24.15 13.53 7.69
CA LEU A 230 25.39 12.89 8.07
C LEU A 230 25.09 11.51 8.67
N THR A 231 26.05 10.61 8.53
CA THR A 231 26.04 9.35 9.25
C THR A 231 27.47 8.93 9.57
N SER A 232 27.96 9.32 10.75
CA SER A 232 29.34 9.02 11.09
C SER A 232 29.47 7.61 11.63
N GLU A 233 30.65 7.01 11.44
CA GLU A 233 30.98 5.69 11.95
C GLU A 233 32.48 5.71 12.26
N VAL A 234 32.83 5.21 13.43
CA VAL A 234 34.22 5.29 13.89
C VAL A 234 34.83 3.91 13.93
N HIS A 235 36.03 3.77 13.36
CA HIS A 235 36.79 2.54 13.40
C HIS A 235 38.10 2.78 14.12
N SER A 236 38.56 1.76 14.84
CA SER A 236 39.87 1.77 15.47
C SER A 236 40.58 0.47 15.10
N VAL A 237 41.79 0.59 14.57
CA VAL A 237 42.49 -0.56 14.00
C VAL A 237 43.98 -0.27 13.98
N ARG A 238 44.78 -1.30 14.26
CA ARG A 238 46.22 -1.16 14.37
C ARG A 238 46.85 -0.95 13.00
N ALA A 239 47.87 -0.09 12.95
CA ALA A 239 48.56 0.18 11.69
C ALA A 239 49.31 -1.05 11.21
N GLY A 240 49.36 -1.21 9.89
CA GLY A 240 50.06 -2.31 9.28
C GLY A 240 49.19 -3.11 8.34
N ARG A 241 48.95 -4.39 8.68
CA ARG A 241 48.06 -5.23 7.89
C ARG A 241 46.61 -5.13 8.33
N HIS A 242 46.36 -4.84 9.61
CA HIS A 242 44.99 -4.72 10.08
C HIS A 242 44.29 -3.52 9.45
N LEU A 243 44.98 -2.40 9.34
CA LEU A 243 44.40 -1.23 8.69
C LEU A 243 44.09 -1.51 7.22
N ALA A 244 45.00 -2.21 6.54
CA ALA A 244 44.75 -2.57 5.15
C ALA A 244 43.53 -3.48 5.04
N THR A 245 43.38 -4.43 5.96
CA THR A 245 42.20 -5.30 5.93
C THR A 245 40.94 -4.52 6.21
N LYS A 246 40.99 -3.55 7.13
CA LYS A 246 39.82 -2.72 7.39
C LYS A 246 39.41 -1.94 6.15
N LEU A 247 40.38 -1.37 5.44
CA LEU A 247 40.04 -0.62 4.23
C LEU A 247 39.62 -1.54 3.09
N ASN A 248 40.11 -2.78 3.07
CA ASN A 248 39.62 -3.76 2.11
C ASN A 248 38.15 -4.07 2.36
N ILE A 249 37.79 -4.30 3.62
CA ILE A 249 36.38 -4.51 3.96
C ILE A 249 35.56 -3.28 3.59
N LEU A 250 36.14 -2.09 3.81
CA LEU A 250 35.45 -0.85 3.47
C LEU A 250 35.17 -0.75 1.98
N VAL A 251 36.18 -1.07 1.15
CA VAL A 251 35.94 -0.99 -0.30
C VAL A 251 34.94 -2.05 -0.73
N GLN A 252 34.95 -3.22 -0.09
CA GLN A 252 33.97 -4.25 -0.45
C GLN A 252 32.55 -3.80 -0.11
N GLN A 253 32.36 -3.16 1.05
CA GLN A 253 31.01 -2.81 1.48
C GLN A 253 30.52 -1.46 0.94
N HIS A 254 31.43 -0.60 0.50
CA HIS A 254 31.02 0.70 -0.05
C HIS A 254 30.39 0.53 -1.43
N PHE A 255 31.02 -0.27 -2.29
CA PHE A 255 30.61 -0.41 -3.68
C PHE A 255 29.87 -1.72 -3.94
N ASP A 256 29.44 -2.42 -2.88
CA ASP A 256 28.74 -3.69 -3.00
C ASP A 256 29.56 -4.70 -3.79
N LEU A 257 30.81 -4.89 -3.37
CA LEU A 257 31.69 -5.82 -4.05
C LEU A 257 31.43 -7.24 -3.56
N ALA A 258 32.19 -8.19 -4.10
CA ALA A 258 32.11 -9.59 -3.71
C ALA A 258 33.44 -10.25 -4.03
N SER A 259 33.66 -11.43 -3.48
CA SER A 259 34.94 -12.10 -3.60
C SER A 259 34.78 -13.45 -4.28
N THR A 260 35.82 -13.86 -4.98
CA THR A 260 35.89 -15.14 -5.67
C THR A 260 37.26 -15.74 -5.40
N THR A 261 37.31 -17.06 -5.24
CA THR A 261 38.52 -17.76 -4.81
C THR A 261 38.87 -18.87 -5.78
N ILE A 262 38.97 -18.50 -7.07
CA ILE A 262 39.31 -19.42 -8.15
C ILE A 262 40.42 -20.37 -7.73
N THR A 263 40.19 -21.66 -7.90
CA THR A 263 41.08 -22.70 -7.40
C THR A 263 41.38 -23.70 -8.51
N ASN A 264 42.26 -24.65 -8.21
CA ASN A 264 42.64 -25.72 -9.12
C ASN A 264 43.31 -25.17 -10.39
N ILE A 265 43.92 -23.99 -10.29
CA ILE A 265 44.65 -23.42 -11.42
C ILE A 265 45.90 -24.25 -11.65
N PRO A 266 46.11 -24.79 -12.85
CA PRO A 266 47.29 -25.63 -13.08
C PRO A 266 48.55 -24.80 -13.25
N MET A 267 49.62 -25.23 -12.59
CA MET A 267 50.91 -24.56 -12.70
C MET A 267 51.94 -25.44 -13.40
N TYR A 279 47.87 -22.65 -6.94
CA TYR A 279 47.25 -22.23 -5.69
C TYR A 279 46.04 -21.35 -5.99
N ASP A 280 45.33 -20.93 -4.95
CA ASP A 280 44.11 -20.17 -5.11
C ASP A 280 44.43 -18.74 -5.59
N VAL A 281 43.44 -18.13 -6.22
CA VAL A 281 43.51 -16.75 -6.68
C VAL A 281 42.21 -16.05 -6.30
N GLU A 282 42.32 -14.94 -5.59
CA GLU A 282 41.15 -14.20 -5.14
C GLU A 282 40.90 -13.00 -6.04
N LEU A 283 39.63 -12.78 -6.35
CA LEU A 283 39.21 -11.67 -7.19
C LEU A 283 38.14 -10.86 -6.47
N LEU A 284 37.92 -9.64 -6.94
CA LEU A 284 36.93 -8.74 -6.38
C LEU A 284 36.11 -8.15 -7.52
N HIS A 285 34.82 -8.45 -7.54
CA HIS A 285 33.92 -7.97 -8.58
C HIS A 285 32.66 -7.44 -7.92
N HIS A 286 31.70 -7.04 -8.74
CA HIS A 286 30.43 -6.58 -8.21
C HIS A 286 29.65 -7.77 -7.66
N LYS A 287 28.85 -7.49 -6.62
CA LYS A 287 28.07 -8.55 -5.98
C LYS A 287 26.99 -9.11 -6.88
N ASP A 288 26.67 -8.45 -7.99
CA ASP A 288 25.69 -8.96 -8.93
C ASP A 288 26.13 -10.25 -9.61
N ALA A 289 27.43 -10.54 -9.63
CA ALA A 289 27.92 -11.78 -10.21
C ALA A 289 27.60 -13.01 -9.36
N HIS A 290 27.13 -12.81 -8.14
CA HIS A 290 26.81 -13.90 -7.23
C HIS A 290 25.34 -13.92 -6.82
N VAL A 291 24.48 -13.22 -7.56
CA VAL A 291 23.04 -13.37 -7.36
C VAL A 291 22.52 -14.64 -8.00
N ASP A 292 23.33 -15.31 -8.81
CA ASP A 292 23.00 -16.60 -9.39
C ASP A 292 23.25 -17.75 -8.41
N PHE A 293 24.42 -17.75 -7.76
CA PHE A 293 24.72 -18.80 -6.79
C PHE A 293 23.76 -18.74 -5.59
N LEU A 294 23.49 -17.53 -5.09
CA LEU A 294 22.59 -17.36 -3.96
C LEU A 294 21.15 -17.61 -4.37
N GLU A 312 33.68 -14.85 3.23
CA GLU A 312 32.48 -15.03 2.42
C GLU A 312 32.81 -14.96 0.94
N THR A 313 33.68 -15.87 0.49
CA THR A 313 34.20 -15.88 -0.87
C THR A 313 33.81 -17.17 -1.56
N ILE A 314 33.26 -17.05 -2.77
CA ILE A 314 32.93 -18.23 -3.57
C ILE A 314 34.21 -18.88 -4.08
N THR A 315 34.13 -20.18 -4.36
CA THR A 315 35.29 -21.01 -4.66
C THR A 315 35.11 -21.73 -6.01
N LEU A 316 34.78 -20.95 -7.04
CA LEU A 316 34.64 -21.51 -8.38
C LEU A 316 35.92 -22.22 -8.81
N LYS A 317 35.76 -23.37 -9.44
CA LYS A 317 36.87 -24.23 -9.82
C LYS A 317 37.17 -24.09 -11.31
N TRP A 318 38.45 -23.95 -11.62
CA TRP A 318 38.88 -23.84 -13.02
C TRP A 318 38.51 -25.10 -13.78
N CYS A 319 38.04 -24.92 -15.02
CA CYS A 319 37.69 -26.03 -15.90
C CYS A 319 38.59 -26.03 -17.13
N THR A 320 38.78 -27.20 -17.70
CA THR A 320 39.69 -27.36 -18.82
C THR A 320 39.14 -26.63 -20.04
N PRO A 321 39.88 -25.66 -20.59
CA PRO A 321 39.36 -24.89 -21.75
C PRO A 321 39.43 -25.72 -23.02
N ARG A 322 38.39 -25.60 -23.84
CA ARG A 322 38.34 -26.23 -25.16
C ARG A 322 38.68 -25.21 -26.23
N THR A 323 39.14 -25.70 -27.37
CA THR A 323 39.58 -24.81 -28.45
C THR A 323 38.43 -23.96 -28.97
N ASN A 324 37.47 -24.59 -29.64
CA ASN A 324 36.35 -23.90 -30.25
C ASN A 324 35.05 -24.65 -30.03
N ASN A 325 34.83 -25.13 -28.80
CA ASN A 325 33.63 -25.91 -28.51
C ASN A 325 32.36 -25.14 -28.85
N ILE A 326 32.11 -24.04 -28.15
CA ILE A 326 31.11 -23.05 -28.54
C ILE A 326 31.74 -21.69 -28.40
N GLU A 327 31.20 -20.72 -29.14
CA GLU A 327 31.77 -19.38 -29.19
C GLU A 327 30.88 -18.29 -28.64
N LEU A 328 29.56 -18.48 -28.61
CA LEU A 328 28.63 -17.46 -28.15
C LEU A 328 27.87 -18.02 -26.95
N HIS A 329 28.45 -17.87 -25.76
CA HIS A 329 27.79 -18.28 -24.54
C HIS A 329 26.71 -17.27 -24.17
N TYR A 330 25.65 -17.77 -23.52
CA TYR A 330 24.57 -16.91 -23.06
C TYR A 330 24.95 -16.34 -21.70
N CYS A 331 25.61 -15.19 -21.72
CA CYS A 331 26.05 -14.52 -20.52
C CYS A 331 25.00 -13.52 -20.09
N THR A 332 24.53 -13.66 -18.85
CA THR A 332 23.54 -12.74 -18.29
C THR A 332 24.16 -11.54 -17.61
N GLY A 333 25.48 -11.43 -17.60
CA GLY A 333 26.14 -10.27 -17.04
C GLY A 333 27.65 -10.39 -17.01
N ALA A 334 28.35 -9.33 -17.40
CA ALA A 334 29.80 -9.30 -17.39
C ALA A 334 30.26 -8.21 -16.44
N TYR A 335 31.14 -8.57 -15.51
CA TYR A 335 31.58 -7.66 -14.46
C TYR A 335 33.10 -7.60 -14.44
N ARG A 336 33.64 -6.39 -14.39
CA ARG A 336 35.08 -6.23 -14.26
C ARG A 336 35.55 -6.79 -12.92
N ILE A 337 36.78 -7.30 -12.90
CA ILE A 337 37.36 -7.89 -11.70
C ILE A 337 38.64 -7.15 -11.37
N SER A 338 39.19 -7.48 -10.21
CA SER A 338 40.44 -6.91 -9.74
C SER A 338 41.08 -7.88 -8.75
N PRO A 339 42.29 -8.36 -9.01
CA PRO A 339 42.94 -9.26 -8.06
C PRO A 339 43.20 -8.57 -6.73
N VAL A 340 42.91 -9.28 -5.65
CA VAL A 340 43.21 -8.74 -4.32
C VAL A 340 44.68 -8.90 -3.97
N ASP A 341 45.41 -9.71 -4.74
CA ASP A 341 46.83 -9.97 -4.53
C ASP A 341 47.57 -9.89 -5.86
N VAL A 342 47.35 -8.78 -6.58
CA VAL A 342 47.71 -8.69 -7.99
C VAL A 342 49.18 -9.03 -8.22
N ASN A 343 50.07 -8.49 -7.38
CA ASN A 343 51.49 -8.70 -7.60
C ASN A 343 51.93 -10.14 -7.34
N SER A 344 51.13 -10.92 -6.64
CA SER A 344 51.52 -12.28 -6.26
C SER A 344 51.62 -13.18 -7.49
N ARG A 345 52.45 -14.22 -7.37
CA ARG A 345 52.74 -15.10 -8.50
C ARG A 345 51.49 -15.82 -9.04
N PRO A 346 50.63 -16.43 -8.22
CA PRO A 346 49.47 -17.12 -8.80
C PRO A 346 48.49 -16.20 -9.51
N SER A 347 48.13 -15.08 -8.87
CA SER A 347 47.21 -14.14 -9.50
C SER A 347 47.83 -13.50 -10.73
N SER A 348 49.13 -13.19 -10.68
CA SER A 348 49.80 -12.66 -11.85
C SER A 348 49.80 -13.67 -12.99
N CYS A 349 50.02 -14.95 -12.68
CA CYS A 349 50.00 -15.98 -13.71
C CYS A 349 48.62 -16.09 -14.34
N LEU A 350 47.57 -16.12 -13.51
CA LEU A 350 46.21 -16.22 -14.03
C LEU A 350 45.85 -15.02 -14.89
N THR A 351 46.19 -13.81 -14.42
CA THR A 351 45.83 -12.62 -15.19
C THR A 351 46.65 -12.52 -16.47
N ASN A 352 47.91 -12.94 -16.45
CA ASN A 352 48.70 -12.95 -17.68
C ASN A 352 48.13 -13.94 -18.67
N PHE A 353 47.73 -15.12 -18.20
CA PHE A 353 47.13 -16.11 -19.08
C PHE A 353 45.84 -15.57 -19.70
N LEU A 354 45.02 -14.89 -18.90
CA LEU A 354 43.78 -14.33 -19.43
C LEU A 354 44.05 -13.21 -20.42
N LEU A 355 45.04 -12.36 -20.13
CA LEU A 355 45.35 -11.24 -21.00
C LEU A 355 45.95 -11.69 -22.33
N ASN A 356 46.66 -12.83 -22.33
CA ASN A 356 47.28 -13.30 -23.56
C ASN A 356 46.27 -13.56 -24.67
N GLY A 357 45.00 -13.78 -24.32
CA GLY A 357 43.97 -13.92 -25.33
C GLY A 357 42.94 -15.00 -25.05
N ARG A 358 43.35 -16.07 -24.39
CA ARG A 358 42.41 -17.17 -24.13
C ARG A 358 41.51 -16.83 -22.94
N SER A 359 40.49 -17.65 -22.76
CA SER A 359 39.53 -17.48 -21.69
C SER A 359 39.67 -18.60 -20.67
N VAL A 360 38.79 -18.59 -19.67
CA VAL A 360 38.78 -19.58 -18.61
C VAL A 360 37.34 -19.81 -18.19
N LEU A 361 36.93 -21.07 -18.11
CA LEU A 361 35.59 -21.43 -17.68
C LEU A 361 35.64 -21.94 -16.26
N LEU A 362 34.73 -21.44 -15.42
CA LEU A 362 34.72 -21.75 -14.00
C LEU A 362 33.45 -22.52 -13.67
N GLU A 363 33.57 -23.49 -12.75
CA GLU A 363 32.46 -24.32 -12.34
C GLU A 363 32.19 -24.13 -10.85
N GLN A 364 30.93 -24.27 -10.48
CA GLN A 364 30.51 -24.25 -9.10
C GLN A 364 30.33 -25.67 -8.59
N PRO A 365 30.47 -25.92 -7.27
CA PRO A 365 30.33 -27.27 -6.75
C PRO A 365 28.90 -27.79 -6.84
N SER A 370 27.10 -33.84 -13.71
CA SER A 370 27.19 -33.39 -12.33
C SER A 370 27.70 -31.95 -12.26
N LYS A 371 28.93 -31.73 -12.71
CA LYS A 371 29.51 -30.40 -12.72
C LYS A 371 28.78 -29.50 -13.70
N VAL A 372 28.59 -28.25 -13.30
CA VAL A 372 27.94 -27.25 -14.14
C VAL A 372 28.88 -26.06 -14.30
N ILE A 373 28.97 -25.55 -15.52
CA ILE A 373 29.75 -24.36 -15.81
C ILE A 373 28.86 -23.15 -15.53
N SER A 374 29.32 -22.28 -14.65
CA SER A 374 28.52 -21.15 -14.21
C SER A 374 29.11 -19.79 -14.57
N HIS A 375 30.41 -19.72 -14.85
CA HIS A 375 31.06 -18.45 -15.14
C HIS A 375 32.06 -18.65 -16.26
N MET A 376 32.69 -17.55 -16.68
CA MET A 376 33.75 -17.60 -17.66
C MET A 376 34.55 -16.31 -17.57
N LEU A 377 35.85 -16.43 -17.37
CA LEU A 377 36.75 -15.28 -17.32
C LEU A 377 37.31 -15.01 -18.71
N SER A 378 37.06 -13.81 -19.22
CA SER A 378 37.56 -13.44 -20.54
C SER A 378 38.12 -12.04 -20.49
N SER A 379 39.26 -11.84 -21.15
CA SER A 379 39.90 -10.53 -21.22
C SER A 379 39.57 -9.90 -22.56
N HIS A 380 38.68 -8.90 -22.54
CA HIS A 380 38.21 -8.26 -23.77
C HIS A 380 39.08 -7.05 -24.09
N GLY A 381 40.33 -7.35 -24.42
CA GLY A 381 41.25 -6.32 -24.86
C GLY A 381 41.97 -5.62 -23.72
N GLY A 382 42.56 -6.38 -22.81
CA GLY A 382 43.24 -5.80 -21.67
C GLY A 382 42.35 -5.48 -20.49
N GLU A 383 41.12 -5.99 -20.46
CA GLU A 383 40.19 -5.76 -19.36
C GLU A 383 39.55 -7.10 -19.04
N ILE A 384 39.99 -7.73 -17.94
CA ILE A 384 39.50 -9.06 -17.60
C ILE A 384 38.08 -8.95 -17.05
N PHE A 385 37.18 -9.74 -17.60
CA PHE A 385 35.76 -9.73 -17.25
C PHE A 385 35.36 -11.08 -16.70
N LEU A 386 34.38 -11.08 -15.81
CA LEU A 386 33.81 -12.30 -15.26
C LEU A 386 32.38 -12.41 -15.76
N HIS A 387 32.15 -13.30 -16.71
CA HIS A 387 30.81 -13.54 -17.25
C HIS A 387 30.08 -14.54 -16.38
N VAL A 388 28.78 -14.31 -16.19
CA VAL A 388 27.93 -15.20 -15.42
C VAL A 388 27.03 -15.96 -16.40
N LEU A 389 27.48 -17.13 -16.82
CA LEU A 389 26.69 -17.93 -17.74
C LEU A 389 25.49 -18.53 -17.03
N SER A 390 24.48 -18.87 -17.82
CA SER A 390 23.26 -19.48 -17.31
C SER A 390 23.35 -20.98 -17.46
N SER A 391 23.06 -21.70 -16.38
CA SER A 391 23.16 -23.16 -16.35
C SER A 391 21.83 -23.83 -16.05
N SER A 392 20.75 -23.07 -15.96
CA SER A 392 19.44 -23.62 -15.63
C SER A 392 18.70 -24.02 -16.91
N ARG A 393 17.47 -24.48 -16.74
CA ARG A 393 16.63 -24.83 -17.88
C ARG A 393 16.36 -23.58 -18.72
N SER A 394 16.39 -23.75 -20.04
CA SER A 394 16.16 -22.66 -20.97
C SER A 394 14.68 -22.64 -21.33
N ILE A 395 14.03 -21.49 -21.13
CA ILE A 395 12.64 -21.36 -21.54
C ILE A 395 12.50 -21.40 -23.05
N LEU A 396 13.59 -21.11 -23.78
CA LEU A 396 13.60 -21.23 -25.23
C LEU A 396 14.23 -22.56 -25.65
N GLU A 397 13.67 -23.65 -25.14
CA GLU A 397 14.16 -24.98 -25.43
C GLU A 397 13.15 -25.72 -26.30
N ASP A 398 13.66 -26.61 -27.14
CA ASP A 398 12.88 -27.26 -28.18
C ASP A 398 12.06 -26.23 -28.96
N PRO A 399 12.71 -25.27 -29.60
CA PRO A 399 11.98 -24.23 -30.33
C PRO A 399 11.38 -24.81 -31.60
N PRO A 400 10.37 -24.17 -32.17
CA PRO A 400 9.80 -24.67 -33.42
C PRO A 400 10.86 -24.74 -34.50
N SER A 401 10.82 -25.82 -35.28
CA SER A 401 11.82 -26.02 -36.31
C SER A 401 11.67 -24.97 -37.40
N ILE A 402 12.81 -24.43 -37.87
CA ILE A 402 12.79 -23.50 -38.99
C ILE A 402 12.33 -24.16 -40.28
N SER A 403 12.23 -25.49 -40.29
CA SER A 403 11.74 -26.23 -41.45
C SER A 403 10.22 -26.32 -41.50
N GLU A 404 9.51 -25.82 -40.48
CA GLU A 404 8.06 -25.79 -40.47
C GLU A 404 7.48 -24.40 -40.62
N GLY A 405 8.10 -23.40 -40.02
CA GLY A 405 7.60 -22.02 -40.07
C GLY A 405 7.53 -21.47 -41.48
N CYS A 406 7.08 -20.22 -41.60
CA CYS A 406 6.92 -19.61 -42.93
C CYS A 406 8.23 -19.66 -43.68
N GLY A 407 8.15 -20.06 -44.96
CA GLY A 407 9.35 -20.20 -45.77
C GLY A 407 10.26 -21.31 -45.35
N GLY A 408 9.76 -22.28 -44.58
CA GLY A 408 10.62 -23.38 -44.13
C GLY A 408 10.78 -24.48 -45.14
N ARG A 409 9.85 -24.62 -46.08
CA ARG A 409 9.92 -25.64 -47.12
C ARG A 409 10.50 -25.09 -48.42
N VAL A 410 11.44 -24.14 -48.31
CA VAL A 410 12.12 -23.55 -49.45
C VAL A 410 13.59 -23.93 -49.36
N THR A 411 14.13 -24.46 -50.46
CA THR A 411 15.48 -25.03 -50.44
C THR A 411 16.46 -24.31 -51.37
N ASP A 412 16.04 -23.24 -52.03
CA ASP A 412 16.90 -22.50 -52.95
C ASP A 412 17.20 -21.11 -52.44
N TYR A 413 17.35 -20.97 -51.12
CA TYR A 413 17.68 -19.68 -50.54
C TYR A 413 19.08 -19.25 -50.94
N ARG A 414 19.23 -17.96 -51.26
CA ARG A 414 20.54 -17.40 -51.58
C ARG A 414 21.30 -17.20 -50.28
N ILE A 415 21.82 -18.31 -49.75
CA ILE A 415 22.45 -18.28 -48.44
C ILE A 415 23.91 -17.84 -48.54
N THR A 416 24.62 -18.28 -49.57
CA THR A 416 25.98 -17.78 -49.76
C THR A 416 25.99 -16.36 -50.31
N ASP A 417 25.00 -16.01 -51.14
CA ASP A 417 24.86 -14.63 -51.59
C ASP A 417 24.58 -13.70 -50.41
N PHE A 418 23.68 -14.11 -49.51
CA PHE A 418 23.44 -13.29 -48.32
C PHE A 418 24.62 -13.32 -47.37
N GLY A 419 25.39 -14.41 -47.36
CA GLY A 419 26.61 -14.41 -46.57
C GLY A 419 27.61 -13.38 -47.06
N GLU A 420 27.76 -13.28 -48.38
CA GLU A 420 28.61 -12.24 -48.95
C GLU A 420 28.07 -10.86 -48.63
N PHE A 421 26.74 -10.69 -48.68
CA PHE A 421 26.12 -9.43 -48.31
C PHE A 421 26.44 -9.07 -46.85
N MET A 422 26.34 -10.06 -45.96
CA MET A 422 26.63 -9.83 -44.55
C MET A 422 28.09 -9.48 -44.33
N ARG A 423 29.00 -10.16 -45.02
CA ARG A 423 30.42 -9.93 -44.80
C ARG A 423 30.90 -8.64 -45.45
N GLU A 424 30.22 -8.15 -46.49
CA GLU A 424 30.54 -6.85 -47.06
C GLU A 424 29.93 -5.69 -46.30
N ASN A 425 28.95 -5.97 -45.43
CA ASN A 425 28.28 -4.94 -44.65
C ASN A 425 28.58 -5.08 -43.16
N ARG A 426 29.84 -5.38 -42.83
CA ARG A 426 30.24 -5.55 -41.46
C ARG A 426 30.31 -4.20 -40.75
N LEU A 427 30.74 -4.21 -39.50
CA LEU A 427 30.81 -3.02 -38.68
C LEU A 427 32.23 -2.83 -38.18
N THR A 428 32.69 -1.58 -38.21
CA THR A 428 33.98 -1.15 -37.70
C THR A 428 33.79 0.13 -36.90
N PRO A 429 34.59 0.35 -35.86
CA PRO A 429 34.43 1.55 -35.05
C PRO A 429 35.25 2.72 -35.57
N PHE A 430 34.67 3.91 -35.48
CA PHE A 430 35.30 5.14 -35.95
C PHE A 430 35.61 6.02 -34.76
N LEU A 431 36.88 6.42 -34.62
CA LEU A 431 37.29 7.27 -33.52
C LEU A 431 37.09 8.75 -33.83
N ASP A 432 37.63 9.21 -34.96
CA ASP A 432 37.53 10.60 -35.34
C ASP A 432 36.12 10.93 -35.85
N PRO A 433 35.64 12.15 -35.60
CA PRO A 433 34.34 12.55 -36.16
C PRO A 433 34.49 13.15 -37.55
N ARG A 434 33.69 12.68 -38.50
CA ARG A 434 33.74 13.16 -39.87
C ARG A 434 32.57 14.08 -40.15
N TYR A 435 32.82 15.10 -40.98
CA TYR A 435 31.82 16.09 -41.34
C TYR A 435 31.21 15.74 -42.70
N LYS A 436 29.88 15.77 -42.78
CA LYS A 436 29.21 15.36 -44.02
C LYS A 436 29.21 16.49 -45.05
N ILE A 437 28.57 17.61 -44.73
CA ILE A 437 28.56 18.77 -45.62
C ILE A 437 29.06 19.99 -44.86
N ASP A 438 28.31 20.42 -43.85
CA ASP A 438 28.68 21.58 -43.05
C ASP A 438 27.87 21.64 -41.76
N GLY A 439 28.56 21.71 -40.63
CA GLY A 439 27.88 21.85 -39.35
C GLY A 439 27.06 20.66 -38.93
N SER A 440 27.30 19.48 -39.52
CA SER A 440 26.54 18.29 -39.16
C SER A 440 27.43 17.08 -39.42
N LEU A 441 28.05 16.57 -38.36
CA LEU A 441 28.84 15.35 -38.46
C LEU A 441 27.93 14.15 -38.64
N GLU A 442 28.43 13.16 -39.39
CA GLU A 442 27.64 11.97 -39.68
C GLU A 442 27.84 10.92 -38.59
N VAL A 443 26.73 10.40 -38.08
CA VAL A 443 26.78 9.28 -37.14
C VAL A 443 27.08 8.04 -37.95
N PRO A 444 28.17 7.32 -37.65
CA PRO A 444 28.51 6.13 -38.47
C PRO A 444 27.42 5.08 -38.49
N LEU A 445 26.60 4.99 -37.45
CA LEU A 445 25.48 4.06 -37.45
C LEU A 445 24.47 4.42 -38.54
N GLU A 446 24.20 5.72 -38.71
CA GLU A 446 23.30 6.14 -39.78
C GLU A 446 23.87 5.80 -41.15
N ARG A 447 25.18 5.95 -41.32
CA ARG A 447 25.81 5.55 -42.57
C ARG A 447 25.67 4.06 -42.81
N ALA A 448 25.85 3.26 -41.75
CA ALA A 448 25.69 1.81 -41.89
C ALA A 448 24.27 1.45 -42.31
N LYS A 449 23.28 2.07 -41.68
CA LYS A 449 21.89 1.77 -42.04
C LYS A 449 21.57 2.23 -43.46
N ASP A 450 22.10 3.39 -43.87
CA ASP A 450 21.91 3.84 -45.24
C ASP A 450 22.52 2.87 -46.24
N GLN A 451 23.72 2.36 -45.95
CA GLN A 451 24.34 1.37 -46.82
C GLN A 451 23.51 0.09 -46.88
N LEU A 452 22.99 -0.35 -45.73
CA LEU A 452 22.18 -1.57 -45.70
C LEU A 452 20.92 -1.41 -46.54
N GLU A 453 20.26 -0.25 -46.43
CA GLU A 453 19.09 0.00 -47.27
C GLU A 453 19.49 0.07 -48.74
N LYS A 454 20.62 0.68 -49.05
CA LYS A 454 21.06 0.80 -50.44
C LYS A 454 21.30 -0.57 -51.07
N HIS A 455 21.99 -1.46 -50.37
CA HIS A 455 22.38 -2.74 -50.95
C HIS A 455 21.20 -3.69 -51.15
N THR A 456 20.02 -3.38 -50.61
CA THR A 456 18.88 -4.28 -50.70
C THR A 456 17.70 -3.66 -51.45
N ARG A 457 17.94 -2.64 -52.27
CA ARG A 457 16.87 -2.08 -53.08
C ARG A 457 16.33 -3.13 -54.05
N TYR A 458 17.23 -3.89 -54.68
CA TYR A 458 16.86 -5.05 -55.49
C TYR A 458 17.71 -6.21 -55.01
N TRP A 459 17.06 -7.17 -54.34
CA TRP A 459 17.77 -8.30 -53.73
C TRP A 459 16.79 -9.44 -53.61
N PRO A 460 16.66 -10.26 -54.66
CA PRO A 460 15.74 -11.39 -54.60
C PRO A 460 16.22 -12.44 -53.63
N MET A 461 15.28 -13.26 -53.17
CA MET A 461 15.50 -14.12 -52.01
C MET A 461 15.90 -15.55 -52.42
N ILE A 462 15.14 -16.17 -53.31
CA ILE A 462 15.39 -17.51 -53.78
C ILE A 462 16.28 -17.45 -55.02
N ILE A 463 17.09 -18.50 -55.22
CA ILE A 463 17.98 -18.55 -56.37
C ILE A 463 17.17 -18.59 -57.66
N SER A 464 16.10 -19.39 -57.68
CA SER A 464 15.28 -19.51 -58.89
C SER A 464 14.58 -18.21 -59.26
N GLN A 465 14.47 -17.26 -58.32
CA GLN A 465 13.82 -15.99 -58.63
C GLN A 465 14.67 -15.14 -59.56
N THR A 466 15.98 -15.11 -59.34
CA THR A 466 16.86 -14.18 -60.03
C THR A 466 17.72 -14.91 -61.06
N THR A 467 18.10 -14.16 -62.10
CA THR A 467 18.98 -14.66 -63.14
C THR A 467 20.24 -13.82 -63.33
N ILE A 468 20.16 -12.50 -63.11
CA ILE A 468 21.34 -11.65 -63.25
C ILE A 468 22.34 -11.92 -62.14
N PHE A 469 21.88 -12.40 -60.99
CA PHE A 469 22.73 -12.67 -59.85
C PHE A 469 23.31 -14.08 -59.85
N ASN A 470 23.04 -14.86 -60.90
CA ASN A 470 23.47 -16.25 -60.94
C ASN A 470 24.58 -16.50 -61.97
N MET A 471 25.17 -15.45 -62.53
CA MET A 471 26.26 -15.60 -63.48
C MET A 471 27.38 -14.62 -63.15
N GLN A 472 28.61 -15.05 -63.42
CA GLN A 472 29.79 -14.30 -63.02
C GLN A 472 30.02 -13.06 -63.86
N ALA A 473 29.34 -12.92 -64.99
CA ALA A 473 29.54 -11.75 -65.84
C ALA A 473 29.07 -10.47 -65.14
N VAL A 474 27.96 -10.54 -64.43
CA VAL A 474 27.35 -9.36 -63.82
C VAL A 474 27.88 -9.07 -62.42
N VAL A 475 28.86 -9.84 -61.94
CA VAL A 475 29.39 -9.60 -60.60
C VAL A 475 29.97 -8.20 -60.46
N PRO A 476 30.80 -7.69 -61.39
CA PRO A 476 31.21 -6.29 -61.26
C PRO A 476 30.05 -5.31 -61.27
N LEU A 477 29.05 -5.53 -62.12
CA LEU A 477 27.91 -4.63 -62.16
C LEU A 477 27.15 -4.65 -60.83
N ALA A 478 26.91 -5.84 -60.29
CA ALA A 478 26.19 -5.93 -59.02
C ALA A 478 26.99 -5.32 -57.87
N SER A 479 28.29 -5.57 -57.83
CA SER A 479 29.11 -5.09 -56.72
C SER A 479 29.49 -3.63 -56.85
N VAL A 480 29.28 -3.00 -58.01
CA VAL A 480 29.60 -1.60 -58.20
C VAL A 480 28.34 -0.73 -58.17
N ILE A 481 27.25 -1.19 -58.77
CA ILE A 481 26.07 -0.34 -58.93
C ILE A 481 25.48 0.04 -57.59
N VAL A 482 25.64 -0.82 -56.57
CA VAL A 482 25.08 -0.53 -55.26
C VAL A 482 25.85 0.55 -54.51
N LYS A 483 27.04 0.90 -54.96
CA LYS A 483 27.82 1.93 -54.31
C LYS A 483 27.20 3.31 -54.51
N GLU A 484 27.66 4.27 -53.72
CA GLU A 484 27.13 5.63 -53.82
C GLU A 484 27.92 6.46 -54.82
N SER A 485 29.24 6.47 -54.72
CA SER A 485 30.11 7.24 -55.60
C SER A 485 30.94 6.26 -56.42
N LEU A 486 30.69 6.23 -57.73
CA LEU A 486 31.41 5.34 -58.62
C LEU A 486 32.68 6.02 -59.13
N THR A 487 33.80 5.30 -59.02
CA THR A 487 35.02 5.74 -59.66
C THR A 487 34.89 5.58 -61.18
N GLU A 488 35.77 6.26 -61.91
CA GLU A 488 35.77 6.14 -63.37
C GLU A 488 36.08 4.71 -63.79
N GLU A 489 37.01 4.05 -63.07
CA GLU A 489 37.28 2.64 -63.34
C GLU A 489 36.07 1.77 -63.07
N ASP A 490 35.27 2.10 -62.05
CA ASP A 490 34.04 1.36 -61.79
C ASP A 490 33.06 1.52 -62.95
N VAL A 491 32.92 2.73 -63.47
CA VAL A 491 32.05 2.96 -64.61
C VAL A 491 32.54 2.17 -65.82
N LEU A 492 33.86 2.16 -66.04
CA LEU A 492 34.41 1.39 -67.15
C LEU A 492 34.15 -0.10 -66.98
N ASN A 493 34.25 -0.60 -65.75
CA ASN A 493 33.95 -2.01 -65.49
C ASN A 493 32.48 -2.32 -65.76
N CYS A 494 31.59 -1.40 -65.38
CA CYS A 494 30.17 -1.58 -65.69
C CYS A 494 29.92 -1.59 -67.19
N GLN A 495 30.61 -0.71 -67.92
CA GLN A 495 30.50 -0.71 -69.38
C GLN A 495 30.98 -2.04 -69.95
N LYS A 496 32.09 -2.55 -69.43
CA LYS A 496 32.63 -3.83 -69.89
C LYS A 496 31.64 -4.95 -69.63
N THR A 497 31.01 -4.96 -68.45
CA THR A 497 30.02 -5.99 -68.13
C THR A 497 28.82 -5.91 -69.07
N ILE A 498 28.34 -4.70 -69.33
CA ILE A 498 27.18 -4.55 -70.22
C ILE A 498 27.52 -5.03 -71.62
N TYR A 499 28.70 -4.64 -72.12
CA TYR A 499 29.09 -5.06 -73.47
C TYR A 499 29.29 -6.57 -73.53
N ASN A 500 29.81 -7.18 -72.46
CA ASN A 500 29.95 -8.63 -72.44
C ASN A 500 28.59 -9.31 -72.44
N LEU A 501 27.62 -8.76 -71.72
CA LEU A 501 26.27 -9.31 -71.77
C LEU A 501 25.70 -9.23 -73.18
N VAL A 502 25.94 -8.10 -73.87
CA VAL A 502 25.52 -7.97 -75.26
C VAL A 502 26.21 -9.02 -76.12
N ASP A 503 27.48 -9.30 -75.85
CA ASP A 503 28.21 -10.31 -76.62
C ASP A 503 27.61 -11.70 -76.42
N MET A 504 27.30 -12.06 -75.17
CA MET A 504 26.67 -13.35 -74.93
C MET A 504 25.29 -13.43 -75.60
N GLU A 505 24.55 -12.32 -75.61
CA GLU A 505 23.27 -12.31 -76.31
C GLU A 505 23.47 -12.54 -77.80
N ARG A 506 24.49 -11.92 -78.38
CA ARG A 506 24.79 -12.14 -79.79
C ARG A 506 25.15 -13.60 -80.05
N LYS A 507 25.94 -14.20 -79.18
CA LYS A 507 26.31 -15.60 -79.30
C LYS A 507 25.24 -16.55 -78.77
N ASN A 508 24.25 -16.03 -78.04
CA ASN A 508 23.18 -16.85 -77.43
C ASN A 508 23.77 -17.99 -76.60
N ASP A 509 24.73 -17.65 -75.75
CA ASP A 509 25.24 -18.58 -74.77
C ASP A 509 24.13 -18.91 -73.78
N PRO A 510 23.81 -20.18 -73.53
CA PRO A 510 22.71 -20.50 -72.62
C PRO A 510 22.93 -19.91 -71.24
N LEU A 511 21.86 -19.35 -70.68
CA LEU A 511 21.79 -18.74 -69.37
C LEU A 511 21.49 -19.79 -68.32
N PRO A 512 21.73 -19.50 -67.03
CA PRO A 512 21.40 -20.47 -65.99
C PRO A 512 19.89 -20.72 -65.95
N ILE A 513 19.54 -21.93 -65.52
CA ILE A 513 18.13 -22.36 -65.54
C ILE A 513 17.28 -21.40 -64.72
N SER A 514 17.72 -21.12 -63.48
CA SER A 514 17.04 -20.17 -62.60
C SER A 514 15.54 -20.46 -62.46
N PRO A 523 10.54 -19.48 -71.61
CA PRO A 523 11.95 -19.76 -71.30
C PRO A 523 12.77 -20.05 -72.56
N LYS A 524 12.50 -19.31 -73.63
CA LYS A 524 13.25 -19.46 -74.86
C LYS A 524 14.65 -18.83 -74.71
N ARG A 525 15.53 -19.18 -75.65
CA ARG A 525 16.89 -18.64 -75.61
C ARG A 525 16.89 -17.12 -75.72
N ASP A 526 16.08 -16.58 -76.63
CA ASP A 526 15.94 -15.12 -76.72
C ASP A 526 15.12 -14.57 -75.55
N GLU A 527 14.13 -15.32 -75.08
CA GLU A 527 13.31 -14.85 -73.96
C GLU A 527 14.13 -14.80 -72.68
N GLN A 528 15.05 -15.76 -72.49
CA GLN A 528 15.91 -15.72 -71.31
C GLN A 528 16.76 -14.46 -71.29
N TYR A 529 17.35 -14.11 -72.44
CA TYR A 529 18.16 -12.90 -72.50
C TYR A 529 17.30 -11.65 -72.34
N ARG A 530 16.09 -11.66 -72.89
CA ARG A 530 15.20 -10.52 -72.73
C ARG A 530 14.86 -10.30 -71.25
N ILE A 531 14.53 -11.37 -70.54
CA ILE A 531 14.18 -11.23 -69.13
C ILE A 531 15.41 -10.86 -68.31
N MET A 532 16.60 -11.34 -68.70
CA MET A 532 17.80 -10.96 -67.96
C MET A 532 18.10 -9.47 -68.16
N TRP A 533 17.92 -8.97 -69.38
CA TRP A 533 18.07 -7.53 -69.62
C TRP A 533 17.04 -6.74 -68.82
N ASN A 534 15.81 -7.25 -68.74
CA ASN A 534 14.80 -6.57 -67.94
C ASN A 534 15.18 -6.51 -66.47
N GLU A 535 15.71 -7.61 -65.93
CA GLU A 535 16.16 -7.62 -64.54
C GLU A 535 17.35 -6.68 -64.34
N LEU A 536 18.26 -6.63 -65.31
CA LEU A 536 19.39 -5.71 -65.23
C LEU A 536 18.90 -4.26 -65.19
N GLU A 537 17.93 -3.92 -66.05
CA GLU A 537 17.37 -2.58 -66.03
C GLU A 537 16.67 -2.29 -64.71
N THR A 538 15.96 -3.28 -64.17
CA THR A 538 15.32 -3.11 -62.87
C THR A 538 16.34 -2.81 -61.78
N LEU A 539 17.47 -3.52 -61.80
CA LEU A 539 18.53 -3.26 -60.84
C LEU A 539 19.10 -1.85 -61.00
N VAL A 540 19.45 -1.49 -62.24
CA VAL A 540 20.12 -0.21 -62.48
C VAL A 540 19.15 0.95 -62.28
N ARG A 541 17.88 0.77 -62.69
CA ARG A 541 16.90 1.85 -62.55
C ARG A 541 16.64 2.22 -61.10
N ALA A 542 17.02 1.37 -60.15
CA ALA A 542 16.75 1.64 -58.74
C ALA A 542 17.85 2.42 -58.04
N HIS A 543 19.01 2.60 -58.67
CA HIS A 543 20.15 3.27 -58.05
C HIS A 543 20.51 4.57 -58.75
N ILE A 544 19.59 5.13 -59.54
CA ILE A 544 19.90 6.34 -60.30
C ILE A 544 20.07 7.56 -59.40
N ASN A 545 19.50 7.54 -58.20
CA ASN A 545 19.56 8.70 -57.32
C ASN A 545 20.88 8.82 -56.56
N ASN A 546 21.75 7.81 -56.65
CA ASN A 546 23.02 7.86 -55.94
C ASN A 546 23.92 8.96 -56.49
N SER A 547 24.11 8.99 -57.81
CA SER A 547 24.99 9.96 -58.45
C SER A 547 24.59 10.07 -59.92
N GLU A 548 25.45 10.71 -60.71
CA GLU A 548 25.20 10.87 -62.14
C GLU A 548 25.81 9.76 -62.98
N LYS A 549 26.89 9.13 -62.50
CA LYS A 549 27.48 8.02 -63.25
C LYS A 549 26.53 6.83 -63.31
N HIS A 550 25.69 6.65 -62.29
CA HIS A 550 24.63 5.66 -62.37
C HIS A 550 23.66 5.99 -63.49
N GLN A 551 23.34 7.28 -63.67
CA GLN A 551 22.51 7.70 -64.79
C GLN A 551 23.19 7.40 -66.12
N ARG A 552 24.49 7.66 -66.21
CA ARG A 552 25.21 7.39 -67.44
C ARG A 552 25.19 5.92 -67.79
N VAL A 553 25.45 5.06 -66.80
CA VAL A 553 25.43 3.62 -67.06
C VAL A 553 24.03 3.14 -67.37
N LEU A 554 23.01 3.77 -66.78
CA LEU A 554 21.63 3.42 -67.12
C LEU A 554 21.31 3.76 -68.56
N GLU A 555 21.73 4.94 -69.02
CA GLU A 555 21.51 5.31 -70.41
C GLU A 555 22.25 4.36 -71.35
N CYS A 556 23.48 3.99 -71.00
CA CYS A 556 24.21 3.03 -71.82
C CYS A 556 23.47 1.70 -71.87
N LEU A 557 22.97 1.23 -70.72
CA LEU A 557 22.26 -0.04 -70.68
C LEU A 557 20.99 0.01 -71.52
N MET A 558 20.24 1.10 -71.42
CA MET A 558 19.03 1.24 -72.23
C MET A 558 19.35 1.27 -73.72
N ALA A 559 20.42 1.97 -74.10
CA ALA A 559 20.81 2.02 -75.51
C ALA A 559 21.24 0.65 -76.01
N CYS A 560 22.03 -0.09 -75.21
CA CYS A 560 22.66 -1.31 -75.66
C CYS A 560 21.82 -2.57 -75.45
N ARG A 561 20.72 -2.48 -74.71
CA ARG A 561 19.90 -3.65 -74.49
C ARG A 561 19.14 -4.03 -75.75
N SER A 562 18.75 -5.30 -75.85
CA SER A 562 18.02 -5.81 -77.00
C SER A 562 16.51 -5.68 -76.75
N LYS A 563 16.05 -4.44 -76.82
CA LYS A 563 14.64 -4.13 -76.67
C LYS A 563 14.05 -3.80 -78.03
N PRO A 564 13.19 -4.66 -78.61
CA PRO A 564 12.57 -4.42 -79.91
C PRO A 564 11.72 -3.15 -79.94
N PRO B 2 7.56 -18.35 -18.42
CA PRO B 2 6.89 -19.25 -17.47
C PRO B 2 5.64 -18.62 -16.86
N THR B 3 4.80 -19.44 -16.23
CA THR B 3 3.56 -18.97 -15.64
C THR B 3 3.11 -19.98 -14.59
N VAL B 4 2.96 -19.53 -13.34
CA VAL B 4 2.49 -20.37 -12.26
C VAL B 4 1.04 -20.01 -11.99
N VAL B 5 0.15 -20.98 -12.15
CA VAL B 5 -1.28 -20.78 -11.94
C VAL B 5 -1.58 -21.34 -10.55
N VAL B 6 -1.52 -20.47 -9.54
CA VAL B 6 -1.85 -20.86 -8.18
C VAL B 6 -3.36 -20.75 -8.01
N MET B 7 -4.01 -21.88 -7.74
CA MET B 7 -5.46 -21.93 -7.67
C MET B 7 -5.91 -22.50 -6.34
N ASP B 8 -6.86 -21.80 -5.71
CA ASP B 8 -7.42 -22.20 -4.44
C ASP B 8 -8.30 -23.43 -4.62
N VAL B 9 -8.20 -24.38 -3.69
CA VAL B 9 -9.07 -25.54 -3.66
C VAL B 9 -9.72 -25.72 -2.30
N SER B 10 -9.71 -24.68 -1.47
CA SER B 10 -10.26 -24.78 -0.12
C SER B 10 -11.77 -24.96 -0.18
N LEU B 11 -12.38 -25.15 0.98
CA LEU B 11 -13.84 -25.24 1.06
C LEU B 11 -14.51 -23.93 0.70
N SER B 12 -13.81 -22.81 0.81
CA SER B 12 -14.40 -21.53 0.45
C SER B 12 -14.76 -21.46 -1.03
N MET B 13 -14.05 -22.19 -1.87
CA MET B 13 -14.30 -22.18 -3.31
C MET B 13 -15.33 -23.19 -3.75
N THR B 14 -15.84 -24.03 -2.85
CA THR B 14 -16.90 -24.97 -3.18
C THR B 14 -18.29 -24.44 -2.81
N ARG B 15 -18.47 -23.13 -2.81
CA ARG B 15 -19.74 -22.53 -2.45
C ARG B 15 -20.58 -22.32 -3.70
N PRO B 16 -21.80 -22.83 -3.76
CA PRO B 16 -22.65 -22.58 -4.93
C PRO B 16 -22.91 -21.09 -5.11
N VAL B 17 -22.99 -20.67 -6.36
CA VAL B 17 -23.17 -19.27 -6.73
C VAL B 17 -24.60 -19.04 -7.15
N SER B 18 -25.23 -18.01 -6.59
CA SER B 18 -26.62 -17.67 -6.89
C SER B 18 -26.68 -16.99 -8.27
N ILE B 19 -26.59 -17.80 -9.31
CA ILE B 19 -26.67 -17.33 -10.68
C ILE B 19 -28.08 -17.55 -11.19
N GLU B 20 -28.69 -16.48 -11.71
CA GLU B 20 -30.06 -16.56 -12.20
C GLU B 20 -30.12 -17.33 -13.52
N GLY B 21 -31.18 -18.11 -13.68
CA GLY B 21 -31.40 -18.84 -14.92
C GLY B 21 -30.67 -20.16 -14.98
N SER B 22 -29.34 -20.11 -15.08
CA SER B 22 -28.54 -21.32 -15.18
C SER B 22 -28.53 -22.06 -13.84
N GLU B 23 -28.09 -23.32 -13.88
CA GLU B 23 -27.99 -24.11 -12.68
C GLU B 23 -26.84 -23.60 -11.80
N GLU B 24 -26.81 -24.09 -10.56
CA GLU B 24 -25.85 -23.58 -9.59
C GLU B 24 -24.45 -24.09 -9.90
N TYR B 25 -23.53 -23.17 -10.12
CA TYR B 25 -22.12 -23.49 -10.30
C TYR B 25 -21.35 -23.12 -9.04
N GLN B 26 -20.52 -24.02 -8.56
CA GLN B 26 -19.58 -23.68 -7.51
C GLN B 26 -18.52 -22.73 -8.06
N ARG B 27 -17.93 -21.92 -7.17
CA ARG B 27 -16.91 -20.99 -7.59
C ARG B 27 -15.69 -21.72 -8.15
N LYS B 28 -15.47 -22.97 -7.72
CA LYS B 28 -14.43 -23.79 -8.32
C LYS B 28 -14.73 -24.04 -9.79
N HIS B 29 -16.01 -24.22 -10.14
CA HIS B 29 -16.37 -24.43 -11.54
C HIS B 29 -16.15 -23.17 -12.37
N LEU B 30 -16.45 -22.00 -11.81
CA LEU B 30 -16.17 -20.76 -12.52
C LEU B 30 -14.68 -20.57 -12.72
N ALA B 31 -13.87 -20.89 -11.71
CA ALA B 31 -12.43 -20.83 -11.86
C ALA B 31 -11.95 -21.80 -12.94
N ALA B 32 -12.52 -23.01 -12.95
CA ALA B 32 -12.13 -24.01 -13.94
C ALA B 32 -12.46 -23.53 -15.35
N HIS B 33 -13.63 -22.92 -15.54
CA HIS B 33 -14.00 -22.42 -16.87
C HIS B 33 -13.10 -21.28 -17.29
N GLY B 34 -12.81 -20.34 -16.38
CA GLY B 34 -11.93 -19.24 -16.73
C GLY B 34 -10.54 -19.72 -17.10
N LEU B 35 -9.97 -20.62 -16.29
CA LEU B 35 -8.66 -21.18 -16.59
C LEU B 35 -8.70 -22.01 -17.87
N THR B 36 -9.83 -22.66 -18.15
CA THR B 36 -9.98 -23.40 -19.39
C THR B 36 -9.88 -22.48 -20.60
N MET B 37 -10.57 -21.34 -20.55
CA MET B 37 -10.50 -20.43 -21.69
C MET B 37 -9.12 -19.79 -21.79
N LEU B 38 -8.49 -19.52 -20.65
CA LEU B 38 -7.13 -19.01 -20.65
C LEU B 38 -6.18 -20.02 -21.30
N PHE B 39 -6.34 -21.31 -20.98
CA PHE B 39 -5.49 -22.33 -21.57
C PHE B 39 -5.78 -22.52 -23.05
N GLU B 40 -7.03 -22.38 -23.48
CA GLU B 40 -7.32 -22.42 -24.91
C GLU B 40 -6.58 -21.29 -25.64
N HIS B 41 -6.66 -20.07 -25.11
CA HIS B 41 -5.95 -18.96 -25.74
C HIS B 41 -4.44 -19.19 -25.71
N MET B 42 -3.91 -19.67 -24.60
CA MET B 42 -2.48 -19.82 -24.45
C MET B 42 -1.93 -21.05 -25.14
N ALA B 43 -2.81 -21.93 -25.64
CA ALA B 43 -2.38 -23.03 -26.48
C ALA B 43 -2.62 -22.77 -27.96
N THR B 44 -3.48 -21.79 -28.29
CA THR B 44 -3.66 -21.43 -29.70
C THR B 44 -2.73 -20.31 -30.13
N ASN B 45 -2.51 -19.30 -29.29
CA ASN B 45 -1.73 -18.13 -29.67
C ASN B 45 -0.47 -17.90 -28.84
N TYR B 46 -0.22 -18.73 -27.83
CA TYR B 46 0.94 -18.56 -26.97
C TYR B 46 1.57 -19.92 -26.68
N LYS B 47 1.75 -20.72 -27.73
CA LYS B 47 2.06 -22.13 -27.60
C LYS B 47 3.44 -22.42 -27.04
N LEU B 48 4.29 -21.40 -26.88
CA LEU B 48 5.67 -21.61 -26.45
C LEU B 48 5.90 -21.30 -24.98
N GLU B 49 4.83 -21.20 -24.20
CA GLU B 49 4.92 -20.78 -22.80
C GLU B 49 4.80 -21.98 -21.87
N PHE B 50 5.67 -22.03 -20.88
CA PHE B 50 5.63 -23.07 -19.86
C PHE B 50 4.69 -22.66 -18.73
N THR B 51 3.74 -23.52 -18.40
CA THR B 51 2.76 -23.22 -17.37
C THR B 51 2.73 -24.36 -16.35
N ALA B 52 2.66 -24.00 -15.07
CA ALA B 52 2.56 -24.96 -13.99
C ALA B 52 1.35 -24.63 -13.13
N LEU B 53 0.62 -25.65 -12.73
CA LEU B 53 -0.59 -25.51 -11.93
C LEU B 53 -0.28 -25.92 -10.50
N VAL B 54 -0.46 -24.98 -9.57
CA VAL B 54 -0.21 -25.20 -8.16
C VAL B 54 -1.54 -25.05 -7.42
N VAL B 55 -1.96 -26.10 -6.73
CA VAL B 55 -3.18 -26.08 -5.95
C VAL B 55 -2.82 -25.94 -4.48
N PHE B 56 -3.50 -25.05 -3.77
CA PHE B 56 -3.19 -24.80 -2.37
C PHE B 56 -4.45 -24.82 -1.54
N SER B 57 -4.29 -25.28 -0.30
CA SER B 57 -5.37 -25.31 0.68
C SER B 57 -4.79 -25.21 2.07
N SER B 58 -4.78 -26.33 2.80
CA SER B 58 -4.00 -26.39 4.03
C SER B 58 -2.52 -26.54 3.76
N LEU B 59 -2.15 -26.97 2.56
CA LEU B 59 -0.76 -27.14 2.16
C LEU B 59 -0.67 -27.04 0.65
N TRP B 60 0.45 -26.53 0.17
CA TRP B 60 0.65 -26.33 -1.26
C TRP B 60 1.03 -27.63 -1.95
N GLU B 61 0.56 -27.78 -3.19
CA GLU B 61 0.85 -28.95 -4.00
C GLU B 61 1.02 -28.53 -5.45
N LEU B 62 1.86 -29.25 -6.17
CA LEU B 62 2.14 -28.98 -7.59
C LEU B 62 1.52 -30.09 -8.42
N MET B 63 0.34 -29.82 -8.99
CA MET B 63 -0.36 -30.81 -9.79
C MET B 63 0.48 -31.22 -11.01
N VAL B 64 0.74 -30.28 -11.91
CA VAL B 64 1.49 -30.53 -13.13
C VAL B 64 2.72 -29.64 -13.12
N PRO B 65 3.91 -30.18 -13.36
CA PRO B 65 5.11 -29.32 -13.45
C PRO B 65 5.08 -28.49 -14.72
N PHE B 66 6.02 -27.55 -14.80
CA PHE B 66 6.11 -26.64 -15.93
C PHE B 66 6.12 -27.40 -17.25
N THR B 67 5.09 -27.17 -18.07
CA THR B 67 4.96 -27.89 -19.32
C THR B 67 4.26 -27.00 -20.35
N ARG B 68 4.49 -27.32 -21.62
CA ARG B 68 3.76 -26.71 -22.72
C ARG B 68 2.59 -27.56 -23.18
N ASP B 69 2.38 -28.72 -22.55
CA ASP B 69 1.28 -29.62 -22.91
C ASP B 69 0.02 -29.12 -22.22
N TYR B 70 -0.64 -28.15 -22.86
CA TYR B 70 -1.83 -27.57 -22.27
C TYR B 70 -3.02 -28.52 -22.24
N ASN B 71 -2.94 -29.66 -22.91
CA ASN B 71 -3.94 -30.70 -22.70
C ASN B 71 -3.75 -31.36 -21.34
N THR B 72 -2.51 -31.46 -20.87
CA THR B 72 -2.27 -31.95 -19.52
C THR B 72 -2.83 -31.00 -18.47
N LEU B 73 -2.64 -29.69 -18.68
CA LEU B 73 -3.18 -28.70 -17.75
C LEU B 73 -4.70 -28.64 -17.85
N GLN B 74 -5.24 -28.83 -19.06
CA GLN B 74 -6.69 -28.86 -19.22
C GLN B 74 -7.29 -30.08 -18.52
N GLU B 75 -6.61 -31.21 -18.59
CA GLU B 75 -7.08 -32.41 -17.89
C GLU B 75 -7.09 -32.18 -16.39
N ALA B 76 -6.07 -31.51 -15.86
CA ALA B 76 -5.94 -31.36 -14.41
C ALA B 76 -7.06 -30.49 -13.84
N LEU B 77 -7.62 -29.59 -14.66
CA LEU B 77 -8.63 -28.67 -14.15
C LEU B 77 -9.88 -29.39 -13.68
N SER B 78 -10.23 -30.52 -14.29
CA SER B 78 -11.40 -31.28 -13.91
C SER B 78 -11.06 -32.48 -13.03
N ASN B 79 -9.80 -32.63 -12.63
CA ASN B 79 -9.33 -33.77 -11.85
C ASN B 79 -8.80 -33.33 -10.49
N MET B 80 -9.58 -32.51 -9.79
CA MET B 80 -9.13 -31.88 -8.55
C MET B 80 -10.06 -32.24 -7.40
N ASP B 81 -9.50 -32.20 -6.20
CA ASP B 81 -10.23 -32.43 -4.97
C ASP B 81 -10.51 -31.09 -4.30
N ASP B 82 -11.01 -31.14 -3.06
CA ASP B 82 -11.48 -29.94 -2.35
C ASP B 82 -10.94 -29.92 -0.92
N TYR B 83 -9.63 -30.11 -0.77
CA TYR B 83 -9.00 -29.98 0.54
C TYR B 83 -9.34 -28.64 1.16
N ASP B 84 -9.79 -28.65 2.40
CA ASP B 84 -10.31 -27.45 3.05
C ASP B 84 -9.25 -26.78 3.91
N LYS B 85 -9.49 -25.49 4.19
CA LYS B 85 -8.63 -24.53 4.89
C LYS B 85 -7.88 -23.71 3.84
N THR B 86 -7.64 -22.43 4.12
CA THR B 86 -6.98 -21.53 3.19
C THR B 86 -5.66 -21.06 3.78
N CYS B 87 -4.56 -21.33 3.08
CA CYS B 87 -3.23 -20.86 3.48
C CYS B 87 -2.51 -20.37 2.24
N LEU B 88 -2.21 -19.07 2.20
CA LEU B 88 -1.63 -18.46 1.02
C LEU B 88 -0.13 -18.29 1.09
N GLU B 89 0.41 -18.03 2.29
CA GLU B 89 1.85 -17.85 2.43
C GLU B 89 2.61 -19.12 2.06
N SER B 90 2.09 -20.28 2.48
CA SER B 90 2.72 -21.54 2.09
C SER B 90 2.66 -21.75 0.58
N ALA B 91 1.56 -21.36 -0.04
CA ALA B 91 1.44 -21.45 -1.50
C ALA B 91 2.49 -20.59 -2.18
N LEU B 92 2.70 -19.36 -1.68
CA LEU B 92 3.71 -18.50 -2.28
C LEU B 92 5.12 -19.05 -2.05
N VAL B 93 5.36 -19.65 -0.89
CA VAL B 93 6.65 -20.29 -0.65
C VAL B 93 6.88 -21.40 -1.67
N GLY B 94 5.88 -22.25 -1.90
CA GLY B 94 6.01 -23.30 -2.89
C GLY B 94 6.20 -22.76 -4.29
N VAL B 95 5.53 -21.64 -4.60
CA VAL B 95 5.70 -21.02 -5.91
C VAL B 95 7.15 -20.58 -6.10
N CYS B 96 7.70 -19.89 -5.09
CA CYS B 96 9.10 -19.48 -5.18
C CYS B 96 10.01 -20.69 -5.32
N ASN B 97 9.73 -21.76 -4.56
CA ASN B 97 10.57 -22.94 -4.62
C ASN B 97 10.59 -23.55 -6.02
N ILE B 98 9.41 -23.77 -6.61
CA ILE B 98 9.36 -24.39 -7.92
C ILE B 98 9.96 -23.48 -8.98
N VAL B 99 9.71 -22.17 -8.89
CA VAL B 99 10.24 -21.24 -9.88
C VAL B 99 11.76 -21.25 -9.85
N GLN B 100 12.34 -21.14 -8.66
CA GLN B 100 13.79 -21.09 -8.56
C GLN B 100 14.43 -22.44 -8.85
N GLN B 101 13.73 -23.54 -8.57
CA GLN B 101 14.28 -24.86 -8.85
C GLN B 101 14.16 -25.26 -10.31
N GLU B 102 13.30 -24.59 -11.08
CA GLU B 102 13.18 -24.90 -12.50
C GLU B 102 13.92 -23.91 -13.40
N TRP B 103 13.78 -22.61 -13.14
CA TRP B 103 14.27 -21.60 -14.07
C TRP B 103 15.50 -20.83 -13.57
N GLY B 104 15.66 -20.64 -12.27
CA GLY B 104 16.82 -19.92 -11.78
C GLY B 104 16.48 -18.71 -10.93
N GLY B 105 17.03 -17.56 -11.28
CA GLY B 105 16.83 -16.36 -10.48
C GLY B 105 16.68 -15.08 -11.28
N ALA B 106 16.57 -15.19 -12.60
CA ALA B 106 16.41 -14.01 -13.45
C ALA B 106 15.31 -14.15 -14.49
N ILE B 107 14.76 -15.34 -14.70
CA ILE B 107 13.72 -15.53 -15.70
C ILE B 107 12.39 -15.05 -15.12
N PRO B 108 11.69 -14.14 -15.80
CA PRO B 108 10.40 -13.66 -15.27
C PRO B 108 9.37 -14.78 -15.17
N CYS B 109 8.49 -14.66 -14.19
CA CYS B 109 7.45 -15.66 -13.95
C CYS B 109 6.17 -14.95 -13.56
N GLN B 110 5.17 -15.00 -14.43
CA GLN B 110 3.86 -14.41 -14.12
C GLN B 110 3.05 -15.39 -13.29
N VAL B 111 2.59 -14.94 -12.13
CA VAL B 111 1.88 -15.78 -11.18
C VAL B 111 0.42 -15.39 -11.23
N VAL B 112 -0.45 -16.34 -11.60
CA VAL B 112 -1.88 -16.11 -11.71
C VAL B 112 -2.52 -16.75 -10.48
N LEU B 113 -2.79 -15.94 -9.47
CA LEU B 113 -3.40 -16.41 -8.23
C LEU B 113 -4.92 -16.45 -8.39
N VAL B 114 -5.47 -17.64 -8.57
CA VAL B 114 -6.93 -17.79 -8.71
C VAL B 114 -7.48 -17.96 -7.30
N THR B 115 -7.68 -16.83 -6.63
CA THR B 115 -8.11 -16.81 -5.25
C THR B 115 -9.62 -16.80 -5.17
N ASP B 116 -10.14 -16.54 -3.97
CA ASP B 116 -11.58 -16.43 -3.74
C ASP B 116 -11.97 -15.21 -2.94
N GLY B 117 -11.07 -14.62 -2.16
CA GLY B 117 -11.39 -13.49 -1.32
C GLY B 117 -11.79 -13.84 0.10
N CYS B 118 -11.89 -15.12 0.44
CA CYS B 118 -12.23 -15.50 1.80
C CYS B 118 -11.07 -15.27 2.76
N LEU B 119 -9.86 -15.14 2.25
CA LEU B 119 -8.67 -14.76 3.02
C LEU B 119 -8.29 -15.81 4.05
N GLY B 120 -9.08 -15.98 5.09
CA GLY B 120 -8.79 -16.96 6.12
C GLY B 120 -9.32 -16.51 7.46
N ILE B 121 -8.96 -17.29 8.49
CA ILE B 121 -9.43 -17.06 9.85
C ILE B 121 -8.28 -16.86 10.83
N GLY B 122 -7.23 -17.66 10.74
CA GLY B 122 -6.16 -17.56 11.71
C GLY B 122 -4.98 -18.42 11.32
N ARG B 123 -4.01 -18.47 12.22
CA ARG B 123 -2.77 -19.22 12.00
C ARG B 123 -2.06 -18.74 10.75
N GLY B 124 -2.16 -19.51 9.67
CA GLY B 124 -1.51 -19.15 8.43
C GLY B 124 -2.40 -18.38 7.47
N SER B 125 -3.49 -17.80 8.00
CA SER B 125 -4.40 -17.03 7.18
C SER B 125 -3.71 -15.80 6.59
N LEU B 126 -4.39 -15.15 5.65
CA LEU B 126 -3.76 -14.02 4.96
C LEU B 126 -3.68 -12.79 5.86
N ARG B 127 -4.75 -12.50 6.61
CA ARG B 127 -4.70 -11.35 7.51
C ARG B 127 -3.62 -11.55 8.58
N HIS B 128 -3.55 -12.74 9.16
CA HIS B 128 -2.59 -13.00 10.22
C HIS B 128 -1.16 -12.90 9.71
N SER B 129 -0.86 -13.56 8.59
CA SER B 129 0.50 -13.54 8.07
C SER B 129 0.86 -12.20 7.45
N LEU B 130 -0.14 -11.44 7.02
CA LEU B 130 0.09 -10.12 6.46
C LEU B 130 0.41 -9.11 7.56
N ALA B 131 -0.30 -9.18 8.68
CA ALA B 131 -0.04 -8.25 9.77
C ALA B 131 1.25 -8.60 10.51
N THR B 132 1.47 -9.89 10.77
CA THR B 132 2.59 -10.30 11.60
C THR B 132 3.89 -10.37 10.82
N GLN B 133 3.95 -11.26 9.82
CA GLN B 133 5.22 -11.58 9.18
C GLN B 133 5.78 -10.43 8.33
N ASN B 134 4.96 -9.45 8.00
CA ASN B 134 5.46 -8.31 7.23
C ASN B 134 6.49 -7.52 8.03
N GLN B 135 6.22 -7.29 9.32
CA GLN B 135 7.12 -6.56 10.18
C GLN B 135 7.89 -7.46 11.15
N ARG B 136 7.83 -8.77 10.94
CA ARG B 136 8.52 -9.70 11.83
C ARG B 136 9.83 -10.22 11.25
N SER B 137 9.95 -10.30 9.92
CA SER B 137 11.17 -10.76 9.26
C SER B 137 11.56 -12.15 9.73
N GLU B 138 12.65 -12.23 10.49
CA GLU B 138 13.14 -13.49 11.06
C GLU B 138 13.49 -14.50 9.97
N SER B 139 13.66 -15.77 10.36
CA SER B 139 14.03 -16.80 9.39
C SER B 139 12.94 -17.01 8.36
N ASN B 140 11.68 -17.04 8.79
CA ASN B 140 10.55 -17.25 7.89
C ASN B 140 10.11 -15.91 7.34
N ARG B 141 10.72 -15.50 6.23
CA ARG B 141 10.37 -14.24 5.59
C ARG B 141 9.12 -14.40 4.74
N PHE B 142 8.40 -13.31 4.56
CA PHE B 142 7.22 -13.32 3.72
C PHE B 142 7.64 -13.37 2.26
N PRO B 143 7.30 -14.43 1.52
CA PRO B 143 7.82 -14.56 0.15
C PRO B 143 6.96 -13.83 -0.87
N LEU B 144 6.53 -12.62 -0.55
CA LEU B 144 5.71 -11.87 -1.49
C LEU B 144 6.58 -11.14 -2.52
N PRO B 145 7.64 -10.41 -2.12
CA PRO B 145 8.52 -9.82 -3.13
C PRO B 145 9.36 -10.91 -3.80
N PHE B 146 8.76 -11.56 -4.80
CA PHE B 146 9.34 -12.76 -5.37
C PHE B 146 10.77 -12.50 -5.82
N PRO B 147 11.72 -13.41 -5.56
CA PRO B 147 13.11 -13.24 -5.98
C PRO B 147 13.31 -13.48 -7.47
N PHE B 148 12.43 -12.91 -8.28
CA PHE B 148 12.49 -12.98 -9.73
C PHE B 148 11.52 -11.94 -10.29
N PRO B 149 11.72 -11.50 -11.53
CA PRO B 149 10.85 -10.45 -12.09
C PRO B 149 9.45 -10.95 -12.34
N SER B 150 8.65 -11.01 -11.28
CA SER B 150 7.33 -11.61 -11.32
C SER B 150 6.25 -10.58 -11.61
N LYS B 151 5.02 -11.07 -11.78
CA LYS B 151 3.85 -10.21 -11.94
C LYS B 151 2.66 -10.99 -11.39
N LEU B 152 2.28 -10.69 -10.15
CA LEU B 152 1.25 -11.46 -9.45
C LEU B 152 -0.12 -10.92 -9.82
N TYR B 153 -0.90 -11.73 -10.53
CA TYR B 153 -2.30 -11.40 -10.82
C TYR B 153 -3.19 -12.18 -9.87
N ILE B 154 -4.13 -11.49 -9.24
CA ILE B 154 -5.05 -12.10 -8.29
C ILE B 154 -6.44 -12.10 -8.93
N MET B 155 -6.89 -13.28 -9.35
CA MET B 155 -8.21 -13.42 -9.97
C MET B 155 -9.22 -13.77 -8.90
N CYS B 156 -9.57 -12.77 -8.09
CA CYS B 156 -10.50 -12.95 -6.98
C CYS B 156 -11.91 -13.02 -7.54
N MET B 157 -12.44 -14.24 -7.67
CA MET B 157 -13.78 -14.44 -8.21
C MET B 157 -14.79 -14.43 -7.06
N ALA B 158 -15.06 -13.24 -6.56
CA ALA B 158 -16.08 -13.04 -5.53
C ALA B 158 -16.88 -11.80 -5.90
N ASN B 159 -17.92 -12.00 -6.70
CA ASN B 159 -18.86 -10.95 -7.12
C ASN B 159 -18.08 -9.73 -7.60
N LEU B 160 -18.68 -8.56 -7.53
CA LEU B 160 -17.98 -7.31 -7.77
C LEU B 160 -17.04 -7.03 -6.61
N GLU B 161 -16.37 -5.89 -6.64
CA GLU B 161 -15.59 -5.47 -5.48
C GLU B 161 -16.48 -5.17 -4.27
N GLU B 162 -17.80 -5.37 -4.39
CA GLU B 162 -18.67 -5.31 -3.22
C GLU B 162 -18.31 -6.42 -2.24
N LEU B 163 -18.44 -7.68 -2.67
CA LEU B 163 -18.13 -8.81 -1.80
C LEU B 163 -16.69 -8.74 -1.30
N GLN B 164 -15.80 -8.11 -2.07
CA GLN B 164 -14.46 -7.85 -1.61
C GLN B 164 -14.39 -6.70 -0.60
N SER B 165 -15.31 -5.74 -0.69
CA SER B 165 -15.27 -4.59 0.22
C SER B 165 -16.08 -4.79 1.49
N THR B 166 -16.98 -5.78 1.53
CA THR B 166 -17.69 -6.04 2.78
C THR B 166 -16.81 -6.71 3.83
N ASP B 167 -15.86 -7.56 3.42
CA ASP B 167 -15.04 -8.27 4.39
C ASP B 167 -13.64 -7.72 4.34
N SER B 168 -12.91 -7.85 3.24
CA SER B 168 -11.57 -7.28 3.11
C SER B 168 -11.10 -7.35 1.67
N LEU B 169 -10.71 -6.21 1.12
CA LEU B 169 -9.99 -6.13 -0.15
C LEU B 169 -8.66 -5.41 -0.01
N GLU B 170 -8.52 -4.58 1.02
CA GLU B 170 -7.23 -3.94 1.30
C GLU B 170 -6.15 -4.96 1.54
N CYS B 171 -6.49 -6.14 2.08
CA CYS B 171 -5.50 -7.18 2.28
C CYS B 171 -4.92 -7.66 0.95
N LEU B 172 -5.78 -7.90 -0.05
CA LEU B 172 -5.29 -8.34 -1.35
C LEU B 172 -4.55 -7.21 -2.06
N GLU B 173 -5.09 -5.99 -2.00
CA GLU B 173 -4.42 -4.86 -2.65
C GLU B 173 -3.07 -4.58 -2.01
N ARG B 174 -2.91 -4.91 -0.73
CA ARG B 174 -1.60 -4.84 -0.09
C ARG B 174 -0.72 -6.01 -0.54
N LEU B 175 -1.31 -7.20 -0.68
CA LEU B 175 -0.58 -8.35 -1.21
C LEU B 175 0.06 -8.02 -2.54
N ILE B 176 -0.64 -7.28 -3.40
CA ILE B 176 -0.03 -6.82 -4.64
C ILE B 176 1.08 -5.82 -4.36
N ASP B 177 0.93 -4.99 -3.32
CA ASP B 177 1.87 -3.90 -3.08
C ASP B 177 3.25 -4.41 -2.67
N LEU B 178 3.31 -5.45 -1.85
CA LEU B 178 4.62 -6.01 -1.50
C LEU B 178 5.32 -6.66 -2.70
N ASN B 179 4.61 -6.86 -3.80
CA ASN B 179 5.24 -7.23 -5.05
C ASN B 179 5.70 -6.02 -5.85
N ASN B 180 5.93 -4.89 -5.17
CA ASN B 180 6.36 -3.64 -5.80
C ASN B 180 5.34 -3.14 -6.82
N GLY B 181 4.06 -3.40 -6.57
CA GLY B 181 3.01 -2.95 -7.46
C GLY B 181 2.93 -3.68 -8.77
N GLU B 182 3.74 -4.70 -8.99
CA GLU B 182 3.73 -5.47 -10.23
C GLU B 182 2.60 -6.50 -10.15
N GLY B 183 1.40 -6.07 -10.52
CA GLY B 183 0.26 -6.97 -10.50
C GLY B 183 -1.00 -6.23 -10.86
N GLN B 184 -2.12 -6.94 -10.75
CA GLN B 184 -3.42 -6.36 -11.03
C GLN B 184 -4.50 -7.21 -10.38
N ILE B 185 -5.38 -6.56 -9.61
CA ILE B 185 -6.53 -7.24 -9.02
C ILE B 185 -7.64 -7.31 -10.05
N PHE B 186 -8.17 -8.51 -10.27
CA PHE B 186 -9.25 -8.73 -11.22
C PHE B 186 -10.48 -9.21 -10.46
N THR B 187 -11.58 -8.47 -10.55
CA THR B 187 -12.80 -8.78 -9.84
C THR B 187 -13.96 -8.90 -10.82
N ILE B 188 -14.82 -9.89 -10.57
CA ILE B 188 -15.90 -10.21 -11.51
C ILE B 188 -16.96 -9.11 -11.43
N ASP B 189 -17.02 -8.26 -12.46
CA ASP B 189 -17.99 -7.18 -12.47
C ASP B 189 -19.40 -7.72 -12.48
N GLY B 190 -20.31 -7.03 -11.79
CA GLY B 190 -21.69 -7.43 -11.71
C GLY B 190 -21.86 -8.75 -10.99
N PRO B 191 -22.76 -9.59 -11.49
CA PRO B 191 -22.97 -10.91 -10.86
C PRO B 191 -21.88 -11.90 -11.28
N LEU B 192 -22.02 -13.16 -10.86
CA LEU B 192 -21.03 -14.19 -11.16
C LEU B 192 -21.47 -15.06 -12.33
N CYS B 193 -22.14 -14.49 -13.31
CA CYS B 193 -22.48 -15.24 -14.51
C CYS B 193 -21.22 -15.58 -15.31
N LEU B 194 -21.29 -16.67 -16.06
CA LEU B 194 -20.12 -17.15 -16.81
C LEU B 194 -19.57 -16.09 -17.75
N LYS B 195 -20.43 -15.25 -18.32
CA LYS B 195 -19.96 -14.21 -19.22
C LYS B 195 -19.01 -13.26 -18.50
N ASN B 196 -19.28 -12.97 -17.23
CA ASN B 196 -18.46 -12.00 -16.51
C ASN B 196 -17.10 -12.59 -16.11
N VAL B 197 -17.07 -13.86 -15.71
CA VAL B 197 -15.78 -14.48 -15.42
C VAL B 197 -14.96 -14.63 -16.69
N GLN B 198 -15.63 -14.92 -17.82
CA GLN B 198 -14.93 -14.96 -19.09
C GLN B 198 -14.40 -13.58 -19.47
N SER B 199 -15.16 -12.52 -19.16
CA SER B 199 -14.67 -11.16 -19.39
C SER B 199 -13.43 -10.87 -18.54
N MET B 200 -13.45 -11.32 -17.28
CA MET B 200 -12.29 -11.10 -16.41
C MET B 200 -11.06 -11.82 -16.94
N PHE B 201 -11.22 -13.07 -17.37
CA PHE B 201 -10.07 -13.79 -17.90
C PHE B 201 -9.66 -13.26 -19.27
N GLY B 202 -10.58 -12.66 -20.01
CA GLY B 202 -10.20 -11.97 -21.23
C GLY B 202 -9.36 -10.73 -20.95
N LYS B 203 -9.72 -9.99 -19.90
CA LYS B 203 -8.88 -8.88 -19.47
C LYS B 203 -7.49 -9.37 -19.08
N LEU B 204 -7.41 -10.49 -18.36
CA LEU B 204 -6.11 -11.06 -18.03
C LEU B 204 -5.34 -11.45 -19.28
N ILE B 205 -6.02 -12.07 -20.25
CA ILE B 205 -5.37 -12.52 -21.48
C ILE B 205 -4.80 -11.32 -22.23
N ASP B 206 -5.59 -10.26 -22.37
CA ASP B 206 -5.10 -9.06 -23.05
C ASP B 206 -3.95 -8.43 -22.29
N LEU B 207 -4.02 -8.43 -20.96
CA LEU B 207 -2.99 -7.75 -20.18
C LEU B 207 -1.67 -8.50 -20.18
N ALA B 208 -1.70 -9.84 -20.19
CA ALA B 208 -0.50 -10.61 -19.93
C ALA B 208 -0.10 -11.59 -21.03
N TYR B 209 -1.04 -12.09 -21.82
CA TYR B 209 -0.76 -13.17 -22.75
C TYR B 209 -1.16 -12.80 -24.17
N THR B 210 -0.77 -11.60 -24.59
CA THR B 210 -0.89 -11.23 -26.00
C THR B 210 0.49 -11.23 -26.63
N PRO B 211 0.69 -11.94 -27.75
CA PRO B 211 2.04 -12.06 -28.31
C PRO B 211 2.58 -10.73 -28.81
N PHE B 212 3.89 -10.59 -28.74
CA PHE B 212 4.59 -9.38 -29.15
C PHE B 212 4.95 -9.52 -30.62
N HIS B 213 4.10 -8.98 -31.48
CA HIS B 213 4.36 -9.00 -32.91
C HIS B 213 5.24 -7.81 -33.29
N ALA B 214 6.23 -8.07 -34.13
CA ALA B 214 7.20 -7.06 -34.53
C ALA B 214 7.42 -7.17 -36.04
N VAL B 215 8.38 -6.39 -36.54
CA VAL B 215 8.77 -6.44 -37.94
C VAL B 215 10.29 -6.42 -37.99
N LEU B 216 10.86 -7.36 -38.74
CA LEU B 216 12.30 -7.49 -38.87
C LEU B 216 12.73 -6.95 -40.22
N LYS B 217 13.64 -5.98 -40.21
CA LYS B 217 14.08 -5.33 -41.44
C LYS B 217 15.59 -5.36 -41.54
N CYS B 218 16.08 -5.62 -42.75
CA CYS B 218 17.48 -5.45 -43.11
C CYS B 218 17.48 -4.61 -44.38
N GLY B 219 17.41 -3.29 -44.20
CA GLY B 219 17.19 -2.42 -45.33
C GLY B 219 15.79 -2.57 -45.87
N HIS B 220 15.67 -3.17 -47.05
CA HIS B 220 14.37 -3.44 -47.65
C HIS B 220 13.88 -4.86 -47.42
N LEU B 221 14.79 -5.80 -47.14
CA LEU B 221 14.40 -7.17 -46.82
C LEU B 221 13.65 -7.16 -45.49
N THR B 222 12.34 -7.41 -45.55
CA THR B 222 11.48 -7.32 -44.39
C THR B 222 10.92 -8.70 -44.02
N ALA B 223 10.44 -8.80 -42.78
CA ALA B 223 9.81 -10.02 -42.31
C ALA B 223 8.89 -9.67 -41.15
N ASP B 224 7.65 -10.14 -41.22
CA ASP B 224 6.73 -9.99 -40.10
C ASP B 224 6.99 -11.12 -39.12
N VAL B 225 7.50 -10.79 -37.95
CA VAL B 225 8.00 -11.77 -37.00
C VAL B 225 7.19 -11.69 -35.71
N GLN B 226 7.51 -12.57 -34.77
CA GLN B 226 6.99 -12.56 -33.43
C GLN B 226 8.14 -12.84 -32.47
N VAL B 227 8.22 -12.07 -31.40
CA VAL B 227 9.30 -12.18 -30.43
C VAL B 227 8.74 -12.79 -29.16
N PHE B 228 9.23 -13.97 -28.80
CA PHE B 228 8.84 -14.63 -27.56
C PHE B 228 10.04 -14.73 -26.63
N PRO B 229 9.92 -14.35 -25.36
CA PRO B 229 8.74 -13.78 -24.69
C PRO B 229 8.52 -12.33 -25.08
N ARG B 230 7.45 -11.71 -24.62
CA ARG B 230 7.29 -10.28 -24.81
C ARG B 230 8.33 -9.55 -23.97
N PRO B 231 9.18 -8.72 -24.57
CA PRO B 231 10.22 -8.05 -23.78
C PRO B 231 9.64 -7.21 -22.66
N GLU B 232 10.29 -7.24 -21.50
CA GLU B 232 9.85 -6.47 -20.35
C GLU B 232 10.46 -5.08 -20.38
N PRO B 233 9.67 -4.05 -20.06
CA PRO B 233 10.20 -2.69 -20.04
C PRO B 233 11.37 -2.55 -19.07
N PHE B 234 12.33 -1.71 -19.45
CA PHE B 234 13.55 -1.49 -18.69
C PHE B 234 13.65 -0.01 -18.33
N VAL B 235 14.12 0.27 -17.13
CA VAL B 235 14.36 1.63 -16.67
C VAL B 235 15.85 1.78 -16.35
N VAL B 236 16.47 2.84 -16.87
CA VAL B 236 17.90 3.03 -16.70
C VAL B 236 18.22 3.32 -15.24
N ASP B 237 17.51 4.27 -14.65
CA ASP B 237 17.68 4.64 -13.25
C ASP B 237 16.47 5.47 -12.83
N GLU B 238 16.39 5.78 -11.54
CA GLU B 238 15.26 6.51 -11.00
C GLU B 238 15.55 7.98 -10.73
N GLU B 239 16.65 8.51 -11.28
CA GLU B 239 17.00 9.90 -11.04
C GLU B 239 17.08 10.70 -12.33
N ILE B 240 17.63 10.11 -13.37
CA ILE B 240 17.83 10.79 -14.66
C ILE B 240 16.78 10.36 -15.68
N ASP B 241 16.64 9.05 -15.90
CA ASP B 241 15.77 8.49 -16.93
C ASP B 241 14.81 7.50 -16.27
N PRO B 242 13.81 7.99 -15.54
CA PRO B 242 12.96 7.08 -14.77
C PRO B 242 11.90 6.36 -15.59
N ILE B 243 11.48 6.91 -16.72
CA ILE B 243 10.37 6.30 -17.47
C ILE B 243 10.83 4.96 -18.05
N PRO B 244 9.97 3.96 -18.11
CA PRO B 244 10.36 2.69 -18.74
C PRO B 244 10.36 2.81 -20.26
N LYS B 245 11.38 2.22 -20.88
CA LYS B 245 11.53 2.25 -22.33
C LYS B 245 11.27 0.85 -22.89
N VAL B 246 10.30 0.75 -23.80
CA VAL B 246 10.02 -0.49 -24.49
C VAL B 246 10.79 -0.48 -25.80
N ILE B 247 10.99 -1.67 -26.38
CA ILE B 247 11.72 -1.76 -27.63
C ILE B 247 10.85 -1.28 -28.78
N ASN B 248 11.50 -1.00 -29.91
CA ASN B 248 10.80 -0.58 -31.10
C ASN B 248 10.04 -1.76 -31.71
N THR B 249 8.86 -1.48 -32.26
CA THR B 249 8.09 -2.52 -32.93
C THR B 249 8.80 -3.02 -34.17
N ASP B 250 9.68 -2.21 -34.76
CA ASP B 250 10.42 -2.58 -35.96
C ASP B 250 11.89 -2.80 -35.59
N LEU B 251 12.32 -4.05 -35.64
CA LEU B 251 13.71 -4.39 -35.35
C LEU B 251 14.55 -4.08 -36.57
N GLU B 252 15.37 -3.04 -36.49
CA GLU B 252 16.13 -2.55 -37.63
C GLU B 252 17.57 -3.05 -37.54
N ILE B 253 17.90 -4.03 -38.38
CA ILE B 253 19.28 -4.48 -38.49
C ILE B 253 20.13 -3.36 -39.06
N VAL B 254 21.20 -3.02 -38.36
CA VAL B 254 22.09 -1.95 -38.79
C VAL B 254 23.43 -2.45 -39.28
N GLY B 255 23.85 -3.65 -38.91
CA GLY B 255 25.16 -4.14 -39.33
C GLY B 255 25.40 -5.50 -38.74
N PHE B 256 26.54 -6.07 -39.12
CA PHE B 256 26.90 -7.43 -38.72
C PHE B 256 28.30 -7.43 -38.13
N ILE B 257 28.46 -8.18 -37.05
CA ILE B 257 29.73 -8.31 -36.36
C ILE B 257 30.06 -9.78 -36.24
N ASP B 258 31.30 -10.14 -36.56
CA ASP B 258 31.71 -11.54 -36.51
C ASP B 258 31.52 -12.08 -35.09
N ILE B 259 31.03 -13.31 -35.00
CA ILE B 259 30.65 -13.88 -33.71
C ILE B 259 31.86 -14.04 -32.80
N ALA B 260 33.07 -13.97 -33.35
CA ALA B 260 34.28 -13.95 -32.53
C ALA B 260 34.66 -12.54 -32.11
N ASP B 261 34.25 -11.52 -32.87
CA ASP B 261 34.50 -10.14 -32.47
C ASP B 261 33.54 -9.68 -31.39
N ILE B 262 32.32 -10.21 -31.37
CA ILE B 262 31.39 -9.87 -30.30
C ILE B 262 31.69 -10.69 -29.05
N SER B 263 32.28 -11.88 -29.22
CA SER B 263 32.71 -12.73 -28.11
C SER B 263 31.48 -13.20 -27.34
N SER B 264 31.32 -12.83 -26.07
CA SER B 264 30.15 -13.20 -25.28
C SER B 264 29.62 -11.95 -24.61
N PRO B 265 28.58 -11.33 -25.17
CA PRO B 265 28.10 -10.07 -24.62
C PRO B 265 27.08 -10.28 -23.54
N PRO B 266 27.18 -9.56 -22.42
CA PRO B 266 26.10 -9.56 -21.44
C PRO B 266 24.83 -9.00 -22.06
N VAL B 267 23.70 -9.66 -21.75
CA VAL B 267 22.42 -9.26 -22.31
C VAL B 267 21.38 -9.22 -21.20
N LEU B 268 20.34 -8.43 -21.43
CA LEU B 268 19.22 -8.38 -20.49
C LEU B 268 18.41 -9.67 -20.52
N SER B 269 18.05 -10.13 -21.71
CA SER B 269 17.18 -11.28 -21.86
C SER B 269 17.30 -11.80 -23.28
N ARG B 270 17.16 -13.11 -23.42
CA ARG B 270 17.29 -13.80 -24.70
C ARG B 270 15.90 -14.08 -25.25
N HIS B 271 15.69 -13.79 -26.53
CA HIS B 271 14.38 -13.88 -27.15
C HIS B 271 14.46 -14.70 -28.44
N LEU B 272 13.31 -15.21 -28.85
CA LEU B 272 13.21 -16.12 -29.99
C LEU B 272 12.36 -15.46 -31.06
N VAL B 273 12.94 -15.27 -32.24
CA VAL B 273 12.28 -14.60 -33.36
C VAL B 273 11.70 -15.66 -34.27
N LEU B 274 10.39 -15.61 -34.51
CA LEU B 274 9.69 -16.62 -35.26
C LEU B 274 8.79 -15.95 -36.30
N PRO B 275 8.91 -16.32 -37.58
CA PRO B 275 8.05 -15.71 -38.59
C PRO B 275 6.59 -16.09 -38.41
N ILE B 276 5.70 -15.18 -38.79
CA ILE B 276 4.27 -15.40 -38.73
C ILE B 276 3.66 -15.07 -40.08
N ALA B 277 2.48 -15.61 -40.33
CA ALA B 277 1.75 -15.41 -41.59
C ALA B 277 0.66 -14.37 -41.36
N LEU B 278 0.74 -13.28 -42.11
CA LEU B 278 -0.25 -12.21 -42.02
C LEU B 278 -0.93 -11.96 -43.36
N ASN B 297 -3.46 -28.51 -43.73
CA ASN B 297 -2.04 -28.33 -44.02
C ASN B 297 -1.81 -26.99 -44.72
N SER B 298 -2.65 -26.00 -44.41
CA SER B 298 -2.52 -24.69 -45.03
C SER B 298 -1.21 -24.00 -44.62
N ALA B 299 -0.84 -24.12 -43.34
CA ALA B 299 0.35 -23.45 -42.84
C ALA B 299 1.64 -24.02 -43.45
N ASN B 300 1.60 -25.24 -43.96
CA ASN B 300 2.77 -25.86 -44.59
C ASN B 300 2.70 -25.87 -46.10
N GLN B 301 1.66 -25.28 -46.68
CA GLN B 301 1.48 -25.27 -48.13
C GLN B 301 1.31 -23.88 -48.72
N ILE B 302 0.74 -22.94 -47.99
CA ILE B 302 0.57 -21.57 -48.48
C ILE B 302 1.68 -20.71 -47.90
N ALA B 303 1.73 -20.61 -46.57
CA ALA B 303 2.77 -19.82 -45.92
C ALA B 303 4.09 -20.57 -45.81
N GLY B 304 4.09 -21.89 -46.00
CA GLY B 304 5.31 -22.65 -45.94
C GLY B 304 6.13 -22.66 -47.20
N LYS B 305 5.61 -22.07 -48.28
CA LYS B 305 6.32 -22.01 -49.55
C LYS B 305 6.77 -20.61 -49.93
N ILE B 306 6.14 -19.57 -49.38
CA ILE B 306 6.58 -18.20 -49.66
C ILE B 306 7.89 -17.94 -48.92
N PRO B 307 8.94 -17.49 -49.60
CA PRO B 307 10.22 -17.28 -48.92
C PRO B 307 10.12 -16.21 -47.86
N ASN B 308 10.58 -16.54 -46.65
CA ASN B 308 10.57 -15.63 -45.52
C ASN B 308 11.99 -15.12 -45.27
N PHE B 309 12.10 -13.93 -44.68
CA PHE B 309 13.41 -13.38 -44.42
C PHE B 309 14.07 -14.02 -43.20
N CYS B 310 13.29 -14.47 -42.22
CA CYS B 310 13.89 -15.06 -41.03
C CYS B 310 14.65 -16.33 -41.39
N VAL B 311 14.15 -17.10 -42.37
CA VAL B 311 14.82 -18.35 -42.74
C VAL B 311 16.13 -18.06 -43.45
N LEU B 312 16.13 -17.08 -44.37
CA LEU B 312 17.35 -16.68 -45.05
C LEU B 312 18.36 -16.13 -44.06
N LEU B 313 17.91 -15.27 -43.15
CA LEU B 313 18.78 -14.68 -42.15
C LEU B 313 19.37 -15.76 -41.25
N HIS B 314 18.54 -16.70 -40.79
CA HIS B 314 19.03 -17.75 -39.92
C HIS B 314 20.05 -18.64 -40.63
N GLY B 315 19.76 -19.02 -41.87
CA GLY B 315 20.71 -19.84 -42.60
C GLY B 315 22.04 -19.15 -42.80
N SER B 316 22.01 -17.89 -43.23
CA SER B 316 23.26 -17.17 -43.47
C SER B 316 24.01 -16.88 -42.17
N LEU B 317 23.30 -16.60 -41.08
CA LEU B 317 23.95 -16.38 -39.79
C LEU B 317 24.61 -17.66 -39.29
N LYS B 318 23.92 -18.80 -39.42
CA LYS B 318 24.49 -20.07 -38.99
C LYS B 318 25.68 -20.47 -39.84
N VAL B 319 25.64 -20.18 -41.14
CA VAL B 319 26.71 -20.61 -42.04
C VAL B 319 27.92 -19.70 -41.92
N GLU B 320 27.73 -18.39 -42.13
CA GLU B 320 28.86 -17.47 -42.06
C GLU B 320 29.39 -17.34 -40.64
N GLY B 321 28.54 -17.53 -39.64
CA GLY B 321 28.95 -17.40 -38.25
C GLY B 321 29.04 -15.95 -37.81
N MET B 322 27.91 -15.24 -37.86
CA MET B 322 27.88 -13.82 -37.58
C MET B 322 26.68 -13.50 -36.71
N VAL B 323 26.58 -12.24 -36.29
CA VAL B 323 25.39 -11.70 -35.68
C VAL B 323 24.91 -10.52 -36.52
N ALA B 324 23.75 -9.98 -36.15
CA ALA B 324 23.13 -8.88 -36.88
C ALA B 324 22.67 -7.85 -35.86
N ILE B 325 23.47 -6.81 -35.66
CA ILE B 325 23.14 -5.80 -34.67
C ILE B 325 21.81 -5.14 -35.03
N VAL B 326 20.96 -4.96 -34.02
CA VAL B 326 19.59 -4.52 -34.21
C VAL B 326 19.37 -3.25 -33.41
N GLN B 327 18.71 -2.27 -34.01
CA GLN B 327 18.36 -1.03 -33.33
C GLN B 327 16.96 -1.17 -32.75
N LEU B 328 16.88 -1.46 -31.45
CA LEU B 328 15.60 -1.60 -30.77
C LEU B 328 15.02 -0.27 -30.31
N GLY B 329 15.75 0.82 -30.49
CA GLY B 329 15.28 2.13 -30.11
C GLY B 329 16.41 3.13 -30.08
N PRO B 330 16.12 4.37 -29.68
CA PRO B 330 17.19 5.36 -29.51
C PRO B 330 18.10 4.94 -28.37
N GLU B 331 19.39 4.78 -28.69
CA GLU B 331 20.44 4.38 -27.75
C GLU B 331 20.24 2.98 -27.19
N TRP B 332 19.36 2.17 -27.78
CA TRP B 332 19.18 0.78 -27.41
C TRP B 332 19.51 -0.10 -28.60
N HIS B 333 20.28 -1.15 -28.35
CA HIS B 333 20.74 -2.02 -29.42
C HIS B 333 20.63 -3.48 -28.98
N GLY B 334 20.52 -4.35 -29.97
CA GLY B 334 20.40 -5.78 -29.72
C GLY B 334 21.28 -6.60 -30.63
N MET B 335 20.96 -7.88 -30.78
CA MET B 335 21.74 -8.77 -31.63
C MET B 335 20.87 -9.94 -32.05
N LEU B 336 21.11 -10.45 -33.26
CA LEU B 336 20.41 -11.61 -33.79
C LEU B 336 21.44 -12.66 -34.17
N TYR B 337 21.20 -13.90 -33.78
CA TYR B 337 22.13 -14.97 -34.07
C TYR B 337 21.34 -16.26 -34.28
N SER B 338 22.06 -17.37 -34.44
CA SER B 338 21.46 -18.68 -34.67
C SER B 338 21.57 -19.50 -33.40
N GLN B 339 20.42 -19.99 -32.92
CA GLN B 339 20.35 -20.84 -31.74
C GLN B 339 20.97 -20.17 -30.51
N LYS B 343 21.26 -29.30 -28.49
CA LYS B 343 20.68 -30.30 -29.39
C LYS B 343 21.08 -30.06 -30.83
N LYS B 344 20.10 -30.07 -31.72
CA LYS B 344 20.33 -29.84 -33.14
C LYS B 344 19.36 -28.79 -33.67
N LYS B 345 18.20 -28.66 -33.03
CA LYS B 345 17.17 -27.73 -33.48
C LYS B 345 17.66 -26.29 -33.28
N SER B 346 17.96 -25.62 -34.38
CA SER B 346 18.39 -24.23 -34.36
C SER B 346 17.27 -23.33 -34.83
N ASN B 347 17.23 -22.11 -34.28
CA ASN B 347 16.23 -21.13 -34.64
C ASN B 347 16.84 -19.74 -34.50
N LEU B 348 16.24 -18.77 -35.17
CA LEU B 348 16.71 -17.40 -35.05
C LEU B 348 16.45 -16.89 -33.65
N MET B 349 17.46 -16.28 -33.04
CA MET B 349 17.40 -15.84 -31.65
C MET B 349 17.80 -14.38 -31.61
N MET B 350 17.32 -13.67 -30.59
CA MET B 350 17.58 -12.24 -30.45
C MET B 350 17.76 -11.90 -28.98
N SER B 351 18.78 -11.09 -28.69
CA SER B 351 19.12 -10.74 -27.32
C SER B 351 19.18 -9.23 -27.16
N LEU B 352 18.60 -8.73 -26.07
CA LEU B 352 18.60 -7.30 -25.78
C LEU B 352 19.83 -6.93 -24.97
N PHE B 353 20.65 -6.02 -25.50
CA PHE B 353 21.70 -5.43 -24.71
C PHE B 353 21.10 -4.40 -23.75
N GLU B 354 21.89 -4.01 -22.76
CA GLU B 354 21.44 -3.00 -21.82
C GLU B 354 21.26 -1.66 -22.53
N PRO B 355 20.19 -0.93 -22.23
CA PRO B 355 19.95 0.35 -22.91
C PRO B 355 21.01 1.37 -22.51
N GLY B 356 21.83 1.76 -23.49
CA GLY B 356 22.86 2.74 -23.25
C GLY B 356 23.72 2.99 -24.48
N PRO B 357 24.48 4.08 -24.46
CA PRO B 357 25.36 4.38 -25.60
C PRO B 357 26.43 3.33 -25.83
N GLU B 358 26.89 2.66 -24.77
CA GLU B 358 28.03 1.74 -24.87
C GLU B 358 27.83 0.59 -23.91
N PRO B 359 27.01 -0.41 -24.28
CA PRO B 359 26.82 -1.56 -23.40
C PRO B 359 27.98 -2.54 -23.46
N LEU B 360 28.68 -2.55 -24.59
CA LEU B 360 29.80 -3.47 -24.82
C LEU B 360 31.09 -2.66 -24.95
N PRO B 361 31.88 -2.53 -23.88
CA PRO B 361 33.08 -1.68 -23.96
C PRO B 361 34.11 -2.15 -24.97
N TRP B 362 34.09 -3.43 -25.37
CA TRP B 362 35.07 -3.90 -26.35
C TRP B 362 34.69 -3.53 -27.77
N LEU B 363 33.47 -3.02 -27.98
CA LEU B 363 33.03 -2.55 -29.28
C LEU B 363 32.94 -1.02 -29.36
N GLY B 364 33.23 -0.33 -28.26
CA GLY B 364 33.05 1.11 -28.25
C GLY B 364 31.57 1.46 -28.21
N LYS B 365 31.30 2.73 -28.48
CA LYS B 365 29.91 3.19 -28.55
C LYS B 365 29.23 2.60 -29.77
N MET B 366 28.04 2.04 -29.57
CA MET B 366 27.32 1.41 -30.67
C MET B 366 26.93 2.40 -31.75
N ALA B 367 26.93 3.69 -31.45
CA ALA B 367 26.66 4.72 -32.45
C ALA B 367 27.91 5.18 -33.17
N GLN B 368 29.07 4.66 -32.79
CA GLN B 368 30.31 4.91 -33.51
C GLN B 368 30.70 3.75 -34.42
N LEU B 369 29.86 2.72 -34.49
CA LEU B 369 30.09 1.62 -35.43
C LEU B 369 29.56 2.01 -36.79
N GLY B 370 30.38 1.83 -37.82
CA GLY B 370 30.00 2.21 -39.16
C GLY B 370 30.45 1.21 -40.20
N PRO B 371 30.15 1.48 -41.47
CA PRO B 371 30.51 0.53 -42.53
C PRO B 371 32.02 0.44 -42.71
N ILE B 372 32.45 -0.71 -43.23
CA ILE B 372 33.86 -0.87 -43.59
C ILE B 372 34.21 -0.18 -44.90
N SER B 373 33.20 0.24 -45.67
CA SER B 373 33.45 0.95 -46.92
C SER B 373 33.95 2.36 -46.68
N ASP B 374 33.75 2.91 -45.48
CA ASP B 374 34.19 4.25 -45.15
C ASP B 374 35.56 4.28 -44.47
N ALA B 375 36.19 3.13 -44.30
CA ALA B 375 37.53 3.07 -43.73
C ALA B 375 38.57 3.27 -44.83
N LYS B 376 39.79 3.61 -44.41
CA LYS B 376 40.87 3.76 -45.37
C LYS B 376 41.27 2.41 -45.96
N GLU B 377 41.73 1.49 -45.11
CA GLU B 377 41.97 0.12 -45.51
C GLU B 377 40.73 -0.71 -45.22
N ASN B 378 40.84 -2.03 -45.30
CA ASN B 378 39.79 -2.89 -44.80
C ASN B 378 40.17 -3.33 -43.40
N PRO B 379 39.49 -2.85 -42.36
CA PRO B 379 39.91 -3.18 -40.99
C PRO B 379 39.91 -4.67 -40.71
N TYR B 380 39.03 -5.43 -41.35
CA TYR B 380 38.96 -6.88 -41.14
C TYR B 380 40.03 -7.63 -41.90
N GLY B 381 40.79 -6.97 -42.77
CA GLY B 381 41.86 -7.62 -43.48
C GLY B 381 41.47 -8.01 -44.89
N GLU B 382 42.45 -8.05 -45.78
CA GLU B 382 42.21 -8.44 -47.16
C GLU B 382 41.78 -9.91 -47.25
N ASP B 383 42.41 -10.77 -46.47
CA ASP B 383 42.05 -12.18 -46.39
C ASP B 383 41.29 -12.52 -45.11
N ASP B 384 40.75 -11.50 -44.44
CA ASP B 384 40.02 -11.68 -43.19
C ASP B 384 40.89 -12.34 -42.12
N ASN B 385 42.08 -11.79 -41.92
CA ASN B 385 42.98 -12.21 -40.86
C ASN B 385 43.07 -11.19 -39.73
N LYS B 386 42.33 -10.09 -39.81
CA LYS B 386 42.34 -9.03 -38.82
C LYS B 386 40.91 -8.75 -38.36
N SER B 387 40.79 -7.84 -37.41
CA SER B 387 39.49 -7.34 -36.95
C SER B 387 39.73 -6.10 -36.10
N PRO B 388 38.97 -5.02 -36.32
CA PRO B 388 39.17 -3.82 -35.49
C PRO B 388 38.89 -4.04 -34.02
N PHE B 389 37.94 -4.91 -33.69
CA PHE B 389 37.62 -5.24 -32.31
C PHE B 389 38.66 -6.20 -31.74
N PRO B 390 38.89 -6.16 -30.42
CA PRO B 390 38.24 -5.33 -29.40
C PRO B 390 38.95 -4.00 -29.18
N LEU B 391 38.22 -2.98 -28.75
CA LEU B 391 38.82 -1.67 -28.49
C LEU B 391 39.49 -1.68 -27.13
N GLN B 392 40.79 -1.40 -27.11
CA GLN B 392 41.52 -1.35 -25.85
C GLN B 392 41.09 -0.13 -25.04
N PRO B 393 40.90 -0.28 -23.73
CA PRO B 393 40.50 0.86 -22.91
C PRO B 393 41.61 1.89 -22.79
N LYS B 394 41.20 3.11 -22.43
CA LYS B 394 42.15 4.22 -22.35
C LYS B 394 43.18 3.97 -21.24
N ASN B 395 42.71 3.60 -20.05
CA ASN B 395 43.58 3.40 -18.90
C ASN B 395 43.75 1.90 -18.66
N LYS B 396 44.98 1.44 -18.65
CA LYS B 396 45.26 0.05 -18.32
C LYS B 396 44.96 -0.20 -16.85
N ARG B 397 44.36 -1.35 -16.57
CA ARG B 397 44.04 -1.71 -15.20
C ARG B 397 45.29 -2.21 -14.49
N SER B 398 45.18 -2.40 -13.17
CA SER B 398 46.35 -2.68 -12.34
C SER B 398 47.04 -3.98 -12.75
N TYR B 399 46.31 -4.93 -13.33
CA TYR B 399 46.92 -6.17 -13.79
C TYR B 399 47.60 -6.03 -15.14
N ALA B 400 47.50 -4.86 -15.78
CA ALA B 400 48.21 -4.61 -17.03
C ALA B 400 49.42 -3.69 -16.86
N GLN B 401 49.38 -2.80 -15.87
CA GLN B 401 50.53 -1.97 -15.56
C GLN B 401 51.47 -2.75 -14.63
N ASN B 402 52.44 -2.05 -14.04
CA ASN B 402 53.32 -2.63 -13.03
C ASN B 402 53.15 -1.80 -11.76
N VAL B 403 52.14 -2.17 -10.96
CA VAL B 403 51.91 -1.48 -9.69
C VAL B 403 52.88 -2.01 -8.64
N THR B 404 52.99 -1.27 -7.54
CA THR B 404 53.90 -1.60 -6.45
C THR B 404 53.09 -1.69 -5.16
N VAL B 405 52.57 -2.89 -4.87
CA VAL B 405 51.81 -3.14 -3.65
C VAL B 405 52.77 -3.68 -2.60
N TRP B 406 52.82 -3.03 -1.44
CA TRP B 406 53.67 -3.44 -0.34
C TRP B 406 52.90 -3.67 0.95
N ILE B 407 51.59 -3.94 0.85
CA ILE B 407 50.79 -4.18 2.05
C ILE B 407 51.28 -5.45 2.74
N LYS B 408 51.24 -6.57 2.03
CA LYS B 408 51.75 -7.81 2.60
C LYS B 408 53.27 -7.84 2.51
N PRO B 409 53.95 -8.38 3.52
CA PRO B 409 55.42 -8.41 3.48
C PRO B 409 55.98 -9.17 2.30
N SER B 410 55.22 -10.14 1.77
CA SER B 410 55.71 -10.93 0.64
C SER B 410 56.00 -10.05 -0.58
N GLY B 411 55.13 -9.06 -0.83
CA GLY B 411 55.36 -8.19 -1.98
C GLY B 411 56.65 -7.39 -1.87
N LEU B 412 56.88 -6.79 -0.70
CA LEU B 412 58.11 -6.04 -0.50
C LEU B 412 59.33 -6.95 -0.58
N GLN B 413 59.26 -8.12 0.03
CA GLN B 413 60.37 -9.05 -0.02
C GLN B 413 60.67 -9.46 -1.46
N THR B 414 59.62 -9.71 -2.25
CA THR B 414 59.81 -10.05 -3.66
C THR B 414 60.45 -8.91 -4.42
N ASP B 415 60.02 -7.68 -4.15
CA ASP B 415 60.60 -6.52 -4.83
C ASP B 415 62.10 -6.40 -4.54
N VAL B 416 62.47 -6.47 -3.26
CA VAL B 416 63.88 -6.33 -2.92
C VAL B 416 64.70 -7.52 -3.43
N GLN B 417 64.12 -8.72 -3.43
CA GLN B 417 64.84 -9.87 -3.92
C GLN B 417 65.07 -9.79 -5.42
N LYS B 418 64.08 -9.26 -6.15
CA LYS B 418 64.26 -9.02 -7.58
C LYS B 418 65.30 -7.92 -7.80
N ILE B 419 65.38 -6.96 -6.88
CA ILE B 419 66.41 -5.93 -6.96
C ILE B 419 67.80 -6.56 -6.84
N LEU B 420 67.99 -7.39 -5.81
CA LEU B 420 69.31 -7.96 -5.56
C LEU B 420 69.70 -8.99 -6.60
N ARG B 421 68.74 -9.79 -7.07
CA ARG B 421 69.06 -10.85 -8.02
C ARG B 421 69.63 -10.27 -9.31
N ASN B 422 69.02 -9.19 -9.82
CA ASN B 422 69.55 -8.54 -11.01
C ASN B 422 70.87 -7.83 -10.74
N ALA B 423 71.18 -7.52 -9.48
CA ALA B 423 72.46 -6.90 -9.17
C ALA B 423 73.61 -7.88 -9.38
N ARG B 424 73.39 -9.16 -9.07
CA ARG B 424 74.42 -10.16 -9.34
C ARG B 424 74.65 -10.31 -10.83
N LYS B 425 73.59 -10.28 -11.64
CA LYS B 425 73.70 -10.42 -13.08
C LYS B 425 74.27 -9.18 -13.75
N LEU B 426 74.55 -8.12 -12.99
CA LEU B 426 75.14 -6.93 -13.58
C LEU B 426 76.55 -7.23 -14.08
N PRO B 427 76.99 -6.57 -15.16
CA PRO B 427 76.27 -5.58 -15.97
C PRO B 427 75.52 -6.20 -17.15
N GLU B 428 75.27 -7.51 -17.11
CA GLU B 428 74.55 -8.14 -18.21
C GLU B 428 73.10 -7.67 -18.27
N LYS B 429 72.37 -7.86 -17.17
CA LYS B 429 70.99 -7.38 -17.06
C LYS B 429 71.00 -6.08 -16.28
N THR B 430 71.37 -4.99 -16.98
CA THR B 430 71.40 -3.67 -16.37
C THR B 430 70.13 -2.86 -16.60
N GLN B 431 69.49 -3.02 -17.76
CA GLN B 431 68.26 -2.27 -18.03
C GLN B 431 67.13 -2.72 -17.11
N THR B 432 66.92 -4.03 -17.00
CA THR B 432 65.88 -4.54 -16.11
C THR B 432 66.19 -4.19 -14.65
N PHE B 433 67.46 -4.28 -14.27
CA PHE B 433 67.85 -3.93 -12.90
C PHE B 433 67.52 -2.47 -12.59
N TYR B 434 67.87 -1.57 -13.51
CA TYR B 434 67.61 -0.15 -13.25
C TYR B 434 66.13 0.15 -13.30
N LYS B 435 65.38 -0.53 -14.16
CA LYS B 435 63.93 -0.36 -14.18
C LYS B 435 63.32 -0.78 -12.84
N GLU B 436 63.76 -1.92 -12.32
CA GLU B 436 63.23 -2.40 -11.04
C GLU B 436 63.61 -1.46 -9.91
N LEU B 437 64.86 -0.99 -9.89
CA LEU B 437 65.28 -0.06 -8.84
C LEU B 437 64.53 1.26 -8.93
N ASN B 438 64.25 1.73 -10.15
CA ASN B 438 63.46 2.95 -10.31
C ASN B 438 62.04 2.75 -9.81
N ARG B 439 61.45 1.58 -10.09
CA ARG B 439 60.14 1.28 -9.52
C ARG B 439 60.16 1.33 -8.01
N LEU B 440 61.19 0.70 -7.41
CA LEU B 440 61.30 0.68 -5.96
C LEU B 440 61.43 2.08 -5.39
N ARG B 441 62.27 2.91 -6.01
CA ARG B 441 62.48 4.27 -5.51
C ARG B 441 61.21 5.11 -5.66
N LYS B 442 60.50 4.96 -6.78
CA LYS B 442 59.28 5.72 -6.99
C LYS B 442 58.22 5.33 -5.97
N ALA B 443 58.06 4.03 -5.71
CA ALA B 443 57.11 3.58 -4.70
C ALA B 443 57.50 4.08 -3.32
N ALA B 444 58.78 4.01 -2.98
CA ALA B 444 59.23 4.45 -1.66
C ALA B 444 58.98 5.95 -1.47
N LEU B 445 59.27 6.75 -2.49
CA LEU B 445 59.04 8.18 -2.38
C LEU B 445 57.56 8.51 -2.31
N ALA B 446 56.73 7.84 -3.12
CA ALA B 446 55.31 8.13 -3.12
C ALA B 446 54.63 7.62 -1.85
N PHE B 447 55.23 6.68 -1.14
CA PHE B 447 54.72 6.23 0.15
C PHE B 447 55.43 6.88 1.32
N GLY B 448 56.44 7.72 1.08
CA GLY B 448 57.23 8.25 2.15
C GLY B 448 58.00 7.21 2.92
N PHE B 449 58.43 6.14 2.24
CA PHE B 449 59.11 5.01 2.86
C PHE B 449 60.62 5.14 2.64
N LEU B 450 61.20 6.19 3.22
CA LEU B 450 62.62 6.47 2.98
C LEU B 450 63.53 5.50 3.71
N ASP B 451 63.09 4.99 4.86
CA ASP B 451 63.89 4.00 5.57
C ASP B 451 64.11 2.76 4.72
N LEU B 452 63.10 2.39 3.93
CA LEU B 452 63.30 1.32 2.96
C LEU B 452 64.39 1.67 1.96
N LEU B 453 64.44 2.94 1.54
CA LEU B 453 65.46 3.35 0.58
C LEU B 453 66.87 3.21 1.16
N LYS B 454 67.06 3.67 2.40
CA LYS B 454 68.39 3.54 3.00
C LYS B 454 68.75 2.08 3.25
N GLY B 455 67.78 1.27 3.68
CA GLY B 455 68.03 -0.15 3.84
C GLY B 455 68.42 -0.82 2.52
N VAL B 456 67.74 -0.45 1.44
CA VAL B 456 68.05 -1.03 0.14
C VAL B 456 69.44 -0.58 -0.32
N ALA B 457 69.81 0.66 -0.03
CA ALA B 457 71.18 1.10 -0.33
C ALA B 457 72.20 0.26 0.41
N ASP B 458 71.93 -0.04 1.69
CA ASP B 458 72.84 -0.89 2.45
C ASP B 458 72.91 -2.30 1.88
N MET B 459 71.76 -2.83 1.42
CA MET B 459 71.77 -4.13 0.76
C MET B 459 72.57 -4.10 -0.54
N LEU B 460 72.49 -3.01 -1.29
CA LEU B 460 73.32 -2.89 -2.49
C LEU B 460 74.79 -2.89 -2.14
N GLU B 461 75.17 -2.19 -1.06
CA GLU B 461 76.55 -2.24 -0.60
C GLU B 461 76.97 -3.66 -0.25
N ARG B 462 76.11 -4.37 0.48
CA ARG B 462 76.43 -5.75 0.88
C ARG B 462 76.60 -6.65 -0.35
N GLU B 463 75.72 -6.50 -1.34
CA GLU B 463 75.85 -7.28 -2.56
C GLU B 463 77.11 -6.93 -3.32
N CYS B 464 77.52 -5.66 -3.28
CA CYS B 464 78.77 -5.26 -3.91
C CYS B 464 79.96 -5.91 -3.22
N THR B 465 79.90 -6.04 -1.90
CA THR B 465 81.00 -6.68 -1.17
C THR B 465 81.18 -8.14 -1.58
N LEU B 466 80.11 -8.82 -1.98
CA LEU B 466 80.15 -10.23 -2.35
C LEU B 466 80.29 -10.45 -3.85
N LEU B 467 80.96 -9.53 -4.56
CA LEU B 467 81.15 -9.69 -5.98
C LEU B 467 82.04 -10.90 -6.27
N PRO B 468 81.82 -11.59 -7.38
CA PRO B 468 82.64 -12.76 -7.71
C PRO B 468 84.07 -12.38 -8.02
N GLU B 469 84.95 -13.37 -7.92
CA GLU B 469 86.38 -13.15 -8.15
C GLU B 469 86.69 -12.76 -9.58
N THR B 470 85.76 -12.95 -10.51
CA THR B 470 86.00 -12.56 -11.90
C THR B 470 86.20 -11.05 -12.02
N ALA B 471 85.59 -10.27 -11.12
CA ALA B 471 85.77 -8.83 -11.04
C ALA B 471 85.42 -8.15 -12.37
N HIS B 472 84.15 -8.25 -12.71
CA HIS B 472 83.65 -7.60 -13.92
C HIS B 472 83.83 -6.09 -13.78
N PRO B 473 84.42 -5.42 -14.77
CA PRO B 473 84.74 -3.99 -14.60
C PRO B 473 83.52 -3.11 -14.39
N ASP B 474 82.53 -3.19 -15.29
CA ASP B 474 81.37 -2.30 -15.21
C ASP B 474 80.45 -2.66 -14.06
N ALA B 475 80.48 -3.90 -13.58
CA ALA B 475 79.53 -4.32 -12.55
C ALA B 475 79.69 -3.54 -11.26
N ALA B 476 80.94 -3.34 -10.82
CA ALA B 476 81.16 -2.60 -9.58
C ALA B 476 80.77 -1.13 -9.71
N PHE B 477 81.10 -0.52 -10.85
CA PHE B 477 80.82 0.90 -11.03
C PHE B 477 79.32 1.17 -11.01
N GLN B 478 78.55 0.38 -11.77
CA GLN B 478 77.10 0.60 -11.83
C GLN B 478 76.46 0.35 -10.47
N LEU B 479 76.85 -0.72 -9.79
CA LEU B 479 76.27 -1.03 -8.49
C LEU B 479 76.59 0.08 -7.49
N THR B 480 77.84 0.55 -7.48
CA THR B 480 78.21 1.62 -6.56
C THR B 480 77.46 2.91 -6.86
N HIS B 481 77.30 3.25 -8.15
CA HIS B 481 76.57 4.45 -8.51
C HIS B 481 75.11 4.35 -8.10
N ALA B 482 74.49 3.18 -8.32
CA ALA B 482 73.09 2.99 -7.93
C ALA B 482 72.94 3.10 -6.41
N ALA B 483 73.88 2.51 -5.66
CA ALA B 483 73.82 2.62 -4.21
C ALA B 483 73.98 4.07 -3.76
N GLN B 484 74.89 4.81 -4.40
CA GLN B 484 75.07 6.23 -4.05
C GLN B 484 73.78 7.00 -4.29
N GLN B 485 73.16 6.79 -5.46
CA GLN B 485 71.91 7.48 -5.76
C GLN B 485 70.83 7.10 -4.76
N LEU B 486 70.76 5.83 -4.38
CA LEU B 486 69.75 5.37 -3.44
C LEU B 486 69.90 6.05 -2.09
N LYS B 487 71.11 6.02 -1.52
CA LYS B 487 71.26 6.62 -0.20
C LYS B 487 71.35 8.14 -0.26
N LEU B 488 71.46 8.74 -1.44
CA LEU B 488 71.30 10.18 -1.54
C LEU B 488 69.82 10.56 -1.62
N ALA B 489 69.01 9.74 -2.29
CA ALA B 489 67.58 10.00 -2.35
C ALA B 489 66.89 9.66 -1.05
N SER B 490 67.48 8.78 -0.23
CA SER B 490 66.87 8.42 1.05
C SER B 490 66.85 9.59 2.03
N THR B 491 67.71 10.60 1.84
CA THR B 491 67.75 11.71 2.76
C THR B 491 66.51 12.58 2.65
N GLY B 492 65.94 12.71 1.45
CA GLY B 492 64.77 13.53 1.23
C GLY B 492 65.05 14.89 0.65
N THR B 493 66.32 15.26 0.49
CA THR B 493 66.65 16.57 -0.08
C THR B 493 66.32 16.60 -1.57
N SER B 494 66.25 17.82 -2.11
CA SER B 494 65.86 17.99 -3.51
C SER B 494 67.04 17.75 -4.45
N GLU B 495 67.71 16.62 -4.29
CA GLU B 495 68.75 16.18 -5.23
C GLU B 495 68.22 15.12 -6.19
N TYR B 496 67.70 14.02 -5.64
CA TYR B 496 67.08 12.98 -6.44
C TYR B 496 65.78 12.49 -5.83
N ALA B 497 65.31 13.10 -4.74
CA ALA B 497 64.05 12.71 -4.13
C ALA B 497 62.84 13.11 -4.98
N ALA B 498 63.05 13.88 -6.05
CA ALA B 498 61.97 14.17 -6.97
C ALA B 498 61.44 12.88 -7.58
N TYR B 499 60.13 12.81 -7.75
CA TYR B 499 59.50 11.58 -8.24
C TYR B 499 59.93 11.24 -9.66
N ASP B 500 60.04 12.25 -10.53
CA ASP B 500 60.36 12.02 -11.93
C ASP B 500 61.86 11.93 -12.21
N GLN B 501 62.71 12.20 -11.22
CA GLN B 501 64.16 12.14 -11.40
C GLN B 501 64.59 10.69 -11.37
N ASN B 502 64.39 10.00 -12.50
CA ASN B 502 64.74 8.60 -12.60
C ASN B 502 66.25 8.42 -12.55
N ILE B 503 66.69 7.34 -11.90
CA ILE B 503 68.13 7.11 -11.73
C ILE B 503 68.73 6.66 -13.06
N THR B 504 69.86 7.27 -13.43
CA THR B 504 70.57 6.98 -14.66
C THR B 504 71.90 6.30 -14.33
N PRO B 505 72.26 5.22 -15.06
CA PRO B 505 73.49 4.50 -14.73
C PRO B 505 74.76 5.24 -15.15
N LEU B 506 75.90 4.62 -14.94
CA LEU B 506 77.20 5.20 -15.28
C LEU B 506 77.72 4.56 -16.56
N HIS B 507 78.15 5.40 -17.50
CA HIS B 507 78.69 4.91 -18.76
C HIS B 507 80.08 4.31 -18.58
N MET C 1 -117.55 47.55 38.40
CA MET C 1 -116.67 46.86 37.46
C MET C 1 -115.25 46.77 38.02
N SER C 2 -114.72 45.55 38.10
CA SER C 2 -113.37 45.35 38.62
C SER C 2 -112.34 45.90 37.64
N ALA C 3 -111.24 46.41 38.19
CA ALA C 3 -110.16 46.95 37.35
C ALA C 3 -109.45 45.87 36.55
N GLN C 4 -109.55 44.60 36.96
CA GLN C 4 -108.91 43.54 36.21
C GLN C 4 -109.49 43.41 34.81
N GLY C 5 -110.81 43.53 34.68
CA GLY C 5 -111.42 43.49 33.35
C GLY C 5 -110.98 44.63 32.47
N ASP C 6 -110.90 45.84 33.05
CA ASP C 6 -110.43 47.00 32.28
C ASP C 6 -108.98 46.81 31.84
N CYS C 7 -108.13 46.29 32.73
CA CYS C 7 -106.74 46.04 32.36
C CYS C 7 -106.64 45.00 31.26
N GLU C 8 -107.44 43.93 31.35
CA GLU C 8 -107.43 42.91 30.31
C GLU C 8 -107.89 43.47 28.98
N PHE C 9 -108.93 44.31 29.00
CA PHE C 9 -109.41 44.92 27.76
C PHE C 9 -108.36 45.84 27.16
N LEU C 10 -107.68 46.62 28.00
CA LEU C 10 -106.62 47.49 27.50
C LEU C 10 -105.47 46.68 26.90
N VAL C 11 -105.10 45.58 27.55
CA VAL C 11 -104.02 44.73 27.04
C VAL C 11 -104.43 44.12 25.70
N GLN C 12 -105.67 43.66 25.60
CA GLN C 12 -106.15 43.08 24.34
C GLN C 12 -106.17 44.11 23.23
N ARG C 13 -106.60 45.34 23.55
CA ARG C 13 -106.60 46.40 22.54
C ARG C 13 -105.19 46.74 22.09
N ALA C 14 -104.25 46.82 23.04
CA ALA C 14 -102.87 47.11 22.68
C ALA C 14 -102.26 45.96 21.87
N ARG C 15 -102.55 44.72 22.25
CA ARG C 15 -102.01 43.58 21.52
C ARG C 15 -102.55 43.51 20.10
N GLU C 16 -103.84 43.82 19.92
CA GLU C 16 -104.43 43.75 18.59
C GLU C 16 -103.85 44.79 17.64
N LEU C 17 -103.45 45.95 18.17
CA LEU C 17 -102.90 47.02 17.35
C LEU C 17 -101.40 46.88 17.11
N VAL C 18 -100.75 45.91 17.76
CA VAL C 18 -99.30 45.72 17.55
C VAL C 18 -98.98 45.39 16.09
N PRO C 19 -99.68 44.47 15.43
CA PRO C 19 -99.37 44.17 14.03
C PRO C 19 -99.66 45.33 13.08
N GLN C 20 -100.49 46.29 13.50
CA GLN C 20 -100.87 47.41 12.63
C GLN C 20 -100.08 48.68 12.94
N ASP C 21 -100.07 49.11 14.20
CA ASP C 21 -99.39 50.35 14.59
C ASP C 21 -98.67 50.11 15.91
N LEU C 22 -97.34 50.01 15.85
CA LEU C 22 -96.56 49.83 17.07
C LEU C 22 -96.67 51.03 17.99
N TRP C 23 -96.69 52.24 17.42
CA TRP C 23 -96.80 53.44 18.24
C TRP C 23 -98.11 53.49 19.00
N ALA C 24 -99.21 53.10 18.34
CA ALA C 24 -100.51 53.07 19.02
C ALA C 24 -100.51 52.06 20.15
N ALA C 25 -99.92 50.88 19.93
CA ALA C 25 -99.84 49.88 20.99
C ALA C 25 -99.00 50.38 22.16
N LYS C 26 -97.88 51.05 21.87
CA LYS C 26 -97.05 51.60 22.93
C LYS C 26 -97.79 52.67 23.72
N ALA C 27 -98.54 53.53 23.03
CA ALA C 27 -99.32 54.57 23.71
C ALA C 27 -100.41 53.94 24.59
N TRP C 28 -101.08 52.90 24.08
CA TRP C 28 -102.09 52.22 24.89
C TRP C 28 -101.47 51.57 26.11
N LEU C 29 -100.31 50.94 25.95
CA LEU C 29 -99.63 50.33 27.10
C LEU C 29 -99.21 51.39 28.12
N ILE C 30 -98.73 52.53 27.65
CA ILE C 30 -98.35 53.61 28.57
C ILE C 30 -99.56 54.13 29.32
N THR C 31 -100.69 54.31 28.62
CA THR C 31 -101.90 54.76 29.28
C THR C 31 -102.39 53.75 30.31
N ALA C 32 -102.33 52.46 29.98
CA ALA C 32 -102.73 51.42 30.93
C ALA C 32 -101.83 51.40 32.15
N ARG C 33 -100.51 51.57 31.94
CA ARG C 33 -99.59 51.61 33.06
C ARG C 33 -99.84 52.83 33.94
N SER C 34 -100.13 53.98 33.32
CA SER C 34 -100.46 55.17 34.11
C SER C 34 -101.74 54.97 34.91
N LEU C 35 -102.75 54.34 34.31
CA LEU C 35 -103.99 54.08 35.03
C LEU C 35 -103.79 53.05 36.13
N TYR C 36 -103.04 51.99 35.86
CA TYR C 36 -102.82 50.90 36.81
C TYR C 36 -101.32 50.64 36.93
N PRO C 37 -100.62 51.42 37.75
CA PRO C 37 -99.16 51.19 37.92
C PRO C 37 -98.83 49.86 38.56
N ALA C 38 -99.77 49.21 39.25
CA ALA C 38 -99.52 47.96 39.93
C ALA C 38 -99.86 46.75 39.08
N ASP C 39 -100.27 46.94 37.83
CA ASP C 39 -100.63 45.83 36.95
C ASP C 39 -99.36 45.21 36.38
N PHE C 40 -99.08 43.96 36.78
CA PHE C 40 -97.90 43.27 36.28
C PHE C 40 -98.09 42.81 34.83
N ASN C 41 -99.34 42.58 34.42
CA ASN C 41 -99.60 42.14 33.06
C ASN C 41 -99.17 43.20 32.05
N ILE C 42 -99.46 44.47 32.36
CA ILE C 42 -99.07 45.55 31.44
C ILE C 42 -97.55 45.64 31.33
N GLN C 43 -96.85 45.52 32.46
CA GLN C 43 -95.39 45.56 32.43
C GLN C 43 -94.82 44.38 31.64
N TYR C 44 -95.40 43.19 31.82
CA TYR C 44 -94.94 42.02 31.08
C TYR C 44 -95.17 42.20 29.59
N GLU C 45 -96.33 42.74 29.20
CA GLU C 45 -96.62 42.96 27.79
C GLU C 45 -95.66 43.99 27.20
N MET C 46 -95.38 45.07 27.96
CA MET C 46 -94.43 46.07 27.48
C MET C 46 -93.04 45.48 27.32
N TYR C 47 -92.60 44.65 28.27
CA TYR C 47 -91.30 44.00 28.16
C TYR C 47 -91.24 43.08 26.95
N THR C 48 -92.31 42.31 26.72
CA THR C 48 -92.34 41.42 25.56
C THR C 48 -92.30 42.20 24.25
N ILE C 49 -93.04 43.31 24.20
CA ILE C 49 -93.04 44.14 22.99
C ILE C 49 -91.66 44.73 22.75
N GLU C 50 -91.01 45.22 23.81
CA GLU C 50 -89.67 45.78 23.67
C GLU C 50 -88.67 44.72 23.22
N ARG C 51 -88.77 43.51 23.78
CA ARG C 51 -87.87 42.43 23.37
C ARG C 51 -88.10 42.05 21.91
N ASN C 52 -89.36 42.02 21.48
CA ASN C 52 -89.66 41.69 20.09
C ASN C 52 -89.17 42.77 19.14
N ALA C 53 -89.05 44.01 19.62
CA ALA C 53 -88.59 45.12 18.80
C ALA C 53 -87.08 45.26 18.78
N GLU C 54 -86.36 44.36 19.46
CA GLU C 54 -84.89 44.39 19.51
C GLU C 54 -84.37 45.71 20.07
N ARG C 55 -85.11 46.29 21.01
CA ARG C 55 -84.70 47.50 21.71
C ARG C 55 -84.06 47.09 23.03
N THR C 56 -82.74 47.24 23.13
CA THR C 56 -82.02 46.75 24.31
C THR C 56 -82.37 47.57 25.55
N ALA C 57 -82.35 48.89 25.43
CA ALA C 57 -82.55 49.75 26.60
C ALA C 57 -83.96 49.60 27.15
N THR C 58 -84.98 49.68 26.29
CA THR C 58 -86.35 49.60 26.75
C THR C 58 -86.65 48.23 27.36
N ALA C 59 -86.19 47.16 26.69
CA ALA C 59 -86.42 45.82 27.22
C ALA C 59 -85.71 45.62 28.55
N GLY C 60 -84.48 46.12 28.68
CA GLY C 60 -83.77 46.00 29.94
C GLY C 60 -84.45 46.76 31.06
N ARG C 61 -84.91 47.99 30.77
CA ARG C 61 -85.61 48.77 31.78
C ARG C 61 -86.91 48.08 32.21
N LEU C 62 -87.67 47.56 31.23
CA LEU C 62 -88.91 46.87 31.57
C LEU C 62 -88.65 45.62 32.39
N LEU C 63 -87.61 44.85 32.03
CA LEU C 63 -87.29 43.64 32.79
C LEU C 63 -86.87 43.99 34.21
N TYR C 64 -86.06 45.05 34.37
CA TYR C 64 -85.64 45.46 35.71
C TYR C 64 -86.84 45.90 36.54
N ASP C 65 -87.75 46.67 35.93
CA ASP C 65 -88.94 47.12 36.65
C ASP C 65 -89.82 45.93 37.05
N MET C 66 -89.98 44.96 36.15
CA MET C 66 -90.79 43.79 36.47
C MET C 66 -90.15 42.97 37.57
N PHE C 67 -88.84 42.81 37.54
CA PHE C 67 -88.15 42.05 38.59
C PHE C 67 -88.25 42.76 39.94
N VAL C 68 -88.12 44.09 39.94
CA VAL C 68 -88.17 44.83 41.19
C VAL C 68 -89.58 44.81 41.76
N ASN C 69 -90.60 44.93 40.90
CA ASN C 69 -91.98 45.04 41.36
C ASN C 69 -92.67 43.69 41.51
N PHE C 70 -92.48 42.77 40.56
CA PHE C 70 -93.16 41.48 40.55
C PHE C 70 -92.14 40.37 40.41
N PRO C 71 -91.49 39.98 41.52
CA PRO C 71 -90.53 38.87 41.47
C PRO C 71 -91.16 37.50 41.61
N ASP C 72 -92.43 37.40 42.02
CA ASP C 72 -93.08 36.13 42.23
C ASP C 72 -93.72 35.56 40.97
N GLN C 73 -93.72 36.31 39.88
CA GLN C 73 -94.33 35.82 38.64
C GLN C 73 -93.44 34.74 38.03
N PRO C 74 -94.00 33.56 37.71
CA PRO C 74 -93.17 32.52 37.09
C PRO C 74 -92.61 32.91 35.72
N VAL C 75 -93.24 33.86 35.04
CA VAL C 75 -92.71 34.32 33.75
C VAL C 75 -91.35 34.98 33.94
N VAL C 76 -91.19 35.73 35.04
CA VAL C 76 -89.90 36.35 35.33
C VAL C 76 -88.84 35.28 35.57
N TRP C 77 -89.19 34.22 36.31
CA TRP C 77 -88.26 33.13 36.55
C TRP C 77 -87.88 32.43 35.24
N ARG C 78 -88.86 32.21 34.36
CA ARG C 78 -88.57 31.58 33.07
C ARG C 78 -87.65 32.46 32.24
N GLU C 79 -87.90 33.77 32.23
CA GLU C 79 -87.04 34.68 31.47
C GLU C 79 -85.62 34.69 32.04
N ILE C 80 -85.50 34.68 33.37
CA ILE C 80 -84.18 34.65 33.99
C ILE C 80 -83.45 33.36 33.63
N SER C 81 -84.16 32.23 33.66
CA SER C 81 -83.54 30.97 33.28
C SER C 81 -83.09 30.97 31.84
N ILE C 82 -83.91 31.53 30.95
CA ILE C 82 -83.55 31.61 29.54
C ILE C 82 -82.31 32.49 29.35
N ILE C 83 -82.27 33.62 30.06
CA ILE C 83 -81.11 34.51 29.96
C ILE C 83 -79.85 33.82 30.47
N THR C 84 -79.97 33.10 31.59
CA THR C 84 -78.82 32.37 32.12
C THR C 84 -78.34 31.29 31.15
N SER C 85 -79.28 30.56 30.53
CA SER C 85 -78.92 29.54 29.57
C SER C 85 -78.22 30.15 28.36
N ALA C 86 -78.72 31.30 27.88
CA ALA C 86 -78.07 31.97 26.76
C ALA C 86 -76.67 32.45 27.13
N LEU C 87 -76.52 32.99 28.35
CA LEU C 87 -75.20 33.45 28.78
C LEU C 87 -74.22 32.30 28.90
N ARG C 88 -74.67 31.17 29.44
CA ARG C 88 -73.80 30.00 29.60
C ARG C 88 -73.54 29.33 28.25
N LYS C 94 -77.92 35.26 17.08
CA LYS C 94 -78.43 36.63 17.16
C LYS C 94 -79.26 36.83 18.42
N GLN C 95 -80.15 35.86 18.72
CA GLN C 95 -80.97 35.94 19.92
C GLN C 95 -80.12 35.89 21.17
N THR C 96 -79.11 35.01 21.19
CA THR C 96 -78.22 34.92 22.35
C THR C 96 -77.43 36.21 22.53
N GLN C 97 -76.95 36.80 21.43
CA GLN C 97 -76.22 38.06 21.52
C GLN C 97 -77.13 39.18 22.03
N PHE C 98 -78.37 39.22 21.56
CA PHE C 98 -79.30 40.25 22.03
C PHE C 98 -79.60 40.06 23.52
N LEU C 99 -79.77 38.82 23.96
CA LEU C 99 -80.02 38.56 25.38
C LEU C 99 -78.82 38.96 26.23
N ARG C 100 -77.61 38.67 25.75
CA ARG C 100 -76.41 39.07 26.48
C ARG C 100 -76.29 40.59 26.55
N SER C 101 -76.61 41.28 25.46
CA SER C 101 -76.58 42.74 25.46
C SER C 101 -77.61 43.29 26.44
N LEU C 102 -78.80 42.70 26.48
CA LEU C 102 -79.83 43.14 27.43
C LEU C 102 -79.39 42.90 28.87
N PHE C 103 -78.57 41.88 29.11
CA PHE C 103 -78.07 41.63 30.46
C PHE C 103 -77.19 42.76 30.95
N GLU C 104 -76.36 43.32 30.07
CA GLU C 104 -75.50 44.43 30.44
C GLU C 104 -76.29 45.71 30.70
N THR C 105 -77.52 45.80 30.18
CA THR C 105 -78.34 46.99 30.43
C THR C 105 -78.73 47.11 31.90
N LEU C 106 -78.96 45.98 32.56
CA LEU C 106 -79.32 45.99 33.96
C LEU C 106 -78.12 46.38 34.82
N PRO C 107 -78.37 46.93 36.00
CA PRO C 107 -77.25 47.32 36.88
C PRO C 107 -76.51 46.11 37.42
N GLY C 108 -75.25 46.35 37.81
CA GLY C 108 -74.44 45.27 38.35
C GLY C 108 -75.01 44.68 39.62
N ARG C 109 -75.53 45.53 40.51
CA ARG C 109 -76.16 45.04 41.73
C ARG C 109 -77.41 44.23 41.40
N VAL C 110 -78.21 44.68 40.43
CA VAL C 110 -79.40 43.94 40.02
C VAL C 110 -79.01 42.59 39.45
N GLN C 111 -77.96 42.57 38.62
CA GLN C 111 -77.50 41.30 38.05
C GLN C 111 -77.01 40.35 39.13
N CYS C 112 -76.28 40.88 40.12
CA CYS C 112 -75.81 40.04 41.22
C CYS C 112 -76.96 39.48 42.03
N GLU C 113 -77.99 40.31 42.29
CA GLU C 113 -79.15 39.84 43.01
C GLU C 113 -79.89 38.76 42.23
N MET C 114 -80.03 38.95 40.92
CA MET C 114 -80.69 37.95 40.08
C MET C 114 -79.91 36.64 40.08
N LEU C 115 -78.58 36.72 40.00
CA LEU C 115 -77.76 35.52 40.04
C LEU C 115 -77.88 34.81 41.38
N LEU C 116 -77.90 35.57 42.48
CA LEU C 116 -78.08 34.97 43.79
C LEU C 116 -79.43 34.28 43.91
N LYS C 117 -80.48 34.92 43.41
CA LYS C 117 -81.81 34.31 43.43
C LYS C 117 -81.85 33.04 42.60
N VAL C 118 -81.21 33.05 41.43
CA VAL C 118 -81.17 31.86 40.59
C VAL C 118 -80.42 30.73 41.29
N THR C 119 -79.29 31.06 41.93
CA THR C 119 -78.54 30.04 42.66
C THR C 119 -79.34 29.48 43.82
N GLU C 120 -80.08 30.33 44.53
CA GLU C 120 -80.93 29.85 45.61
C GLU C 120 -82.04 28.96 45.10
N GLN C 121 -82.63 29.30 43.96
CA GLN C 121 -83.70 28.49 43.36
C GLN C 121 -83.17 27.28 42.61
N CYS C 122 -81.86 27.16 42.44
CA CYS C 122 -81.28 26.02 41.74
C CYS C 122 -81.46 24.74 42.55
N PHE C 123 -81.67 23.62 41.84
CA PHE C 123 -81.86 22.32 42.45
C PHE C 123 -80.70 21.37 42.21
N ASN C 124 -80.31 21.18 40.96
CA ASN C 124 -79.19 20.30 40.65
C ASN C 124 -77.89 20.87 41.17
N THR C 125 -77.06 20.01 41.77
CA THR C 125 -75.79 20.46 42.32
C THR C 125 -74.86 20.97 41.23
N LEU C 126 -74.78 20.27 40.11
CA LEU C 126 -73.91 20.69 39.01
C LEU C 126 -74.36 22.01 38.42
N GLU C 127 -75.67 22.17 38.19
CA GLU C 127 -76.19 23.41 37.63
C GLU C 127 -75.97 24.57 38.59
N ARG C 128 -76.22 24.35 39.88
CA ARG C 128 -75.99 25.40 40.87
C ARG C 128 -74.52 25.79 40.93
N SER C 129 -73.63 24.80 40.90
CA SER C 129 -72.20 25.10 40.91
C SER C 129 -71.78 25.89 39.68
N GLU C 130 -72.31 25.50 38.50
CA GLU C 130 -71.99 26.22 37.28
C GLU C 130 -72.49 27.66 37.34
N MET C 131 -73.71 27.86 37.84
CA MET C 131 -74.26 29.21 37.97
C MET C 131 -73.44 30.05 38.94
N LEU C 132 -73.03 29.47 40.06
CA LEU C 132 -72.22 30.20 41.03
C LEU C 132 -70.86 30.55 40.44
N LEU C 133 -70.25 29.62 39.70
CA LEU C 133 -68.97 29.90 39.07
C LEU C 133 -69.09 31.01 38.03
N LEU C 134 -70.16 30.99 37.23
CA LEU C 134 -70.38 32.04 36.26
C LEU C 134 -70.59 33.39 36.93
N LEU C 135 -71.36 33.41 38.03
CA LEU C 135 -71.56 34.66 38.76
C LEU C 135 -70.26 35.18 39.34
N LEU C 136 -69.44 34.29 39.90
CA LEU C 136 -68.16 34.71 40.47
C LEU C 136 -67.23 35.24 39.38
N ARG C 137 -67.21 34.59 38.21
CA ARG C 137 -66.40 35.08 37.10
C ARG C 137 -66.87 36.45 36.64
N ARG C 138 -68.18 36.64 36.54
CA ARG C 138 -68.72 37.94 36.15
C ARG C 138 -68.49 38.98 37.24
N PHE C 139 -68.68 38.61 38.50
CA PHE C 139 -68.54 39.52 39.64
C PHE C 139 -67.54 38.91 40.63
N PRO C 140 -66.26 39.21 40.49
CA PRO C 140 -65.27 38.66 41.42
C PRO C 140 -65.45 39.10 42.87
N GLU C 141 -66.16 40.21 43.10
CA GLU C 141 -66.31 40.72 44.46
C GLU C 141 -67.09 39.76 45.35
N THR C 142 -67.95 38.92 44.76
CA THR C 142 -68.73 37.96 45.52
C THR C 142 -68.00 36.64 45.77
N VAL C 143 -66.83 36.46 45.18
CA VAL C 143 -66.09 35.20 45.34
C VAL C 143 -65.41 35.08 46.70
N VAL C 144 -65.38 36.16 47.48
CA VAL C 144 -64.72 36.10 48.79
C VAL C 144 -65.46 35.15 49.72
N GLN C 145 -66.79 35.23 49.74
CA GLN C 145 -67.62 34.41 50.62
C GLN C 145 -68.30 33.27 49.88
N HIS C 146 -67.92 33.00 48.64
CA HIS C 146 -68.57 31.96 47.86
C HIS C 146 -67.56 30.98 47.28
N GLY C 147 -66.33 31.43 47.04
CA GLY C 147 -65.33 30.58 46.40
C GLY C 147 -64.98 29.37 47.23
N VAL C 148 -64.71 29.57 48.53
CA VAL C 148 -64.36 28.46 49.40
C VAL C 148 -65.56 27.54 49.60
N GLY C 149 -66.75 28.11 49.81
CA GLY C 149 -67.94 27.30 50.00
C GLY C 149 -68.29 26.47 48.79
N LEU C 150 -68.15 27.06 47.60
CA LEU C 150 -68.43 26.31 46.36
C LEU C 150 -67.47 25.13 46.21
N GLY C 151 -66.19 25.35 46.46
CA GLY C 151 -65.23 24.26 46.37
C GLY C 151 -65.49 23.17 47.40
N GLU C 152 -65.81 23.57 48.63
CA GLU C 152 -66.13 22.59 49.66
C GLU C 152 -67.36 21.77 49.28
N ALA C 153 -68.40 22.43 48.76
CA ALA C 153 -69.60 21.72 48.34
C ALA C 153 -69.31 20.78 47.17
N LEU C 154 -68.47 21.22 46.22
CA LEU C 154 -68.11 20.35 45.11
C LEU C 154 -67.35 19.12 45.59
N LEU C 155 -66.41 19.31 46.51
CA LEU C 155 -65.67 18.17 47.05
C LEU C 155 -66.58 17.22 47.81
N GLU C 156 -67.51 17.77 48.59
CA GLU C 156 -68.45 16.92 49.33
C GLU C 156 -69.35 16.15 48.38
N ALA C 157 -69.83 16.79 47.32
CA ALA C 157 -70.66 16.10 46.34
C ALA C 157 -69.88 15.01 45.63
N GLU C 158 -68.62 15.28 45.29
CA GLU C 158 -67.79 14.27 44.64
C GLU C 158 -67.58 13.08 45.57
N THR C 159 -67.33 13.34 46.85
CA THR C 159 -67.17 12.25 47.81
C THR C 159 -68.46 11.46 47.96
N ILE C 160 -69.60 12.14 48.01
CA ILE C 160 -70.88 11.45 48.15
C ILE C 160 -71.22 10.66 46.90
N GLU C 161 -70.88 11.20 45.72
CA GLU C 161 -71.17 10.52 44.47
C GLU C 161 -70.37 9.23 44.32
N GLU C 162 -69.31 9.05 45.10
CA GLU C 162 -68.48 7.84 45.08
C GLU C 162 -67.88 7.62 43.69
N GLN C 163 -67.10 8.60 43.25
CA GLN C 163 -66.43 8.53 41.96
C GLN C 163 -65.20 7.63 42.07
N GLU C 164 -65.17 6.57 41.28
CA GLU C 164 -64.05 5.64 41.32
C GLU C 164 -62.75 6.32 40.90
N SER C 165 -62.80 7.13 39.85
CA SER C 165 -61.60 7.81 39.38
C SER C 165 -61.63 9.28 39.77
N PRO C 166 -60.46 9.88 40.03
CA PRO C 166 -60.42 11.32 40.35
C PRO C 166 -60.86 12.22 39.20
N VAL C 167 -61.08 11.68 38.00
CA VAL C 167 -61.57 12.47 36.88
C VAL C 167 -63.07 12.66 37.08
N ASN C 168 -63.45 13.78 37.68
CA ASN C 168 -64.84 14.10 37.95
C ASN C 168 -65.15 15.49 37.43
N CYS C 169 -66.39 15.65 36.94
CA CYS C 169 -66.79 16.93 36.35
C CYS C 169 -66.74 18.06 37.38
N PHE C 170 -67.29 17.82 38.57
CA PHE C 170 -67.24 18.83 39.61
C PHE C 170 -65.81 19.10 40.05
N ARG C 171 -65.01 18.04 40.22
CA ARG C 171 -63.61 18.22 40.58
C ARG C 171 -62.84 18.94 39.47
N LYS C 172 -63.14 18.60 38.21
CA LYS C 172 -62.48 19.29 37.10
C LYS C 172 -62.81 20.77 37.09
N LEU C 173 -64.08 21.11 37.30
CA LEU C 173 -64.48 22.52 37.34
C LEU C 173 -63.80 23.24 38.51
N PHE C 174 -63.76 22.59 39.68
CA PHE C 174 -63.13 23.21 40.85
C PHE C 174 -61.65 23.45 40.61
N VAL C 175 -60.96 22.48 40.00
CA VAL C 175 -59.53 22.63 39.77
C VAL C 175 -59.25 23.69 38.70
N CYS C 176 -60.06 23.70 37.64
CA CYS C 176 -59.79 24.60 36.52
C CYS C 176 -60.14 26.05 36.86
N ASP C 177 -61.27 26.26 37.54
CA ASP C 177 -61.79 27.61 37.75
C ASP C 177 -61.82 28.01 39.22
N VAL C 178 -62.44 27.19 40.07
CA VAL C 178 -62.62 27.57 41.47
C VAL C 178 -61.29 27.68 42.19
N LEU C 179 -60.39 26.71 41.99
CA LEU C 179 -59.10 26.74 42.68
C LEU C 179 -58.25 27.95 42.31
N PRO C 180 -58.03 28.28 41.02
CA PRO C 180 -57.27 29.50 40.72
C PRO C 180 -57.92 30.76 41.24
N LEU C 181 -59.26 30.83 41.20
CA LEU C 181 -59.96 32.01 41.71
C LEU C 181 -59.75 32.16 43.21
N ILE C 182 -59.81 31.06 43.95
CA ILE C 182 -59.59 31.12 45.39
C ILE C 182 -58.14 31.46 45.70
N ILE C 183 -57.20 30.89 44.93
CA ILE C 183 -55.79 31.15 45.19
C ILE C 183 -55.43 32.60 44.92
N ASN C 184 -55.89 33.14 43.79
CA ASN C 184 -55.56 34.51 43.42
C ASN C 184 -56.28 35.55 44.26
N ASN C 185 -57.29 35.16 45.03
CA ASN C 185 -58.05 36.11 45.84
C ASN C 185 -57.22 36.46 47.07
N HIS C 186 -56.57 37.62 47.03
CA HIS C 186 -55.76 38.06 48.16
C HIS C 186 -56.62 38.40 49.37
N ASP C 187 -57.82 38.93 49.14
CA ASP C 187 -58.71 39.25 50.26
C ASP C 187 -59.17 38.00 51.00
N VAL C 188 -59.30 36.89 50.29
CA VAL C 188 -59.72 35.64 50.91
C VAL C 188 -58.53 35.03 51.64
N ARG C 189 -58.73 34.71 52.92
CA ARG C 189 -57.69 34.13 53.77
C ARG C 189 -57.99 32.66 54.01
N LEU C 190 -57.00 31.81 53.77
CA LEU C 190 -57.15 30.37 53.95
C LEU C 190 -55.97 29.83 54.75
N PRO C 191 -56.19 28.77 55.53
CA PRO C 191 -55.09 28.18 56.30
C PRO C 191 -54.20 27.32 55.43
N ALA C 192 -52.98 27.10 55.94
CA ALA C 192 -52.02 26.26 55.22
C ALA C 192 -52.50 24.82 55.10
N ASN C 193 -53.25 24.34 56.10
CA ASN C 193 -53.80 22.99 56.02
C ASN C 193 -54.78 22.87 54.86
N LEU C 194 -55.54 23.94 54.58
CA LEU C 194 -56.43 23.93 53.42
C LEU C 194 -55.65 24.05 52.11
N LEU C 195 -54.53 24.79 52.12
CA LEU C 195 -53.66 24.80 50.96
C LEU C 195 -53.09 23.42 50.67
N TYR C 196 -52.86 22.62 51.71
CA TYR C 196 -52.42 21.25 51.50
C TYR C 196 -53.44 20.47 50.69
N LYS C 197 -54.71 20.54 51.08
CA LYS C 197 -55.76 19.83 50.35
C LYS C 197 -55.92 20.38 48.94
N TYR C 198 -55.85 21.71 48.81
CA TYR C 198 -55.91 22.33 47.48
C TYR C 198 -54.85 21.76 46.55
N LEU C 199 -53.60 21.76 47.01
CA LEU C 199 -52.51 21.29 46.18
C LEU C 199 -52.59 19.79 45.93
N ASN C 200 -53.04 19.03 46.93
CA ASN C 200 -53.26 17.60 46.75
C ASN C 200 -54.24 17.33 45.61
N LYS C 201 -55.40 17.97 45.67
CA LYS C 201 -56.42 17.70 44.65
C LYS C 201 -56.00 18.24 43.29
N ALA C 202 -55.32 19.39 43.27
CA ALA C 202 -54.85 19.95 42.00
C ALA C 202 -53.83 19.03 41.35
N ALA C 203 -52.88 18.50 42.13
CA ALA C 203 -51.89 17.58 41.60
C ALA C 203 -52.56 16.30 41.11
N GLU C 204 -53.52 15.78 41.89
CA GLU C 204 -54.21 14.57 41.48
C GLU C 204 -54.91 14.78 40.13
N PHE C 205 -55.63 15.90 40.01
CA PHE C 205 -56.31 16.20 38.75
C PHE C 205 -55.32 16.34 37.60
N TYR C 206 -54.21 17.03 37.83
CA TYR C 206 -53.25 17.27 36.77
C TYR C 206 -52.64 15.96 36.27
N ILE C 207 -52.17 15.12 37.19
CA ILE C 207 -51.54 13.87 36.78
C ILE C 207 -52.56 12.92 36.17
N ASN C 208 -53.80 12.92 36.66
CA ASN C 208 -54.81 12.05 36.09
C ASN C 208 -55.20 12.51 34.69
N TYR C 209 -55.19 13.82 34.45
CA TYR C 209 -55.49 14.34 33.12
C TYR C 209 -54.36 14.05 32.14
N VAL C 210 -53.11 14.23 32.58
CA VAL C 210 -51.99 14.06 31.66
C VAL C 210 -51.70 12.58 31.42
N THR C 211 -52.04 11.70 32.35
CA THR C 211 -51.78 10.27 32.17
C THR C 211 -52.92 9.60 31.38
N ARG C 212 -54.14 9.69 31.92
CA ARG C 212 -55.32 9.10 31.29
C ARG C 212 -55.13 7.61 30.98
N ILE C 252 -58.54 21.43 27.20
CA ILE C 252 -57.40 21.64 28.09
C ILE C 252 -56.27 22.31 27.31
N VAL C 253 -55.51 23.17 27.98
CA VAL C 253 -54.46 23.96 27.35
C VAL C 253 -53.08 23.56 27.86
N ASP C 254 -52.89 23.54 29.19
CA ASP C 254 -51.59 23.23 29.75
C ASP C 254 -51.71 22.78 31.20
N PRO C 255 -52.01 21.50 31.44
CA PRO C 255 -52.08 21.01 32.83
C PRO C 255 -50.77 21.17 33.59
N TRP C 256 -49.64 20.95 32.93
CA TRP C 256 -48.36 21.00 33.62
C TRP C 256 -48.02 22.42 34.07
N GLU C 257 -48.23 23.40 33.20
CA GLU C 257 -47.98 24.78 33.57
C GLU C 257 -48.91 25.23 34.69
N ARG C 258 -50.19 24.83 34.62
CA ARG C 258 -51.13 25.19 35.66
C ARG C 258 -50.73 24.57 37.00
N LEU C 259 -50.32 23.31 36.99
CA LEU C 259 -49.88 22.66 38.23
C LEU C 259 -48.64 23.32 38.79
N PHE C 260 -47.68 23.67 37.93
CA PHE C 260 -46.48 24.34 38.40
C PHE C 260 -46.80 25.70 39.00
N LYS C 261 -47.69 26.46 38.35
CA LYS C 261 -48.09 27.76 38.89
C LYS C 261 -48.80 27.61 40.22
N ILE C 262 -49.67 26.60 40.34
CA ILE C 262 -50.37 26.37 41.61
C ILE C 262 -49.37 26.01 42.70
N LEU C 263 -48.39 25.17 42.38
CA LEU C 263 -47.37 24.82 43.37
C LEU C 263 -46.56 26.04 43.80
N ASN C 264 -46.18 26.88 42.84
CA ASN C 264 -45.45 28.10 43.17
C ASN C 264 -46.28 29.03 44.06
N VAL C 265 -47.56 29.17 43.74
CA VAL C 265 -48.44 30.03 44.55
C VAL C 265 -48.59 29.47 45.96
N VAL C 266 -48.72 28.15 46.08
CA VAL C 266 -48.85 27.53 47.39
C VAL C 266 -47.57 27.72 48.20
N GLY C 267 -46.41 27.54 47.55
CA GLY C 267 -45.15 27.76 48.25
C GLY C 267 -44.98 29.20 48.70
N MET C 268 -45.37 30.16 47.85
CA MET C 268 -45.26 31.56 48.22
C MET C 268 -46.24 31.95 49.33
N ARG C 269 -47.42 31.33 49.35
CA ARG C 269 -48.41 31.67 50.36
C ARG C 269 -47.92 31.33 51.76
N CYS C 270 -47.28 30.18 51.92
CA CYS C 270 -46.76 29.76 53.21
C CYS C 270 -45.50 30.52 53.62
N GLU C 271 -44.90 31.28 52.72
CA GLU C 271 -43.69 32.04 53.04
C GLU C 271 -44.00 33.19 54.00
N SER C 280 -37.58 26.89 35.44
CA SER C 280 -37.45 25.51 34.99
C SER C 280 -37.70 24.54 36.15
N TYR C 281 -37.80 23.25 35.82
CA TYR C 281 -37.99 22.22 36.82
C TYR C 281 -36.69 21.70 37.42
N GLY C 282 -35.55 22.11 36.89
CA GLY C 282 -34.28 21.61 37.37
C GLY C 282 -33.61 22.47 38.43
N ASP C 283 -33.64 23.79 38.23
CA ASP C 283 -33.00 24.69 39.19
C ASP C 283 -33.69 24.65 40.54
N ILE C 284 -35.02 24.47 40.56
CA ILE C 284 -35.73 24.40 41.83
C ILE C 284 -35.31 23.17 42.61
N LEU C 285 -34.94 22.09 41.93
CA LEU C 285 -34.48 20.90 42.63
C LEU C 285 -33.19 21.17 43.38
N HIS C 286 -32.23 21.85 42.74
CA HIS C 286 -30.98 22.14 43.42
C HIS C 286 -31.18 23.19 44.51
N ARG C 287 -32.06 24.17 44.28
CA ARG C 287 -32.37 25.14 45.33
C ARG C 287 -32.96 24.45 46.55
N MET C 288 -33.85 23.47 46.32
CA MET C 288 -34.45 22.76 47.43
C MET C 288 -33.44 21.83 48.10
N LYS C 289 -32.47 21.33 47.33
CA LYS C 289 -31.37 20.58 47.94
C LYS C 289 -30.55 21.47 48.88
N ASP C 290 -30.28 22.70 48.47
CA ASP C 290 -29.61 23.65 49.37
C ASP C 290 -30.47 23.94 50.59
N LEU C 291 -31.78 24.08 50.40
CA LEU C 291 -32.68 24.28 51.53
C LEU C 291 -32.58 23.10 52.51
N CYS C 292 -32.52 21.88 51.98
CA CYS C 292 -32.32 20.71 52.83
C CYS C 292 -31.00 20.79 53.58
N ARG C 293 -29.93 21.17 52.88
CA ARG C 293 -28.65 21.36 53.55
C ARG C 293 -28.75 22.40 54.66
N TYR C 294 -29.67 23.35 54.52
CA TYR C 294 -29.92 24.32 55.58
C TYR C 294 -31.01 23.87 56.56
N MET C 295 -31.73 22.78 56.27
CA MET C 295 -32.81 22.35 57.15
C MET C 295 -32.72 20.88 57.56
N ASN C 296 -32.28 20.00 56.65
CA ASN C 296 -32.28 18.56 56.95
C ASN C 296 -31.27 18.20 58.03
N ASN C 297 -30.18 18.96 58.14
CA ASN C 297 -29.17 18.65 59.14
C ASN C 297 -29.73 18.76 60.55
N PHE C 298 -30.54 19.76 60.81
CA PHE C 298 -31.16 19.94 62.12
C PHE C 298 -32.66 20.17 62.00
N ALA C 302 -42.16 23.09 64.96
CA ALA C 302 -42.59 21.93 64.20
C ALA C 302 -41.91 21.88 62.84
N HIS C 303 -41.55 23.06 62.33
CA HIS C 303 -40.90 23.19 61.02
C HIS C 303 -41.73 22.53 59.93
N ALA C 304 -43.05 22.71 60.00
CA ALA C 304 -43.95 22.04 59.08
C ALA C 304 -43.81 22.56 57.66
N LYS C 305 -43.48 23.85 57.49
CA LYS C 305 -43.35 24.42 56.17
C LYS C 305 -42.23 23.75 55.37
N TYR C 306 -41.07 23.57 56.01
CA TYR C 306 -39.92 22.99 55.31
C TYR C 306 -40.20 21.55 54.90
N LYS C 307 -40.79 20.75 55.81
CA LYS C 307 -41.09 19.37 55.47
C LYS C 307 -42.17 19.28 54.40
N ASN C 308 -43.20 20.13 54.49
CA ASN C 308 -44.24 20.15 53.47
C ASN C 308 -43.64 20.50 52.11
N GLN C 309 -42.73 21.45 52.07
CA GLN C 309 -42.06 21.78 50.81
C GLN C 309 -41.24 20.60 50.30
N VAL C 310 -40.36 20.05 51.15
CA VAL C 310 -39.45 18.99 50.74
C VAL C 310 -40.21 17.76 50.29
N VAL C 311 -41.46 17.60 50.72
CA VAL C 311 -42.28 16.52 50.20
C VAL C 311 -42.92 16.95 48.89
N TYR C 312 -43.72 18.02 48.94
CA TYR C 312 -44.63 18.33 47.85
C TYR C 312 -43.88 18.79 46.60
N SER C 313 -43.00 19.79 46.75
CA SER C 313 -42.31 20.31 45.57
C SER C 313 -41.42 19.24 44.93
N THR C 314 -40.72 18.47 45.77
CA THR C 314 -39.83 17.44 45.25
C THR C 314 -40.62 16.34 44.55
N MET C 315 -41.75 15.92 45.11
CA MET C 315 -42.55 14.90 44.44
C MET C 315 -43.17 15.45 43.16
N LEU C 316 -43.47 16.75 43.13
CA LEU C 316 -44.02 17.35 41.91
C LEU C 316 -42.99 17.34 40.79
N VAL C 317 -41.77 17.80 41.07
CA VAL C 317 -40.74 17.80 40.03
C VAL C 317 -40.41 16.36 39.64
N PHE C 318 -40.42 15.45 40.61
CA PHE C 318 -40.19 14.04 40.32
C PHE C 318 -41.23 13.52 39.34
N PHE C 319 -42.51 13.82 39.59
CA PHE C 319 -43.57 13.34 38.71
C PHE C 319 -43.47 13.96 37.32
N LYS C 320 -43.13 15.25 37.25
CA LYS C 320 -43.00 15.89 35.94
C LYS C 320 -41.86 15.26 35.13
N ASN C 321 -40.70 15.08 35.76
CA ASN C 321 -39.58 14.46 35.06
C ASN C 321 -39.89 13.01 34.70
N ALA C 322 -40.58 12.30 35.58
CA ALA C 322 -40.94 10.91 35.30
C ALA C 322 -41.90 10.81 34.13
N PHE C 323 -42.87 11.72 34.06
CA PHE C 323 -43.76 11.71 32.90
C PHE C 323 -42.99 12.01 31.62
N GLN C 324 -42.07 12.97 31.67
CA GLN C 324 -41.27 13.24 30.47
C GLN C 324 -40.47 12.00 30.06
N TYR C 325 -39.91 11.30 31.04
CA TYR C 325 -39.13 10.10 30.75
C TYR C 325 -39.98 9.02 30.12
N VAL C 326 -41.11 8.67 30.75
CA VAL C 326 -41.95 7.59 30.24
C VAL C 326 -42.83 8.04 29.08
N ASN C 327 -42.76 9.30 28.68
CA ASN C 327 -43.34 9.72 27.42
C ASN C 327 -42.33 9.68 26.30
N SER C 328 -41.05 9.92 26.60
CA SER C 328 -40.01 9.71 25.61
C SER C 328 -39.82 8.24 25.31
N ILE C 329 -39.70 7.40 26.35
CA ILE C 329 -39.58 5.96 26.20
C ILE C 329 -40.96 5.35 26.41
N GLN C 330 -41.33 4.43 25.52
CA GLN C 330 -42.70 3.94 25.43
C GLN C 330 -43.63 5.13 25.32
N PRO C 331 -43.62 5.85 24.19
CA PRO C 331 -44.48 7.05 24.08
C PRO C 331 -45.96 6.76 24.14
N SER C 332 -46.38 5.52 23.88
CA SER C 332 -47.80 5.20 23.93
C SER C 332 -48.35 5.37 25.33
N LEU C 333 -47.58 4.98 26.35
CA LEU C 333 -48.00 5.08 27.74
C LEU C 333 -47.80 6.52 28.24
N PHE C 334 -48.67 7.40 27.75
CA PHE C 334 -48.62 8.80 28.12
C PHE C 334 -49.97 9.47 27.90
N VAL C 343 -42.01 2.88 18.24
CA VAL C 343 -41.69 1.66 18.97
C VAL C 343 -41.18 1.98 20.38
N PRO C 344 -41.62 1.20 21.36
CA PRO C 344 -41.18 1.44 22.74
C PRO C 344 -39.70 1.21 22.91
N LEU C 345 -39.11 1.96 23.84
CA LEU C 345 -37.69 1.88 24.14
C LEU C 345 -37.51 1.23 25.50
N VAL C 346 -36.60 0.27 25.59
CA VAL C 346 -36.37 -0.50 26.81
C VAL C 346 -34.95 -0.24 27.29
N LEU C 347 -34.83 0.15 28.56
CA LEU C 347 -33.51 0.35 29.15
C LEU C 347 -32.95 -1.01 29.55
N LEU C 348 -31.84 -1.39 28.94
CA LEU C 348 -31.23 -2.70 29.11
C LEU C 348 -29.79 -2.55 29.55
N GLU C 349 -29.12 -3.68 29.74
CA GLU C 349 -27.69 -3.74 30.01
C GLU C 349 -27.12 -4.70 28.97
N ASP C 350 -26.80 -4.18 27.79
CA ASP C 350 -26.32 -4.98 26.67
C ASP C 350 -24.82 -5.15 26.80
N VAL C 351 -24.37 -6.37 27.09
CA VAL C 351 -22.95 -6.66 27.18
C VAL C 351 -22.35 -6.60 25.78
N SER C 352 -21.52 -5.59 25.54
CA SER C 352 -20.92 -5.43 24.21
C SER C 352 -19.60 -6.17 24.08
N ASN C 353 -18.86 -6.30 25.17
CA ASN C 353 -17.54 -6.94 25.16
C ASN C 353 -17.62 -8.43 25.47
N VAL C 354 -18.49 -9.15 24.74
CA VAL C 354 -18.59 -10.58 24.93
C VAL C 354 -17.35 -11.28 24.38
N TYR C 355 -16.81 -10.78 23.28
CA TYR C 355 -15.69 -11.40 22.58
C TYR C 355 -14.34 -11.01 23.17
N GLY C 356 -14.30 -10.52 24.41
CA GLY C 356 -13.05 -10.15 25.05
C GLY C 356 -12.82 -10.86 26.37
N ARG C 392 -22.38 4.25 40.77
CA ARG C 392 -23.48 5.15 41.13
C ARG C 392 -23.83 6.08 39.96
N ASN C 393 -22.86 6.86 39.53
CA ASN C 393 -23.04 7.78 38.40
C ASN C 393 -22.60 7.07 37.13
N ARG C 394 -23.52 6.29 36.57
CA ARG C 394 -23.24 5.52 35.36
C ARG C 394 -23.74 6.28 34.13
N HIS C 395 -23.37 5.77 32.95
CA HIS C 395 -23.68 6.42 31.68
C HIS C 395 -24.66 5.54 30.90
N ILE C 396 -25.75 6.15 30.44
CA ILE C 396 -26.70 5.48 29.55
C ILE C 396 -26.26 5.73 28.12
N VAL C 397 -25.80 4.69 27.44
CA VAL C 397 -25.36 4.80 26.06
C VAL C 397 -26.56 4.57 25.14
N VAL C 398 -26.97 5.62 24.42
CA VAL C 398 -28.09 5.55 23.50
C VAL C 398 -27.71 6.31 22.24
N ASN C 399 -27.94 5.70 21.08
CA ASN C 399 -27.67 6.36 19.82
C ASN C 399 -28.64 7.51 19.61
N LYS C 400 -28.19 8.53 18.87
CA LYS C 400 -29.02 9.70 18.60
C LYS C 400 -30.00 9.47 17.46
N ALA C 401 -29.90 8.34 16.75
CA ALA C 401 -30.82 8.08 15.64
C ALA C 401 -32.15 7.53 16.14
N GLU C 402 -32.11 6.57 17.07
CA GLU C 402 -33.34 6.02 17.62
C GLU C 402 -34.07 7.01 18.51
N LEU C 403 -33.37 8.02 19.02
CA LEU C 403 -33.99 9.08 19.80
C LEU C 403 -33.23 10.37 19.51
N ALA C 404 -33.87 11.28 18.77
CA ALA C 404 -33.22 12.52 18.37
C ALA C 404 -33.05 13.51 19.51
N ASN C 405 -33.67 13.27 20.67
CA ASN C 405 -33.60 14.19 21.79
C ASN C 405 -33.15 13.47 23.05
N SER C 406 -32.07 12.70 22.94
CA SER C 406 -31.63 11.84 24.04
C SER C 406 -31.12 12.64 25.23
N THR C 407 -30.47 13.79 24.99
CA THR C 407 -29.81 14.52 26.07
C THR C 407 -30.82 15.00 27.11
N GLU C 408 -31.90 15.64 26.66
CA GLU C 408 -32.89 16.16 27.59
C GLU C 408 -33.57 15.03 28.36
N VAL C 409 -33.87 13.92 27.68
CA VAL C 409 -34.52 12.81 28.34
C VAL C 409 -33.61 12.20 29.41
N LEU C 410 -32.33 12.02 29.09
CA LEU C 410 -31.39 11.48 30.07
C LEU C 410 -31.22 12.44 31.25
N GLU C 411 -31.18 13.74 30.98
CA GLU C 411 -31.10 14.71 32.07
C GLU C 411 -32.33 14.66 32.95
N SER C 412 -33.51 14.52 32.35
CA SER C 412 -34.74 14.40 33.14
C SER C 412 -34.72 13.14 33.99
N PHE C 413 -34.23 12.04 33.42
CA PHE C 413 -34.12 10.79 34.17
C PHE C 413 -33.19 10.96 35.37
N LYS C 414 -32.04 11.59 35.16
CA LYS C 414 -31.11 11.82 36.26
C LYS C 414 -31.74 12.70 37.33
N LEU C 415 -32.43 13.77 36.91
CA LEU C 415 -33.04 14.67 37.87
C LEU C 415 -34.12 13.96 38.69
N ALA C 416 -34.96 13.16 38.03
CA ALA C 416 -36.00 12.44 38.74
C ALA C 416 -35.41 11.40 39.69
N ARG C 417 -34.34 10.72 39.26
CA ARG C 417 -33.69 9.76 40.14
C ARG C 417 -33.15 10.44 41.39
N GLU C 418 -32.49 11.59 41.22
CA GLU C 418 -31.97 12.32 42.37
C GLU C 418 -33.09 12.80 43.28
N SER C 419 -34.19 13.28 42.70
CA SER C 419 -35.31 13.75 43.50
C SER C 419 -35.91 12.61 44.33
N TRP C 420 -36.13 11.45 43.70
CA TRP C 420 -36.69 10.32 44.42
C TRP C 420 -35.73 9.82 45.49
N GLU C 421 -34.42 9.82 45.19
CA GLU C 421 -33.44 9.42 46.19
C GLU C 421 -33.45 10.35 47.39
N LEU C 422 -33.57 11.66 47.14
CA LEU C 422 -33.70 12.61 48.25
C LEU C 422 -34.97 12.41 49.03
N LEU C 423 -36.07 12.04 48.36
CA LEU C 423 -37.34 11.85 49.05
C LEU C 423 -37.27 10.74 50.08
N TYR C 424 -36.63 9.62 49.73
CA TYR C 424 -36.49 8.49 50.64
C TYR C 424 -35.24 8.57 51.50
N SER C 425 -34.43 9.62 51.33
CA SER C 425 -33.16 9.69 52.05
C SER C 425 -33.37 9.94 53.55
N LEU C 426 -34.23 10.91 53.88
CA LEU C 426 -34.42 11.32 55.27
C LEU C 426 -35.79 10.89 55.76
N GLU C 427 -35.92 10.76 57.09
CA GLU C 427 -37.04 10.02 57.66
C GLU C 427 -38.37 10.75 57.47
N PHE C 428 -38.41 12.04 57.81
CA PHE C 428 -39.68 12.77 57.81
C PHE C 428 -40.29 12.85 56.41
N LEU C 429 -39.48 13.25 55.44
CA LEU C 429 -39.96 13.33 54.06
C LEU C 429 -40.34 11.95 53.53
N ASP C 430 -39.59 10.91 53.91
CA ASP C 430 -39.94 9.56 53.48
C ASP C 430 -41.31 9.16 54.01
N LYS C 431 -41.55 9.41 55.30
CA LYS C 431 -42.84 9.06 55.90
C LYS C 431 -43.98 9.84 55.24
N GLU C 432 -43.80 11.15 55.05
CA GLU C 432 -44.86 11.95 54.45
C GLU C 432 -45.10 11.56 53.00
N PHE C 433 -44.04 11.27 52.25
CA PHE C 433 -44.17 10.85 50.87
C PHE C 433 -44.89 9.51 50.77
N THR C 434 -44.55 8.56 51.64
CA THR C 434 -45.28 7.30 51.65
C THR C 434 -46.74 7.52 51.98
N ARG C 435 -47.02 8.40 52.96
CA ARG C 435 -48.39 8.70 53.33
C ARG C 435 -49.18 9.23 52.14
N ILE C 436 -48.64 10.23 51.45
CA ILE C 436 -49.39 10.84 50.35
C ILE C 436 -49.51 9.87 49.18
N CYS C 437 -48.46 9.08 48.90
CA CYS C 437 -48.50 8.16 47.77
C CYS C 437 -49.49 7.04 48.00
N LEU C 438 -49.50 6.45 49.21
CA LEU C 438 -50.48 5.43 49.54
C LEU C 438 -51.88 6.02 49.68
N ALA C 439 -52.00 7.32 49.96
CA ALA C 439 -53.30 7.97 49.90
C ALA C 439 -53.86 7.95 48.48
N TRP C 440 -52.98 8.10 47.49
CA TRP C 440 -53.38 8.05 46.09
C TRP C 440 -53.53 6.59 45.67
N LYS C 441 -53.65 6.36 44.36
CA LYS C 441 -53.84 5.01 43.84
C LYS C 441 -52.59 4.18 44.04
N THR C 442 -52.72 3.10 44.83
CA THR C 442 -51.59 2.21 45.09
C THR C 442 -51.27 1.30 43.91
N ASP C 443 -52.13 1.25 42.88
CA ASP C 443 -51.84 0.44 41.71
C ASP C 443 -50.62 0.95 40.96
N THR C 444 -50.22 2.20 41.20
CA THR C 444 -49.05 2.85 40.59
C THR C 444 -49.17 3.02 39.08
N TRP C 445 -50.34 2.76 38.52
CA TRP C 445 -50.60 2.86 37.08
C TRP C 445 -49.56 2.01 36.33
N LEU C 446 -49.23 2.40 35.11
CA LEU C 446 -48.24 1.71 34.32
C LEU C 446 -46.96 2.52 34.11
N TRP C 447 -47.09 3.79 33.75
CA TRP C 447 -45.91 4.60 33.46
C TRP C 447 -45.04 4.79 34.69
N LEU C 448 -45.66 5.04 35.85
CA LEU C 448 -44.88 5.22 37.06
C LEU C 448 -44.16 3.93 37.45
N ARG C 449 -44.82 2.78 37.28
CA ARG C 449 -44.17 1.50 37.53
C ARG C 449 -42.99 1.28 36.58
N ILE C 450 -43.17 1.64 35.31
CA ILE C 450 -42.09 1.48 34.34
C ILE C 450 -40.89 2.34 34.74
N PHE C 451 -41.15 3.59 35.12
CA PHE C 451 -40.07 4.47 35.55
C PHE C 451 -39.38 3.92 36.79
N LEU C 452 -40.16 3.39 37.73
CA LEU C 452 -39.58 2.85 38.95
C LEU C 452 -38.68 1.66 38.64
N THR C 453 -39.13 0.76 37.75
CA THR C 453 -38.29 -0.37 37.36
C THR C 453 -37.01 0.10 36.70
N ASP C 454 -37.11 1.09 35.80
CA ASP C 454 -35.92 1.61 35.14
C ASP C 454 -34.96 2.22 36.15
N MET C 455 -35.49 2.97 37.13
CA MET C 455 -34.64 3.59 38.13
C MET C 455 -33.94 2.54 38.99
N ILE C 456 -34.68 1.48 39.39
CA ILE C 456 -34.07 0.42 40.20
C ILE C 456 -32.95 -0.26 39.41
N ILE C 457 -33.19 -0.52 38.13
CA ILE C 457 -32.16 -1.15 37.31
C ILE C 457 -30.96 -0.22 37.17
N TYR C 458 -31.20 1.08 37.09
CA TYR C 458 -30.08 2.03 37.12
C TYR C 458 -29.34 1.97 38.45
N GLN C 459 -30.08 1.82 39.55
CA GLN C 459 -29.48 1.96 40.88
C GLN C 459 -28.36 0.95 41.11
N GLY C 460 -28.60 -0.31 40.77
CA GLY C 460 -27.60 -1.34 40.99
C GLY C 460 -28.14 -2.55 41.69
N GLN C 461 -29.31 -2.41 42.32
CA GLN C 461 -29.99 -3.54 42.96
C GLN C 461 -30.96 -4.15 41.96
N TYR C 462 -30.81 -5.45 41.71
CA TYR C 462 -31.59 -6.12 40.70
C TYR C 462 -32.61 -7.12 41.23
N LYS C 463 -32.50 -7.55 42.49
CA LYS C 463 -33.54 -8.41 43.06
C LYS C 463 -34.84 -7.63 43.23
N LYS C 464 -34.76 -6.43 43.79
CA LYS C 464 -35.93 -5.57 43.87
C LYS C 464 -36.43 -5.20 42.48
N ALA C 465 -35.51 -5.05 41.52
CA ALA C 465 -35.91 -4.78 40.15
C ALA C 465 -36.71 -5.94 39.58
N ILE C 466 -36.27 -7.17 39.83
CA ILE C 466 -36.99 -8.34 39.34
C ILE C 466 -38.36 -8.44 40.00
N ALA C 467 -38.43 -8.14 41.30
CA ALA C 467 -39.72 -8.15 41.98
C ALA C 467 -40.67 -7.12 41.39
N SER C 468 -40.16 -5.91 41.16
CA SER C 468 -41.00 -4.86 40.56
C SER C 468 -41.44 -5.25 39.16
N LEU C 469 -40.58 -5.93 38.41
CA LEU C 469 -40.98 -6.36 37.07
C LEU C 469 -42.02 -7.47 37.13
N HIS C 470 -41.92 -8.36 38.11
CA HIS C 470 -43.00 -9.33 38.31
C HIS C 470 -44.32 -8.61 38.59
N HIS C 471 -44.28 -7.57 39.42
CA HIS C 471 -45.48 -6.78 39.68
C HIS C 471 -46.02 -6.15 38.40
N LEU C 472 -45.12 -5.58 37.58
CA LEU C 472 -45.53 -4.92 36.35
C LEU C 472 -46.15 -5.92 35.39
N ALA C 473 -45.54 -7.10 35.25
CA ALA C 473 -46.06 -8.13 34.36
C ALA C 473 -47.42 -8.63 34.84
N ALA C 474 -47.58 -8.79 36.15
CA ALA C 474 -48.86 -9.18 36.72
C ALA C 474 -49.92 -8.14 36.41
N LEU C 475 -49.56 -6.87 36.52
CA LEU C 475 -50.51 -5.80 36.21
C LEU C 475 -50.88 -5.83 34.73
N GLN C 476 -49.90 -6.00 33.85
CA GLN C 476 -50.15 -6.04 32.42
C GLN C 476 -50.97 -7.27 32.03
N THR C 489 -40.44 -9.61 19.27
CA THR C 489 -40.36 -8.97 20.58
C THR C 489 -41.59 -8.09 20.74
N LEU C 490 -42.26 -7.83 19.62
CA LEU C 490 -43.47 -7.01 19.59
C LEU C 490 -43.21 -5.64 20.20
N GLU C 491 -44.14 -5.14 20.98
CA GLU C 491 -43.98 -3.87 21.67
C GLU C 491 -44.25 -3.96 23.15
N HIS C 492 -45.19 -4.81 23.58
CA HIS C 492 -45.52 -4.91 24.99
C HIS C 492 -44.47 -5.69 25.78
N GLN C 493 -43.77 -6.63 25.14
CA GLN C 493 -42.87 -7.55 25.83
C GLN C 493 -41.56 -6.83 26.19
N ARG C 494 -41.68 -5.85 27.08
CA ARG C 494 -40.53 -5.19 27.67
C ARG C 494 -40.07 -5.85 28.96
N ALA C 495 -41.02 -6.41 29.72
CA ALA C 495 -40.68 -7.06 30.98
C ALA C 495 -39.74 -8.23 30.74
N LEU C 496 -39.92 -8.96 29.64
CA LEU C 496 -39.05 -10.10 29.37
C LEU C 496 -37.60 -9.67 29.24
N ILE C 497 -37.36 -8.62 28.46
CA ILE C 497 -36.00 -8.11 28.27
C ILE C 497 -35.43 -7.60 29.58
N GLN C 498 -36.26 -6.90 30.36
CA GLN C 498 -35.78 -6.34 31.62
C GLN C 498 -35.43 -7.44 32.62
N LEU C 499 -36.27 -8.48 32.72
CA LEU C 499 -35.91 -9.62 33.56
C LEU C 499 -34.66 -10.33 33.04
N ALA C 500 -34.49 -10.40 31.72
CA ALA C 500 -33.29 -11.02 31.17
C ALA C 500 -32.04 -10.30 31.68
N THR C 501 -32.00 -8.98 31.53
CA THR C 501 -30.82 -8.26 31.99
C THR C 501 -30.67 -8.30 33.50
N CYS C 502 -31.77 -8.20 34.25
CA CYS C 502 -31.68 -8.24 35.71
C CYS C 502 -31.15 -9.58 36.19
N HIS C 503 -31.65 -10.68 35.63
CA HIS C 503 -31.15 -12.00 35.97
C HIS C 503 -29.69 -12.15 35.59
N PHE C 504 -29.29 -11.66 34.42
CA PHE C 504 -27.90 -11.74 34.03
C PHE C 504 -27.01 -10.94 34.96
N ALA C 505 -27.55 -9.91 35.60
CA ALA C 505 -26.74 -9.08 36.49
C ALA C 505 -26.21 -9.89 37.67
N LEU C 506 -27.08 -10.65 38.33
CA LEU C 506 -26.66 -11.39 39.53
C LEU C 506 -26.22 -12.81 39.19
N GLY C 507 -25.30 -12.93 38.22
CA GLY C 507 -24.68 -14.20 37.87
C GLY C 507 -25.60 -15.41 37.76
N GLU C 508 -26.90 -15.20 37.53
CA GLU C 508 -27.83 -16.32 37.48
C GLU C 508 -27.51 -17.26 36.31
N TYR C 509 -27.41 -16.71 35.10
CA TYR C 509 -26.95 -17.38 33.90
C TYR C 509 -27.87 -18.51 33.44
N ARG C 510 -28.95 -18.80 34.15
CA ARG C 510 -29.95 -19.75 33.68
C ARG C 510 -31.32 -19.11 33.54
N MET C 511 -31.76 -18.36 34.56
CA MET C 511 -33.00 -17.61 34.41
C MET C 511 -32.90 -16.61 33.28
N THR C 512 -31.72 -16.01 33.10
CA THR C 512 -31.46 -15.22 31.91
C THR C 512 -31.74 -16.02 30.65
N CYS C 513 -31.33 -17.29 30.63
CA CYS C 513 -31.45 -18.09 29.42
C CYS C 513 -32.90 -18.44 29.10
N GLU C 514 -33.68 -18.83 30.10
CA GLU C 514 -35.09 -19.08 29.80
C GLU C 514 -35.82 -17.78 29.44
N LYS C 515 -35.47 -16.66 30.08
CA LYS C 515 -36.11 -15.41 29.71
C LYS C 515 -35.78 -15.01 28.28
N VAL C 516 -34.54 -15.23 27.84
CA VAL C 516 -34.15 -14.93 26.47
C VAL C 516 -34.86 -15.86 25.49
N LEU C 517 -34.90 -17.17 25.81
CA LEU C 517 -35.53 -18.12 24.91
C LEU C 517 -37.03 -17.84 24.75
N ASP C 518 -37.70 -17.47 25.85
CA ASP C 518 -39.09 -17.07 25.75
C ASP C 518 -39.24 -15.69 25.14
N LEU C 519 -38.17 -14.88 25.15
CA LEU C 519 -38.23 -13.54 24.57
C LEU C 519 -38.47 -13.60 23.07
N MET C 520 -37.79 -14.50 22.38
CA MET C 520 -37.84 -14.58 20.93
C MET C 520 -38.91 -15.53 20.41
N CYS C 521 -39.71 -16.14 21.28
CA CYS C 521 -40.82 -16.95 20.81
C CYS C 521 -41.84 -16.10 20.06
N TYR C 522 -42.01 -14.85 20.47
CA TYR C 522 -42.90 -13.90 19.79
C TYR C 522 -42.11 -12.90 18.95
N MET C 523 -41.05 -13.36 18.29
CA MET C 523 -40.10 -12.49 17.60
C MET C 523 -39.77 -13.15 16.27
N VAL C 524 -40.48 -12.76 15.21
CA VAL C 524 -40.32 -13.34 13.88
C VAL C 524 -40.15 -12.19 12.90
N LEU C 525 -38.95 -12.08 12.32
CA LEU C 525 -38.65 -11.06 11.32
C LEU C 525 -37.36 -11.39 10.61
N PRO C 526 -37.35 -11.37 9.27
CA PRO C 526 -36.09 -11.59 8.53
C PRO C 526 -35.22 -10.34 8.51
N ILE C 527 -34.69 -10.01 9.69
CA ILE C 527 -33.85 -8.83 9.88
C ILE C 527 -34.57 -7.57 9.43
N SER C 548 -20.33 -4.47 31.65
CA SER C 548 -21.28 -4.17 30.59
C SER C 548 -21.64 -2.69 30.58
N ASP C 549 -22.53 -2.30 29.66
CA ASP C 549 -22.96 -0.92 29.51
C ASP C 549 -24.48 -0.86 29.49
N LEU C 550 -25.02 0.14 30.16
CA LEU C 550 -26.47 0.34 30.20
C LEU C 550 -26.93 0.94 28.88
N LYS C 551 -27.47 0.09 28.00
CA LYS C 551 -27.93 0.54 26.70
C LYS C 551 -29.41 0.90 26.77
N LEU C 552 -29.93 1.40 25.65
CA LEU C 552 -31.35 1.78 25.55
C LEU C 552 -31.77 1.54 24.11
N LEU C 553 -32.34 0.36 23.88
CA LEU C 553 -32.67 -0.09 22.53
C LEU C 553 -34.18 -0.07 22.31
N PRO C 554 -34.62 -0.01 21.05
CA PRO C 554 -36.05 -0.11 20.77
C PRO C 554 -36.57 -1.52 20.98
N CYS C 555 -37.85 -1.74 20.69
CA CYS C 555 -38.44 -3.07 20.79
C CYS C 555 -38.55 -3.74 19.43
N THR C 556 -37.64 -3.42 18.51
CA THR C 556 -37.62 -4.00 17.17
C THR C 556 -36.52 -5.05 17.06
N SER C 557 -36.66 -5.91 16.07
CA SER C 557 -35.76 -7.06 15.94
C SER C 557 -34.32 -6.63 15.72
N LYS C 558 -34.11 -5.56 14.94
CA LYS C 558 -32.78 -5.18 14.50
C LYS C 558 -31.81 -4.96 15.67
N ALA C 559 -32.32 -4.48 16.80
CA ALA C 559 -31.49 -4.25 17.98
C ALA C 559 -31.70 -5.31 19.06
N ILE C 560 -32.91 -5.84 19.19
CA ILE C 560 -33.19 -6.80 20.24
C ILE C 560 -32.50 -8.13 19.98
N MET C 561 -32.56 -8.62 18.73
CA MET C 561 -32.02 -9.95 18.44
C MET C 561 -30.53 -10.03 18.72
N PRO C 562 -29.69 -9.07 18.32
CA PRO C 562 -28.29 -9.09 18.77
C PRO C 562 -28.15 -9.09 20.28
N TYR C 563 -29.04 -8.40 20.99
CA TYR C 563 -28.97 -8.39 22.45
C TYR C 563 -29.20 -9.79 23.02
N CYS C 564 -30.25 -10.47 22.55
CA CYS C 564 -30.53 -11.82 23.03
C CYS C 564 -29.40 -12.77 22.70
N LEU C 565 -28.86 -12.67 21.48
CA LEU C 565 -27.76 -13.56 21.11
C LEU C 565 -26.51 -13.27 21.91
N HIS C 566 -26.26 -11.99 22.23
CA HIS C 566 -25.15 -11.64 23.10
C HIS C 566 -25.33 -12.25 24.49
N LEU C 567 -26.56 -12.17 25.01
CA LEU C 567 -26.82 -12.73 26.33
C LEU C 567 -26.57 -14.23 26.35
N MET C 568 -27.11 -14.95 25.35
CA MET C 568 -26.93 -16.40 25.30
C MET C 568 -25.46 -16.75 25.11
N LEU C 569 -24.75 -16.01 24.25
CA LEU C 569 -23.33 -16.26 24.04
C LEU C 569 -22.54 -16.03 25.32
N ALA C 570 -22.89 -15.01 26.10
CA ALA C 570 -22.20 -14.77 27.36
C ALA C 570 -22.45 -15.92 28.35
N CYS C 571 -23.70 -16.36 28.45
CA CYS C 571 -24.02 -17.48 29.34
C CYS C 571 -23.20 -18.70 28.97
N PHE C 572 -23.17 -19.06 27.69
CA PHE C 572 -22.45 -20.26 27.29
C PHE C 572 -20.94 -20.07 27.28
N LYS C 573 -20.46 -18.84 27.09
CA LYS C 573 -19.03 -18.59 27.20
C LYS C 573 -18.56 -18.83 28.63
N LEU C 574 -19.33 -18.37 29.60
CA LEU C 574 -18.96 -18.68 30.99
C LEU C 574 -19.25 -20.13 31.35
N ARG C 575 -20.14 -20.80 30.62
CA ARG C 575 -20.40 -22.21 30.88
C ARG C 575 -19.28 -23.11 30.36
N ALA C 576 -18.75 -22.82 29.16
CA ALA C 576 -17.86 -23.75 28.46
C ALA C 576 -16.39 -23.59 28.84
N PHE C 577 -15.93 -22.36 29.04
CA PHE C 577 -14.53 -22.11 29.38
C PHE C 577 -14.35 -22.21 30.90
N THR C 578 -14.44 -23.44 31.38
CA THR C 578 -14.34 -23.71 32.81
C THR C 578 -13.48 -24.92 33.14
N ASP C 579 -12.62 -25.34 32.21
CA ASP C 579 -11.70 -26.47 32.41
C ASP C 579 -12.43 -27.77 32.74
N ASN C 580 -13.68 -27.90 32.30
CA ASN C 580 -14.47 -29.09 32.56
C ASN C 580 -14.54 -29.96 31.31
N ARG C 581 -15.24 -31.08 31.43
CA ARG C 581 -15.38 -32.04 30.34
C ARG C 581 -16.60 -31.77 29.47
N ASP C 582 -17.34 -30.68 29.73
CA ASP C 582 -18.50 -30.37 28.93
C ASP C 582 -18.12 -30.07 27.49
N ASP C 583 -18.90 -30.61 26.55
CA ASP C 583 -18.70 -30.34 25.13
C ASP C 583 -19.91 -29.73 24.47
N MET C 584 -21.13 -30.02 24.93
CA MET C 584 -22.30 -29.33 24.41
C MET C 584 -22.20 -27.83 24.67
N ALA C 585 -21.57 -27.44 25.78
CA ALA C 585 -21.34 -26.03 26.04
C ALA C 585 -20.45 -25.42 24.97
N LEU C 586 -19.38 -26.11 24.61
CA LEU C 586 -18.48 -25.61 23.57
C LEU C 586 -19.18 -25.55 22.22
N GLY C 587 -20.01 -26.55 21.92
CA GLY C 587 -20.79 -26.52 20.69
C GLY C 587 -21.76 -25.35 20.66
N HIS C 588 -22.38 -25.05 21.80
CA HIS C 588 -23.29 -23.91 21.87
C HIS C 588 -22.55 -22.60 21.73
N VAL C 589 -21.31 -22.52 22.25
CA VAL C 589 -20.49 -21.35 22.02
C VAL C 589 -20.18 -21.20 20.54
N ILE C 590 -19.84 -22.30 19.88
CA ILE C 590 -19.46 -22.24 18.47
C ILE C 590 -20.65 -21.83 17.61
N VAL C 591 -21.82 -22.43 17.85
CA VAL C 591 -22.99 -22.15 17.02
C VAL C 591 -23.43 -20.70 17.19
N LEU C 592 -23.43 -20.19 18.42
CA LEU C 592 -23.83 -18.82 18.69
C LEU C 592 -22.72 -17.82 18.41
N LEU C 593 -21.54 -18.29 18.00
CA LEU C 593 -20.46 -17.39 17.61
C LEU C 593 -20.59 -16.89 16.17
N GLN C 594 -21.55 -17.42 15.41
CA GLN C 594 -21.74 -16.97 14.04
C GLN C 594 -22.21 -15.53 13.96
N GLN C 595 -22.91 -15.04 14.99
CA GLN C 595 -23.41 -13.67 14.97
C GLN C 595 -22.26 -12.68 15.01
N GLU C 596 -22.33 -11.66 14.15
CA GLU C 596 -21.39 -10.55 14.14
C GLU C 596 -19.94 -11.04 13.95
N TRP C 597 -19.71 -11.61 12.77
CA TRP C 597 -18.36 -11.97 12.36
C TRP C 597 -17.70 -10.81 11.64
N PRO C 598 -16.37 -10.74 11.63
CA PRO C 598 -15.41 -11.64 12.28
C PRO C 598 -15.04 -11.25 13.71
N ARG C 599 -15.99 -10.79 14.53
CA ARG C 599 -15.63 -10.43 15.90
C ARG C 599 -15.32 -11.65 16.74
N GLY C 600 -16.01 -12.77 16.50
CA GLY C 600 -15.77 -13.98 17.25
C GLY C 600 -14.58 -14.78 16.75
N GLU C 601 -13.67 -14.10 16.05
CA GLU C 601 -12.49 -14.78 15.50
C GLU C 601 -11.63 -15.40 16.60
N ASN C 602 -11.26 -14.61 17.60
CA ASN C 602 -10.41 -15.12 18.67
C ASN C 602 -11.16 -16.12 19.54
N LEU C 603 -12.45 -15.89 19.77
CA LEU C 603 -13.24 -16.84 20.54
C LEU C 603 -13.29 -18.20 19.85
N PHE C 604 -13.54 -18.20 18.53
CA PHE C 604 -13.56 -19.47 17.81
C PHE C 604 -12.19 -20.10 17.72
N LEU C 605 -11.12 -19.28 17.64
CA LEU C 605 -9.79 -19.85 17.65
C LEU C 605 -9.47 -20.53 18.98
N LYS C 606 -9.87 -19.91 20.08
CA LYS C 606 -9.70 -20.53 21.40
C LYS C 606 -10.54 -21.80 21.52
N ALA C 607 -11.76 -21.78 20.97
CA ALA C 607 -12.59 -22.98 20.98
C ALA C 607 -11.93 -24.11 20.19
N VAL C 608 -11.38 -23.79 19.02
CA VAL C 608 -10.71 -24.80 18.21
C VAL C 608 -9.46 -25.32 18.91
N ASN C 609 -8.75 -24.44 19.62
CA ASN C 609 -7.61 -24.90 20.43
C ASN C 609 -8.08 -25.87 21.50
N LYS C 610 -9.21 -25.59 22.14
CA LYS C 610 -9.75 -26.52 23.13
C LYS C 610 -10.13 -27.84 22.48
N ILE C 611 -10.67 -27.80 21.27
CA ILE C 611 -10.99 -29.04 20.57
C ILE C 611 -9.73 -29.84 20.29
N CYS C 612 -8.67 -29.15 19.86
CA CYS C 612 -7.40 -29.83 19.62
C CYS C 612 -6.87 -30.48 20.88
N GLN C 613 -6.94 -29.77 22.01
CA GLN C 613 -6.49 -30.35 23.27
C GLN C 613 -7.33 -31.57 23.66
N GLN C 614 -8.65 -31.46 23.52
CA GLN C 614 -9.54 -32.55 23.92
C GLN C 614 -9.52 -33.68 22.89
N GLY C 615 -9.76 -33.35 21.63
CA GLY C 615 -9.72 -34.33 20.55
C GLY C 615 -10.99 -35.15 20.38
N ASN C 616 -12.04 -34.88 21.14
CA ASN C 616 -13.25 -35.69 21.10
C ASN C 616 -14.50 -34.81 21.15
N PHE C 617 -14.54 -33.78 20.31
CA PHE C 617 -15.72 -32.92 20.23
C PHE C 617 -16.94 -33.73 19.81
N GLN C 618 -18.06 -33.51 20.52
CA GLN C 618 -19.31 -34.22 20.25
C GLN C 618 -20.45 -33.20 20.25
N TYR C 619 -21.10 -33.02 19.10
CA TYR C 619 -22.28 -32.17 19.01
C TYR C 619 -23.07 -32.63 17.78
N GLU C 620 -24.14 -33.39 18.00
CA GLU C 620 -24.90 -33.93 16.88
C GLU C 620 -25.61 -32.84 16.10
N ASN C 621 -25.87 -31.69 16.73
CA ASN C 621 -26.58 -30.58 16.11
C ASN C 621 -25.64 -29.67 15.30
N PHE C 622 -24.35 -29.98 15.27
CA PHE C 622 -23.37 -29.06 14.71
C PHE C 622 -23.67 -28.71 13.26
N PHE C 623 -23.99 -29.71 12.44
CA PHE C 623 -24.18 -29.47 11.02
C PHE C 623 -25.55 -28.91 10.68
N ASN C 624 -26.46 -28.83 11.64
CA ASN C 624 -27.77 -28.24 11.39
C ASN C 624 -27.79 -26.74 11.59
N TYR C 625 -26.73 -26.16 12.15
CA TYR C 625 -26.72 -24.73 12.49
C TYR C 625 -25.46 -23.98 12.08
N VAL C 626 -24.33 -24.65 11.89
CA VAL C 626 -23.06 -23.95 11.62
C VAL C 626 -22.96 -23.78 10.12
N THR C 627 -23.58 -22.71 9.63
CA THR C 627 -23.49 -22.33 8.21
C THR C 627 -22.47 -21.20 8.02
N ASN C 628 -21.23 -21.46 8.43
CA ASN C 628 -20.15 -20.49 8.29
C ASN C 628 -19.00 -21.16 7.56
N ILE C 629 -18.58 -20.57 6.43
CA ILE C 629 -17.55 -21.21 5.62
C ILE C 629 -16.21 -21.19 6.34
N ASP C 630 -15.92 -20.14 7.11
CA ASP C 630 -14.69 -20.14 7.90
C ASP C 630 -14.72 -21.25 8.95
N MET C 631 -15.84 -21.38 9.67
CA MET C 631 -15.97 -22.43 10.65
C MET C 631 -15.90 -23.80 10.00
N LEU C 632 -16.60 -23.98 8.88
CA LEU C 632 -16.62 -25.28 8.22
C LEU C 632 -15.24 -25.67 7.71
N GLU C 633 -14.50 -24.72 7.13
CA GLU C 633 -13.20 -25.05 6.57
C GLU C 633 -12.13 -25.13 7.65
N GLU C 634 -12.39 -24.56 8.83
CA GLU C 634 -11.51 -24.82 9.97
C GLU C 634 -11.80 -26.18 10.58
N PHE C 635 -13.05 -26.62 10.53
CA PHE C 635 -13.39 -27.93 11.08
C PHE C 635 -12.94 -29.05 10.15
N ALA C 636 -12.91 -28.80 8.84
CA ALA C 636 -12.38 -29.79 7.92
C ALA C 636 -10.86 -29.81 7.92
N TYR C 637 -10.23 -28.71 8.36
CA TYR C 637 -8.79 -28.73 8.61
C TYR C 637 -8.45 -29.73 9.69
N LEU C 638 -9.26 -29.77 10.75
CA LEU C 638 -8.97 -30.60 11.91
C LEU C 638 -8.94 -32.08 11.57
N ARG C 639 -9.47 -32.46 10.42
CA ARG C 639 -9.70 -33.87 10.11
C ARG C 639 -8.70 -34.45 9.12
N THR C 640 -7.60 -33.76 8.80
CA THR C 640 -6.70 -34.43 7.86
C THR C 640 -5.34 -34.79 8.44
N GLN C 641 -4.45 -33.83 8.66
CA GLN C 641 -3.23 -34.16 9.37
C GLN C 641 -2.71 -33.07 10.30
N GLU C 642 -2.76 -31.82 9.85
CA GLU C 642 -1.90 -30.78 10.40
C GLU C 642 -2.47 -30.13 11.64
N GLY C 643 -3.79 -30.15 11.82
CA GLY C 643 -4.38 -29.79 13.08
C GLY C 643 -4.46 -30.95 14.05
N GLY C 644 -3.83 -32.08 13.71
CA GLY C 644 -4.01 -33.31 14.44
C GLY C 644 -5.31 -33.96 14.02
N LYS C 645 -5.33 -35.28 13.86
CA LYS C 645 -6.55 -35.94 13.41
C LYS C 645 -7.59 -35.91 14.52
N ILE C 646 -8.20 -34.76 14.76
CA ILE C 646 -9.14 -34.60 15.86
C ILE C 646 -10.41 -35.38 15.55
N HIS C 647 -10.85 -36.19 16.51
CA HIS C 647 -12.02 -37.05 16.33
C HIS C 647 -13.28 -36.21 16.50
N LEU C 648 -13.83 -35.75 15.37
CA LEU C 648 -15.00 -34.88 15.37
C LEU C 648 -16.27 -35.73 15.27
N GLU C 649 -17.07 -35.71 16.33
CA GLU C 649 -18.36 -36.41 16.35
C GLU C 649 -19.46 -35.37 16.09
N LEU C 650 -19.58 -34.98 14.83
CA LEU C 650 -20.53 -33.96 14.41
C LEU C 650 -21.72 -34.54 13.66
N LEU C 651 -21.98 -35.84 13.81
CA LEU C 651 -23.12 -36.49 13.18
C LEU C 651 -23.85 -37.32 14.22
N PRO C 652 -25.18 -37.40 14.14
CA PRO C 652 -25.96 -38.16 15.10
C PRO C 652 -26.10 -39.63 14.73
N LYS C 672 -16.87 -42.55 7.67
CA LYS C 672 -15.81 -41.69 7.15
C LYS C 672 -16.33 -40.80 6.02
N GLU C 673 -16.90 -41.43 5.00
CA GLU C 673 -17.43 -40.67 3.86
C GLU C 673 -18.64 -39.82 4.25
N ASP C 674 -19.37 -40.23 5.29
CA ASP C 674 -20.57 -39.50 5.68
C ASP C 674 -20.23 -38.10 6.18
N PHE C 675 -19.13 -37.96 6.93
CA PHE C 675 -18.79 -36.66 7.51
C PHE C 675 -18.52 -35.62 6.41
N ARG C 676 -17.74 -36.01 5.40
CA ARG C 676 -17.49 -35.09 4.29
C ARG C 676 -18.72 -34.92 3.42
N LEU C 677 -19.56 -35.96 3.31
CA LEU C 677 -20.77 -35.86 2.49
C LEU C 677 -21.71 -34.79 3.01
N ALA C 678 -21.87 -34.72 4.35
CA ALA C 678 -22.70 -33.66 4.93
C ALA C 678 -22.03 -32.30 4.76
N MET C 679 -20.70 -32.25 4.83
CA MET C 679 -19.99 -30.98 4.65
C MET C 679 -20.21 -30.42 3.26
N GLU C 680 -20.17 -31.28 2.23
CA GLU C 680 -20.48 -30.83 0.88
C GLU C 680 -21.89 -30.26 0.79
N ARG C 681 -22.82 -30.79 1.58
CA ARG C 681 -24.16 -30.22 1.64
C ARG C 681 -24.18 -28.92 2.43
N GLN C 682 -23.44 -28.87 3.53
CA GLN C 682 -23.51 -27.72 4.44
C GLN C 682 -22.93 -26.46 3.81
N VAL C 683 -21.92 -26.60 2.94
CA VAL C 683 -21.37 -25.44 2.27
C VAL C 683 -22.37 -24.83 1.30
N SER C 684 -23.38 -25.61 0.87
CA SER C 684 -24.44 -25.05 0.05
C SER C 684 -25.38 -24.17 0.86
N ARG C 685 -25.38 -24.30 2.18
CA ARG C 685 -26.23 -23.50 3.04
C ARG C 685 -25.62 -22.15 3.40
N CYS C 686 -24.35 -21.92 3.06
CA CYS C 686 -23.72 -20.63 3.30
C CYS C 686 -24.35 -19.58 2.39
N GLY C 687 -25.11 -18.65 2.97
CA GLY C 687 -25.85 -17.69 2.19
C GLY C 687 -27.24 -17.49 2.75
N GLU C 688 -27.77 -18.52 3.40
CA GLU C 688 -29.04 -18.40 4.09
C GLU C 688 -28.92 -17.39 5.23
N ASN C 689 -30.05 -16.75 5.56
CA ASN C 689 -30.07 -15.73 6.60
C ASN C 689 -29.51 -16.29 7.89
N LEU C 690 -28.38 -15.74 8.33
CA LEU C 690 -27.73 -16.23 9.55
C LEU C 690 -28.62 -16.02 10.75
N MET C 691 -29.36 -14.91 10.78
CA MET C 691 -30.28 -14.68 11.88
C MET C 691 -31.37 -15.75 11.92
N VAL C 692 -31.86 -16.16 10.75
CA VAL C 692 -32.92 -17.17 10.70
C VAL C 692 -32.42 -18.51 11.22
N VAL C 693 -31.23 -18.93 10.80
CA VAL C 693 -30.72 -20.22 11.26
C VAL C 693 -30.37 -20.17 12.74
N LEU C 694 -29.85 -19.03 13.22
CA LEU C 694 -29.58 -18.90 14.65
C LEU C 694 -30.87 -18.96 15.46
N HIS C 695 -31.93 -18.30 14.99
CA HIS C 695 -33.21 -18.38 15.68
C HIS C 695 -33.78 -19.78 15.66
N ARG C 696 -33.61 -20.49 14.54
CA ARG C 696 -34.08 -21.87 14.45
C ARG C 696 -33.32 -22.75 15.43
N PHE C 697 -32.02 -22.51 15.58
CA PHE C 697 -31.23 -23.19 16.60
C PHE C 697 -31.79 -22.91 17.98
N CYS C 698 -32.11 -21.64 18.25
CA CYS C 698 -32.63 -21.29 19.57
C CYS C 698 -33.94 -21.98 19.88
N ILE C 699 -34.87 -22.00 18.92
CA ILE C 699 -36.20 -22.52 19.19
C ILE C 699 -36.25 -24.05 19.12
N ASN C 700 -35.73 -24.63 18.05
CA ASN C 700 -35.81 -26.09 17.87
C ASN C 700 -34.94 -26.81 18.90
N GLU C 701 -33.69 -26.38 19.03
CA GLU C 701 -32.78 -27.02 19.97
C GLU C 701 -32.86 -26.39 21.35
N LYS C 702 -34.07 -26.30 21.90
CA LYS C 702 -34.38 -25.61 23.15
C LYS C 702 -33.81 -26.31 24.37
N ILE C 703 -32.96 -27.30 24.16
CA ILE C 703 -32.37 -28.07 25.24
C ILE C 703 -31.02 -27.47 25.61
N LEU C 704 -30.83 -26.19 25.27
CA LEU C 704 -29.66 -25.47 25.75
C LEU C 704 -29.63 -25.39 27.26
N LEU C 705 -30.80 -25.46 27.91
CA LEU C 705 -30.91 -25.19 29.34
C LEU C 705 -30.15 -26.23 30.17
N LEU C 706 -30.22 -27.50 29.78
CA LEU C 706 -29.57 -28.55 30.55
C LEU C 706 -28.08 -28.29 30.71
N GLN C 707 -27.43 -27.78 29.65
CA GLN C 707 -26.03 -27.42 29.76
C GLN C 707 -25.85 -26.14 30.55
N THR C 708 -26.77 -25.19 30.40
CA THR C 708 -26.60 -23.86 30.97
C THR C 708 -26.72 -23.84 32.49
N LEU C 709 -27.16 -24.93 33.11
CA LEU C 709 -27.36 -24.94 34.56
C LEU C 709 -26.08 -24.68 35.34
N THR C 710 -24.92 -24.86 34.73
CA THR C 710 -23.65 -24.59 35.40
C THR C 710 -23.49 -23.10 35.68
MG MG D . -10.51 -19.91 1.30
#